data_6Q5H
# 
_entry.id   6Q5H 
# 
_audit_conform.dict_name       mmcif_pdbx.dic 
_audit_conform.dict_version    5.398 
_audit_conform.dict_location   http://mmcif.pdb.org/dictionaries/ascii/mmcif_pdbx.dic 
# 
loop_
_database_2.database_id 
_database_2.database_code 
_database_2.pdbx_database_accession 
_database_2.pdbx_DOI 
PDB   6Q5H         pdb_00006q5h 10.2210/pdb6q5h/pdb 
WWPDB D_1200012739 ?            ?                   
# 
loop_
_pdbx_audit_revision_history.ordinal 
_pdbx_audit_revision_history.data_content_type 
_pdbx_audit_revision_history.major_revision 
_pdbx_audit_revision_history.minor_revision 
_pdbx_audit_revision_history.revision_date 
1 'Structure model' 1 0 2019-05-22 
2 'Structure model' 1 1 2019-06-19 
3 'Structure model' 1 2 2024-11-06 
# 
_pdbx_audit_revision_details.ordinal             1 
_pdbx_audit_revision_details.revision_ordinal    1 
_pdbx_audit_revision_details.data_content_type   'Structure model' 
_pdbx_audit_revision_details.provider            repository 
_pdbx_audit_revision_details.type                'Initial release' 
_pdbx_audit_revision_details.description         ? 
_pdbx_audit_revision_details.details             ? 
# 
loop_
_pdbx_audit_revision_group.ordinal 
_pdbx_audit_revision_group.revision_ordinal 
_pdbx_audit_revision_group.data_content_type 
_pdbx_audit_revision_group.group 
1 2 'Structure model' 'Data collection'        
2 2 'Structure model' 'Database references'    
3 3 'Structure model' 'Data collection'        
4 3 'Structure model' 'Database references'    
5 3 'Structure model' 'Refinement description' 
6 3 'Structure model' 'Structure summary'      
# 
loop_
_pdbx_audit_revision_category.ordinal 
_pdbx_audit_revision_category.revision_ordinal 
_pdbx_audit_revision_category.data_content_type 
_pdbx_audit_revision_category.category 
1 2 'Structure model' citation                  
2 2 'Structure model' citation_author           
3 2 'Structure model' pdbx_database_proc        
4 3 'Structure model' chem_comp_atom            
5 3 'Structure model' chem_comp_bond            
6 3 'Structure model' database_2                
7 3 'Structure model' pdbx_entry_details        
8 3 'Structure model' pdbx_modification_feature 
9 3 'Structure model' struct_ncs_dom_lim        
# 
loop_
_pdbx_audit_revision_item.ordinal 
_pdbx_audit_revision_item.revision_ordinal 
_pdbx_audit_revision_item.data_content_type 
_pdbx_audit_revision_item.item 
1  2 'Structure model' '_citation.journal_volume'              
2  2 'Structure model' '_citation.page_first'                  
3  2 'Structure model' '_citation.page_last'                   
4  2 'Structure model' '_citation.title'                       
5  2 'Structure model' '_citation_author.identifier_ORCID'     
6  2 'Structure model' '_citation_author.name'                 
7  3 'Structure model' '_database_2.pdbx_DOI'                  
8  3 'Structure model' '_database_2.pdbx_database_accession'   
9  3 'Structure model' '_struct_ncs_dom_lim.beg_auth_comp_id'  
10 3 'Structure model' '_struct_ncs_dom_lim.beg_label_asym_id' 
11 3 'Structure model' '_struct_ncs_dom_lim.beg_label_comp_id' 
12 3 'Structure model' '_struct_ncs_dom_lim.beg_label_seq_id'  
13 3 'Structure model' '_struct_ncs_dom_lim.end_auth_comp_id'  
14 3 'Structure model' '_struct_ncs_dom_lim.end_label_asym_id' 
15 3 'Structure model' '_struct_ncs_dom_lim.end_label_comp_id' 
16 3 'Structure model' '_struct_ncs_dom_lim.end_label_seq_id'  
# 
_pdbx_database_status.status_code                     REL 
_pdbx_database_status.status_code_sf                  REL 
_pdbx_database_status.status_code_mr                  ? 
_pdbx_database_status.entry_id                        6Q5H 
_pdbx_database_status.recvd_initial_deposition_date   2018-12-09 
_pdbx_database_status.SG_entry                        N 
_pdbx_database_status.deposit_site                    PDBE 
_pdbx_database_status.process_site                    PDBE 
_pdbx_database_status.status_code_cs                  ? 
_pdbx_database_status.methods_development_category    ? 
_pdbx_database_status.pdb_format_compatible           Y 
_pdbx_database_status.status_code_nmr_data            ? 
# 
loop_
_audit_author.name 
_audit_author.pdbx_ordinal 
_audit_author.identifier_ORCID 
'Wood, C.W.'     1 0000-0003-1243-3105 
'Beesley, J.L.'  2 0000-0003-2203-0027 
'Rhys, G.G.'     3 0000-0002-0247-9495 
'Brady, R.L.'    4 0000-0002-3575-5513 
'Woolfson, D.N.' 5 0000-0002-0394-3202 
# 
_citation.abstract                  ? 
_citation.abstract_id_CAS           ? 
_citation.book_id_ISBN              ? 
_citation.book_publisher            ? 
_citation.book_publisher_city       ? 
_citation.book_title                ? 
_citation.coordinate_linkage        ? 
_citation.country                   US 
_citation.database_id_Medline       ? 
_citation.details                   ? 
_citation.id                        primary 
_citation.journal_abbrev            J.Am.Chem.Soc. 
_citation.journal_id_ASTM           JACSAT 
_citation.journal_id_CSD            ? 
_citation.journal_id_ISSN           1520-5126 
_citation.journal_full              ? 
_citation.journal_issue             ? 
_citation.journal_volume            141 
_citation.language                  ? 
_citation.page_first                8787 
_citation.page_last                 8797 
_citation.title                     'Navigating the Structural Landscape of De Novo alpha-Helical Bundles.' 
_citation.year                      2019 
_citation.database_id_CSD           ? 
_citation.pdbx_database_id_DOI      10.1021/jacs.8b13354 
_citation.pdbx_database_id_PubMed   31066556 
_citation.unpublished_flag          ? 
# 
loop_
_citation_author.citation_id 
_citation_author.name 
_citation_author.ordinal 
_citation_author.identifier_ORCID 
primary 'Rhys, G.G.'     1 0000-0002-0247-9495 
primary 'Wood, C.W.'     2 0000-0003-1243-3105 
primary 'Beesley, J.L.'  3 0000-0003-2203-0027 
primary 'Zaccai, N.R.'   4 0000-0002-1476-2044 
primary 'Burton, A.J.'   5 ?                   
primary 'Brady, R.L.'    6 ?                   
primary 'Thomson, A.R.'  7 0000-0002-1066-1369 
primary 'Woolfson, D.N.' 8 0000-0002-0394-3202 
# 
loop_
_entity.id 
_entity.type 
_entity.src_method 
_entity.pdbx_description 
_entity.formula_weight 
_entity.pdbx_number_of_molecules 
_entity.pdbx_ec 
_entity.pdbx_mutation 
_entity.pdbx_fragment 
_entity.details 
1 polymer     syn CC-Hex*-L24D   3236.801 2  ? ? ? ? 
2 non-polymer syn 'AMMONIUM ION' 18.038   2  ? ? ? ? 
3 non-polymer syn 'SULFATE ION'  96.063   2  ? ? ? ? 
4 water       nat water          18.015   56 ? ? ? ? 
# 
_entity_poly.entity_id                      1 
_entity_poly.type                           'polypeptide(L)' 
_entity_poly.nstd_linkage                   no 
_entity_poly.nstd_monomer                   yes 
_entity_poly.pdbx_seq_one_letter_code       '(ACE)GELKAIAQELKAIAKELKAIAWEDKAIAQG(NH2)' 
_entity_poly.pdbx_seq_one_letter_code_can   XGELKAIAQELKAIAKELKAIAWEDKAIAQGX 
_entity_poly.pdbx_strand_id                 A,B 
_entity_poly.pdbx_target_identifier         ? 
# 
loop_
_pdbx_entity_nonpoly.entity_id 
_pdbx_entity_nonpoly.name 
_pdbx_entity_nonpoly.comp_id 
2 'AMMONIUM ION' NH4 
3 'SULFATE ION'  SO4 
4 water          HOH 
# 
loop_
_entity_poly_seq.entity_id 
_entity_poly_seq.num 
_entity_poly_seq.mon_id 
_entity_poly_seq.hetero 
1 1  ACE n 
1 2  GLY n 
1 3  GLU n 
1 4  LEU n 
1 5  LYS n 
1 6  ALA n 
1 7  ILE n 
1 8  ALA n 
1 9  GLN n 
1 10 GLU n 
1 11 LEU n 
1 12 LYS n 
1 13 ALA n 
1 14 ILE n 
1 15 ALA n 
1 16 LYS n 
1 17 GLU n 
1 18 LEU n 
1 19 LYS n 
1 20 ALA n 
1 21 ILE n 
1 22 ALA n 
1 23 TRP n 
1 24 GLU n 
1 25 ASP n 
1 26 LYS n 
1 27 ALA n 
1 28 ILE n 
1 29 ALA n 
1 30 GLN n 
1 31 GLY n 
1 32 NH2 n 
# 
_pdbx_entity_src_syn.entity_id              1 
_pdbx_entity_src_syn.pdbx_src_id            1 
_pdbx_entity_src_syn.pdbx_alt_source_flag   sample 
_pdbx_entity_src_syn.pdbx_beg_seq_num       1 
_pdbx_entity_src_syn.pdbx_end_seq_num       32 
_pdbx_entity_src_syn.organism_scientific    'synthetic construct' 
_pdbx_entity_src_syn.organism_common_name   ? 
_pdbx_entity_src_syn.ncbi_taxonomy_id       32630 
_pdbx_entity_src_syn.details                ? 
# 
loop_
_chem_comp.id 
_chem_comp.type 
_chem_comp.mon_nstd_flag 
_chem_comp.name 
_chem_comp.pdbx_synonyms 
_chem_comp.formula 
_chem_comp.formula_weight 
ACE non-polymer         . 'ACETYL GROUP'  ? 'C2 H4 O'        44.053  
ALA 'L-peptide linking' y ALANINE         ? 'C3 H7 N O2'     89.093  
ASP 'L-peptide linking' y 'ASPARTIC ACID' ? 'C4 H7 N O4'     133.103 
GLN 'L-peptide linking' y GLUTAMINE       ? 'C5 H10 N2 O3'   146.144 
GLU 'L-peptide linking' y 'GLUTAMIC ACID' ? 'C5 H9 N O4'     147.129 
GLY 'peptide linking'   y GLYCINE         ? 'C2 H5 N O2'     75.067  
HOH non-polymer         . WATER           ? 'H2 O'           18.015  
ILE 'L-peptide linking' y ISOLEUCINE      ? 'C6 H13 N O2'    131.173 
LEU 'L-peptide linking' y LEUCINE         ? 'C6 H13 N O2'    131.173 
LYS 'L-peptide linking' y LYSINE          ? 'C6 H15 N2 O2 1' 147.195 
NH2 non-polymer         . 'AMINO GROUP'   ? 'H2 N'           16.023  
NH4 non-polymer         . 'AMMONIUM ION'  ? 'H4 N 1'         18.038  
SO4 non-polymer         . 'SULFATE ION'   ? 'O4 S -2'        96.063  
TRP 'L-peptide linking' y TRYPTOPHAN      ? 'C11 H12 N2 O2'  204.225 
# 
loop_
_pdbx_poly_seq_scheme.asym_id 
_pdbx_poly_seq_scheme.entity_id 
_pdbx_poly_seq_scheme.seq_id 
_pdbx_poly_seq_scheme.mon_id 
_pdbx_poly_seq_scheme.ndb_seq_num 
_pdbx_poly_seq_scheme.pdb_seq_num 
_pdbx_poly_seq_scheme.auth_seq_num 
_pdbx_poly_seq_scheme.pdb_mon_id 
_pdbx_poly_seq_scheme.auth_mon_id 
_pdbx_poly_seq_scheme.pdb_strand_id 
_pdbx_poly_seq_scheme.pdb_ins_code 
_pdbx_poly_seq_scheme.hetero 
A 1 1  ACE 1  0  0  ACE ACE A . n 
A 1 2  GLY 2  1  1  GLY GLY A . n 
A 1 3  GLU 3  2  2  GLU GLU A . n 
A 1 4  LEU 4  3  3  LEU LEU A . n 
A 1 5  LYS 5  4  4  LYS LYS A . n 
A 1 6  ALA 6  5  5  ALA ALA A . n 
A 1 7  ILE 7  6  6  ILE ILE A . n 
A 1 8  ALA 8  7  7  ALA ALA A . n 
A 1 9  GLN 9  8  8  GLN GLN A . n 
A 1 10 GLU 10 9  9  GLU GLU A . n 
A 1 11 LEU 11 10 10 LEU LEU A . n 
A 1 12 LYS 12 11 11 LYS LYS A . n 
A 1 13 ALA 13 12 12 ALA ALA A . n 
A 1 14 ILE 14 13 13 ILE ILE A . n 
A 1 15 ALA 15 14 14 ALA ALA A . n 
A 1 16 LYS 16 15 15 LYS LYS A . n 
A 1 17 GLU 17 16 16 GLU GLU A . n 
A 1 18 LEU 18 17 17 LEU LEU A . n 
A 1 19 LYS 19 18 18 LYS LYS A . n 
A 1 20 ALA 20 19 19 ALA ALA A . n 
A 1 21 ILE 21 20 20 ILE ILE A . n 
A 1 22 ALA 22 21 21 ALA ALA A . n 
A 1 23 TRP 23 22 22 TRP TRP A . n 
A 1 24 GLU 24 23 23 GLU GLU A . n 
A 1 25 ASP 25 24 24 ASP ASP A . n 
A 1 26 LYS 26 25 ?  ?   ?   A . n 
A 1 27 ALA 27 26 ?  ?   ?   A . n 
A 1 28 ILE 28 27 ?  ?   ?   A . n 
A 1 29 ALA 29 28 ?  ?   ?   A . n 
A 1 30 GLN 30 29 ?  ?   ?   A . n 
A 1 31 GLY 31 30 ?  ?   ?   A . n 
A 1 32 NH2 32 31 ?  ?   ?   A . n 
B 1 1  ACE 1  0  0  ACE ACE B . n 
B 1 2  GLY 2  1  1  GLY GLY B . n 
B 1 3  GLU 3  2  2  GLU GLU B . n 
B 1 4  LEU 4  3  3  LEU LEU B . n 
B 1 5  LYS 5  4  4  LYS LYS B . n 
B 1 6  ALA 6  5  5  ALA ALA B . n 
B 1 7  ILE 7  6  6  ILE ILE B . n 
B 1 8  ALA 8  7  7  ALA ALA B . n 
B 1 9  GLN 9  8  8  GLN GLN B . n 
B 1 10 GLU 10 9  9  GLU GLU B . n 
B 1 11 LEU 11 10 10 LEU LEU B . n 
B 1 12 LYS 12 11 11 LYS LYS B . n 
B 1 13 ALA 13 12 12 ALA ALA B . n 
B 1 14 ILE 14 13 13 ILE ILE B . n 
B 1 15 ALA 15 14 14 ALA ALA B . n 
B 1 16 LYS 16 15 15 LYS LYS B . n 
B 1 17 GLU 17 16 16 GLU GLU B . n 
B 1 18 LEU 18 17 17 LEU LEU B . n 
B 1 19 LYS 19 18 18 LYS LYS B . n 
B 1 20 ALA 20 19 19 ALA ALA B . n 
B 1 21 ILE 21 20 20 ILE ILE B . n 
B 1 22 ALA 22 21 21 ALA ALA B . n 
B 1 23 TRP 23 22 22 TRP TRP B . n 
B 1 24 GLU 24 23 23 GLU GLU B . n 
B 1 25 ASP 25 24 24 ASP ASP B . n 
B 1 26 LYS 26 25 25 LYS LYS B . n 
B 1 27 ALA 27 26 26 ALA ALA B . n 
B 1 28 ILE 28 27 27 ILE ILE B . n 
B 1 29 ALA 29 28 28 ALA ALA B . n 
B 1 30 GLN 30 29 ?  ?   ?   B . n 
B 1 31 GLY 31 30 ?  ?   ?   B . n 
B 1 32 NH2 32 31 ?  ?   ?   B . n 
# 
loop_
_pdbx_nonpoly_scheme.asym_id 
_pdbx_nonpoly_scheme.entity_id 
_pdbx_nonpoly_scheme.mon_id 
_pdbx_nonpoly_scheme.ndb_seq_num 
_pdbx_nonpoly_scheme.pdb_seq_num 
_pdbx_nonpoly_scheme.auth_seq_num 
_pdbx_nonpoly_scheme.pdb_mon_id 
_pdbx_nonpoly_scheme.auth_mon_id 
_pdbx_nonpoly_scheme.pdb_strand_id 
_pdbx_nonpoly_scheme.pdb_ins_code 
C 2 NH4 1  101 1  NH4 NH4 A . 
D 2 NH4 1  102 2  NH4 NH4 A . 
E 3 SO4 1  103 1  SO4 SO4 A . 
F 3 SO4 1  104 2  SO4 SO4 A . 
G 4 HOH 1  201 46 HOH HOH A . 
G 4 HOH 2  202 54 HOH HOH A . 
G 4 HOH 3  203 49 HOH HOH A . 
G 4 HOH 4  204 56 HOH HOH A . 
G 4 HOH 5  205 28 HOH HOH A . 
G 4 HOH 6  206 17 HOH HOH A . 
G 4 HOH 7  207 4  HOH HOH A . 
G 4 HOH 8  208 7  HOH HOH A . 
G 4 HOH 9  209 23 HOH HOH A . 
G 4 HOH 10 210 10 HOH HOH A . 
G 4 HOH 11 211 1  HOH HOH A . 
G 4 HOH 12 212 52 HOH HOH A . 
G 4 HOH 13 213 53 HOH HOH A . 
G 4 HOH 14 214 41 HOH HOH A . 
G 4 HOH 15 215 40 HOH HOH A . 
G 4 HOH 16 216 50 HOH HOH A . 
G 4 HOH 17 217 42 HOH HOH A . 
G 4 HOH 18 218 2  HOH HOH A . 
G 4 HOH 19 219 27 HOH HOH A . 
G 4 HOH 20 220 11 HOH HOH A . 
G 4 HOH 21 221 39 HOH HOH A . 
G 4 HOH 22 222 19 HOH HOH A . 
G 4 HOH 23 223 8  HOH HOH A . 
G 4 HOH 24 224 9  HOH HOH A . 
G 4 HOH 25 225 5  HOH HOH A . 
G 4 HOH 26 226 29 HOH HOH A . 
G 4 HOH 27 227 36 HOH HOH A . 
G 4 HOH 28 228 37 HOH HOH A . 
G 4 HOH 29 229 3  HOH HOH A . 
G 4 HOH 30 230 25 HOH HOH A . 
G 4 HOH 31 231 6  HOH HOH A . 
G 4 HOH 32 232 20 HOH HOH A . 
G 4 HOH 33 233 30 HOH HOH A . 
G 4 HOH 34 234 18 HOH HOH A . 
G 4 HOH 35 235 38 HOH HOH A . 
G 4 HOH 36 236 33 HOH HOH A . 
H 4 HOH 1  101 55 HOH HOH B . 
H 4 HOH 2  102 26 HOH HOH B . 
H 4 HOH 3  103 16 HOH HOH B . 
H 4 HOH 4  104 45 HOH HOH B . 
H 4 HOH 5  105 32 HOH HOH B . 
H 4 HOH 6  106 31 HOH HOH B . 
H 4 HOH 7  107 14 HOH HOH B . 
H 4 HOH 8  108 13 HOH HOH B . 
H 4 HOH 9  109 51 HOH HOH B . 
H 4 HOH 10 110 21 HOH HOH B . 
H 4 HOH 11 111 22 HOH HOH B . 
H 4 HOH 12 112 12 HOH HOH B . 
H 4 HOH 13 113 24 HOH HOH B . 
H 4 HOH 14 114 44 HOH HOH B . 
H 4 HOH 15 115 15 HOH HOH B . 
H 4 HOH 16 116 34 HOH HOH B . 
H 4 HOH 17 117 48 HOH HOH B . 
H 4 HOH 18 118 43 HOH HOH B . 
H 4 HOH 19 119 35 HOH HOH B . 
H 4 HOH 20 120 47 HOH HOH B . 
# 
loop_
_software.citation_id 
_software.classification 
_software.compiler_name 
_software.compiler_version 
_software.contact_author 
_software.contact_author_email 
_software.date 
_software.description 
_software.dependencies 
_software.hardware 
_software.language 
_software.location 
_software.mods 
_software.name 
_software.os 
_software.os_version 
_software.type 
_software.version 
_software.pdbx_ordinal 
? refinement       ? ? ? ? ? ? ? ? ? ? ? REFMAC ? ? ? 5.8.0230       1 
? 'data reduction' ? ? ? ? ? ? ? ? ? ? ? XDS    ? ? ? 'Nov 11, 2017' 2 
? 'data scaling'   ? ? ? ? ? ? ? ? ? ? ? XDS    ? ? ? 'Nov 11, 2017' 3 
? phasing          ? ? ? ? ? ? ? ? ? ? ? PHASER ? ? ? 7.0.052        4 
# 
_cell.angle_alpha                  90.00 
_cell.angle_alpha_esd              ? 
_cell.angle_beta                   90.00 
_cell.angle_beta_esd               ? 
_cell.angle_gamma                  120.00 
_cell.angle_gamma_esd              ? 
_cell.entry_id                     6Q5H 
_cell.details                      ? 
_cell.formula_units_Z              ? 
_cell.length_a                     70.200 
_cell.length_a_esd                 ? 
_cell.length_b                     70.200 
_cell.length_b_esd                 ? 
_cell.length_c                     35.580 
_cell.length_c_esd                 ? 
_cell.volume                       ? 
_cell.volume_esd                   ? 
_cell.Z_PDB                        24 
_cell.reciprocal_angle_alpha       ? 
_cell.reciprocal_angle_beta        ? 
_cell.reciprocal_angle_gamma       ? 
_cell.reciprocal_angle_alpha_esd   ? 
_cell.reciprocal_angle_beta_esd    ? 
_cell.reciprocal_angle_gamma_esd   ? 
_cell.reciprocal_length_a          ? 
_cell.reciprocal_length_b          ? 
_cell.reciprocal_length_c          ? 
_cell.reciprocal_length_a_esd      ? 
_cell.reciprocal_length_b_esd      ? 
_cell.reciprocal_length_c_esd      ? 
_cell.pdbx_unique_axis             ? 
# 
_symmetry.entry_id                         6Q5H 
_symmetry.cell_setting                     ? 
_symmetry.Int_Tables_number                178 
_symmetry.space_group_name_Hall            ? 
_symmetry.space_group_name_H-M             'P 61 2 2' 
_symmetry.pdbx_full_space_group_name_H-M   ? 
# 
_exptl.absorpt_coefficient_mu     ? 
_exptl.absorpt_correction_T_max   ? 
_exptl.absorpt_correction_T_min   ? 
_exptl.absorpt_correction_type    ? 
_exptl.absorpt_process_details    ? 
_exptl.entry_id                   6Q5H 
_exptl.crystals_number            1 
_exptl.details                    ? 
_exptl.method                     'X-RAY DIFFRACTION' 
_exptl.method_details             ? 
# 
_exptl_crystal.colour                      ? 
_exptl_crystal.density_diffrn              ? 
_exptl_crystal.density_Matthews            1.95 
_exptl_crystal.density_method              ? 
_exptl_crystal.density_percent_sol         37.08 
_exptl_crystal.description                 ? 
_exptl_crystal.F_000                       ? 
_exptl_crystal.id                          1 
_exptl_crystal.preparation                 ? 
_exptl_crystal.size_max                    ? 
_exptl_crystal.size_mid                    ? 
_exptl_crystal.size_min                    ? 
_exptl_crystal.size_rad                    ? 
_exptl_crystal.colour_lustre               ? 
_exptl_crystal.colour_modifier             ? 
_exptl_crystal.colour_primary              ? 
_exptl_crystal.density_meas                ? 
_exptl_crystal.density_meas_esd            ? 
_exptl_crystal.density_meas_gt             ? 
_exptl_crystal.density_meas_lt             ? 
_exptl_crystal.density_meas_temp           ? 
_exptl_crystal.density_meas_temp_esd       ? 
_exptl_crystal.density_meas_temp_gt        ? 
_exptl_crystal.density_meas_temp_lt        ? 
_exptl_crystal.pdbx_crystal_image_url      ? 
_exptl_crystal.pdbx_crystal_image_format   ? 
_exptl_crystal.pdbx_mosaicity              ? 
_exptl_crystal.pdbx_mosaicity_esd          ? 
# 
_exptl_crystal_grow.apparatus       ? 
_exptl_crystal_grow.atmosphere      ? 
_exptl_crystal_grow.crystal_id      1 
_exptl_crystal_grow.details         ? 
_exptl_crystal_grow.method          'VAPOR DIFFUSION, SITTING DROP' 
_exptl_crystal_grow.method_ref      ? 
_exptl_crystal_grow.pH              8.5 
_exptl_crystal_grow.pressure        ? 
_exptl_crystal_grow.pressure_esd    ? 
_exptl_crystal_grow.seeding         ? 
_exptl_crystal_grow.seeding_ref     ? 
_exptl_crystal_grow.temp            293 
_exptl_crystal_grow.temp_details    ? 
_exptl_crystal_grow.temp_esd        ? 
_exptl_crystal_grow.time            ? 
_exptl_crystal_grow.pdbx_details    '1.0 M Ammonium sulfate, 0.05 M Tris.' 
_exptl_crystal_grow.pdbx_pH_range   ? 
# 
_diffrn.ambient_environment              ? 
_diffrn.ambient_temp                     80 
_diffrn.ambient_temp_details             ? 
_diffrn.ambient_temp_esd                 ? 
_diffrn.crystal_id                       1 
_diffrn.crystal_support                  ? 
_diffrn.crystal_treatment                ? 
_diffrn.details                          ? 
_diffrn.id                               1 
_diffrn.ambient_pressure                 ? 
_diffrn.ambient_pressure_esd             ? 
_diffrn.ambient_pressure_gt              ? 
_diffrn.ambient_pressure_lt              ? 
_diffrn.ambient_temp_gt                  ? 
_diffrn.ambient_temp_lt                  ? 
_diffrn.pdbx_serial_crystal_experiment   N 
# 
_diffrn_detector.details                      ? 
_diffrn_detector.detector                     PIXEL 
_diffrn_detector.diffrn_id                    1 
_diffrn_detector.type                         'DECTRIS PILATUS3 6M' 
_diffrn_detector.area_resol_mean              ? 
_diffrn_detector.dtime                        ? 
_diffrn_detector.pdbx_frames_total            ? 
_diffrn_detector.pdbx_collection_time_total   ? 
_diffrn_detector.pdbx_collection_date         2018-03-04 
_diffrn_detector.pdbx_frequency               ? 
# 
_diffrn_radiation.collimation                      ? 
_diffrn_radiation.diffrn_id                        1 
_diffrn_radiation.filter_edge                      ? 
_diffrn_radiation.inhomogeneity                    ? 
_diffrn_radiation.monochromator                    ? 
_diffrn_radiation.polarisn_norm                    ? 
_diffrn_radiation.polarisn_ratio                   ? 
_diffrn_radiation.probe                            ? 
_diffrn_radiation.type                             ? 
_diffrn_radiation.xray_symbol                      ? 
_diffrn_radiation.wavelength_id                    1 
_diffrn_radiation.pdbx_monochromatic_or_laue_m_l   M 
_diffrn_radiation.pdbx_wavelength_list             ? 
_diffrn_radiation.pdbx_wavelength                  ? 
_diffrn_radiation.pdbx_diffrn_protocol             'SINGLE WAVELENGTH' 
_diffrn_radiation.pdbx_analyzer                    ? 
_diffrn_radiation.pdbx_scattering_type             x-ray 
# 
_diffrn_radiation_wavelength.id           1 
_diffrn_radiation_wavelength.wavelength   0.9763 
_diffrn_radiation_wavelength.wt           1.0 
# 
_diffrn_source.current                     ? 
_diffrn_source.details                     ? 
_diffrn_source.diffrn_id                   1 
_diffrn_source.power                       ? 
_diffrn_source.size                        ? 
_diffrn_source.source                      SYNCHROTRON 
_diffrn_source.target                      ? 
_diffrn_source.type                        'DIAMOND BEAMLINE I03' 
_diffrn_source.voltage                     ? 
_diffrn_source.take-off_angle              ? 
_diffrn_source.pdbx_wavelength_list        0.9763 
_diffrn_source.pdbx_wavelength             ? 
_diffrn_source.pdbx_synchrotron_beamline   I03 
_diffrn_source.pdbx_synchrotron_site       Diamond 
# 
_reflns.B_iso_Wilson_estimate            17.741 
_reflns.entry_id                         6Q5H 
_reflns.data_reduction_details           ? 
_reflns.data_reduction_method            ? 
_reflns.d_resolution_high                1.20 
_reflns.d_resolution_low                 15.87 
_reflns.details                          ? 
_reflns.limit_h_max                      ? 
_reflns.limit_h_min                      ? 
_reflns.limit_k_max                      ? 
_reflns.limit_k_min                      ? 
_reflns.limit_l_max                      ? 
_reflns.limit_l_min                      ? 
_reflns.number_all                       ? 
_reflns.number_obs                       16641 
_reflns.observed_criterion               ? 
_reflns.observed_criterion_F_max         ? 
_reflns.observed_criterion_F_min         ? 
_reflns.observed_criterion_I_max         ? 
_reflns.observed_criterion_I_min         ? 
_reflns.observed_criterion_sigma_F       ? 
_reflns.observed_criterion_sigma_I       ? 
_reflns.percent_possible_obs             99.9 
_reflns.R_free_details                   ? 
_reflns.Rmerge_F_all                     ? 
_reflns.Rmerge_F_obs                     ? 
_reflns.Friedel_coverage                 ? 
_reflns.number_gt                        ? 
_reflns.threshold_expression             ? 
_reflns.pdbx_redundancy                  36.3 
_reflns.pdbx_Rmerge_I_obs                0.098 
_reflns.pdbx_Rmerge_I_all                ? 
_reflns.pdbx_Rsym_value                  ? 
_reflns.pdbx_netI_over_av_sigmaI         ? 
_reflns.pdbx_netI_over_sigmaI            17.2 
_reflns.pdbx_res_netI_over_av_sigmaI_2   ? 
_reflns.pdbx_res_netI_over_sigmaI_2      ? 
_reflns.pdbx_chi_squared                 ? 
_reflns.pdbx_scaling_rejects             ? 
_reflns.pdbx_d_res_high_opt              ? 
_reflns.pdbx_d_res_low_opt               ? 
_reflns.pdbx_d_res_opt_method            ? 
_reflns.phase_calculation_details        ? 
_reflns.pdbx_Rrim_I_all                  0.016 
_reflns.pdbx_Rpim_I_all                  0.022 
_reflns.pdbx_d_opt                       ? 
_reflns.pdbx_number_measured_all         ? 
_reflns.pdbx_diffrn_id                   1 
_reflns.pdbx_ordinal                     1 
_reflns.pdbx_CC_half                     1 
_reflns.pdbx_R_split                     ? 
# 
loop_
_reflns_shell.d_res_high 
_reflns_shell.d_res_low 
_reflns_shell.meanI_over_sigI_all 
_reflns_shell.meanI_over_sigI_obs 
_reflns_shell.number_measured_all 
_reflns_shell.number_measured_obs 
_reflns_shell.number_possible 
_reflns_shell.number_unique_all 
_reflns_shell.number_unique_obs 
_reflns_shell.percent_possible_all 
_reflns_shell.percent_possible_obs 
_reflns_shell.Rmerge_F_all 
_reflns_shell.Rmerge_F_obs 
_reflns_shell.Rmerge_I_all 
_reflns_shell.Rmerge_I_obs 
_reflns_shell.meanI_over_sigI_gt 
_reflns_shell.meanI_over_uI_all 
_reflns_shell.meanI_over_uI_gt 
_reflns_shell.number_measured_gt 
_reflns_shell.number_unique_gt 
_reflns_shell.percent_possible_gt 
_reflns_shell.Rmerge_F_gt 
_reflns_shell.Rmerge_I_gt 
_reflns_shell.pdbx_redundancy 
_reflns_shell.pdbx_Rsym_value 
_reflns_shell.pdbx_chi_squared 
_reflns_shell.pdbx_netI_over_sigmaI_all 
_reflns_shell.pdbx_netI_over_sigmaI_obs 
_reflns_shell.pdbx_Rrim_I_all 
_reflns_shell.pdbx_Rpim_I_all 
_reflns_shell.pdbx_rejects 
_reflns_shell.pdbx_ordinal 
_reflns_shell.pdbx_diffrn_id 
_reflns_shell.pdbx_CC_half 
_reflns_shell.pdbx_R_split 
1.20 1.23  ? ? ? ? ? ? 1215 99.9 ? ? ? ? 4.049 ? ? ? ? ? ? ? ? 34.3 ? ? ? ? 4.110 0.697 ? 1 1 0.728 ? 
5.37 15.87 ? ? ? ? ? ? 228  96.3 ? ? ? ? 0.039 ? ? ? ? ? ? ? ? 30.3 ? ? ? ? 0.039 0.007 ? 2 1 1     ? 
# 
_refine.aniso_B[1][1]                            0.35 
_refine.aniso_B[1][2]                            0.17 
_refine.aniso_B[1][3]                            0.00 
_refine.aniso_B[2][2]                            0.35 
_refine.aniso_B[2][3]                            -0.00 
_refine.aniso_B[3][3]                            -1.13 
_refine.B_iso_max                                ? 
_refine.B_iso_mean                               46.703 
_refine.B_iso_min                                ? 
_refine.correlation_coeff_Fo_to_Fc               0.979 
_refine.correlation_coeff_Fo_to_Fc_free          0.976 
_refine.details                                  'HYDROGENS HAVE BEEN ADDED IN THE RIDING POSITIONS' 
_refine.diff_density_max                         ? 
_refine.diff_density_max_esd                     ? 
_refine.diff_density_min                         ? 
_refine.diff_density_min_esd                     ? 
_refine.diff_density_rms                         ? 
_refine.diff_density_rms_esd                     ? 
_refine.entry_id                                 6Q5H 
_refine.pdbx_refine_id                           'X-RAY DIFFRACTION' 
_refine.ls_abs_structure_details                 ? 
_refine.ls_abs_structure_Flack                   ? 
_refine.ls_abs_structure_Flack_esd               ? 
_refine.ls_abs_structure_Rogers                  ? 
_refine.ls_abs_structure_Rogers_esd              ? 
_refine.ls_d_res_high                            1.20 
_refine.ls_d_res_low                             15.87 
_refine.ls_extinction_coef                       ? 
_refine.ls_extinction_coef_esd                   ? 
_refine.ls_extinction_expression                 ? 
_refine.ls_extinction_method                     ? 
_refine.ls_goodness_of_fit_all                   ? 
_refine.ls_goodness_of_fit_all_esd               ? 
_refine.ls_goodness_of_fit_obs                   ? 
_refine.ls_goodness_of_fit_obs_esd               ? 
_refine.ls_hydrogen_treatment                    ? 
_refine.ls_matrix_type                           ? 
_refine.ls_number_constraints                    ? 
_refine.ls_number_parameters                     ? 
_refine.ls_number_reflns_all                     ? 
_refine.ls_number_reflns_obs                     15774 
_refine.ls_number_reflns_R_free                  843 
_refine.ls_number_reflns_R_work                  ? 
_refine.ls_number_restraints                     ? 
_refine.ls_percent_reflns_obs                    99.71 
_refine.ls_percent_reflns_R_free                 5.1 
_refine.ls_R_factor_all                          ? 
_refine.ls_R_factor_obs                          0.15252 
_refine.ls_R_factor_R_free                       0.17979 
_refine.ls_R_factor_R_free_error                 ? 
_refine.ls_R_factor_R_free_error_details         ? 
_refine.ls_R_factor_R_work                       0.15097 
_refine.ls_R_Fsqd_factor_obs                     ? 
_refine.ls_R_I_factor_obs                        ? 
_refine.ls_redundancy_reflns_all                 ? 
_refine.ls_redundancy_reflns_obs                 ? 
_refine.ls_restrained_S_all                      ? 
_refine.ls_restrained_S_obs                      ? 
_refine.ls_shift_over_esd_max                    ? 
_refine.ls_shift_over_esd_mean                   ? 
_refine.ls_structure_factor_coef                 ? 
_refine.ls_weighting_details                     ? 
_refine.ls_weighting_scheme                      ? 
_refine.ls_wR_factor_all                         ? 
_refine.ls_wR_factor_obs                         ? 
_refine.ls_wR_factor_R_free                      ? 
_refine.ls_wR_factor_R_work                      ? 
_refine.occupancy_max                            ? 
_refine.occupancy_min                            ? 
_refine.solvent_model_details                    ? 
_refine.solvent_model_param_bsol                 ? 
_refine.solvent_model_param_ksol                 ? 
_refine.ls_R_factor_gt                           ? 
_refine.ls_goodness_of_fit_gt                    ? 
_refine.ls_goodness_of_fit_ref                   ? 
_refine.ls_shift_over_su_max                     ? 
_refine.ls_shift_over_su_max_lt                  ? 
_refine.ls_shift_over_su_mean                    ? 
_refine.ls_shift_over_su_mean_lt                 ? 
_refine.pdbx_ls_sigma_I                          ? 
_refine.pdbx_ls_sigma_F                          ? 
_refine.pdbx_ls_sigma_Fsqd                       ? 
_refine.pdbx_data_cutoff_high_absF               ? 
_refine.pdbx_data_cutoff_high_rms_absF           ? 
_refine.pdbx_data_cutoff_low_absF                ? 
_refine.pdbx_isotropic_thermal_model             ? 
_refine.pdbx_ls_cross_valid_method               THROUGHOUT 
_refine.pdbx_method_to_determine_struct          'MOLECULAR REPLACEMENT' 
_refine.pdbx_starting_model                      ? 
_refine.pdbx_stereochemistry_target_values       ? 
_refine.pdbx_R_Free_selection_details            RANDOM 
_refine.pdbx_stereochem_target_val_spec_case     ? 
_refine.pdbx_overall_ESU_R                       0.039 
_refine.pdbx_overall_ESU_R_Free                  0.039 
_refine.pdbx_solvent_vdw_probe_radii             1.10 
_refine.pdbx_solvent_ion_probe_radii             0.70 
_refine.pdbx_solvent_shrinkage_radii             0.70 
_refine.pdbx_real_space_R                        ? 
_refine.pdbx_density_correlation                 ? 
_refine.pdbx_pd_number_of_powder_patterns        ? 
_refine.pdbx_pd_number_of_points                 ? 
_refine.pdbx_pd_meas_number_of_points            ? 
_refine.pdbx_pd_proc_ls_prof_R_factor            ? 
_refine.pdbx_pd_proc_ls_prof_wR_factor           ? 
_refine.pdbx_pd_Marquardt_correlation_coeff      ? 
_refine.pdbx_pd_Fsqrd_R_factor                   ? 
_refine.pdbx_pd_ls_matrix_band_width             ? 
_refine.pdbx_overall_phase_error                 ? 
_refine.pdbx_overall_SU_R_free_Cruickshank_DPI   ? 
_refine.pdbx_overall_SU_R_free_Blow_DPI          ? 
_refine.pdbx_overall_SU_R_Blow_DPI               ? 
_refine.pdbx_TLS_residual_ADP_flag               ? 
_refine.pdbx_diffrn_id                           1 
_refine.overall_SU_B                             2.262 
_refine.overall_SU_ML                            0.040 
_refine.overall_SU_R_Cruickshank_DPI             ? 
_refine.overall_SU_R_free                        ? 
_refine.overall_FOM_free_R_set                   ? 
_refine.overall_FOM_work_R_set                   ? 
_refine.pdbx_average_fsc_overall                 ? 
_refine.pdbx_average_fsc_work                    ? 
_refine.pdbx_average_fsc_free                    ? 
# 
_refine_hist.pdbx_refine_id                   'X-RAY DIFFRACTION' 
_refine_hist.cycle_id                         1 
_refine_hist.pdbx_number_atoms_protein        403 
_refine_hist.pdbx_number_atoms_nucleic_acid   0 
_refine_hist.pdbx_number_atoms_ligand         12 
_refine_hist.number_atoms_solvent             56 
_refine_hist.number_atoms_total               471 
_refine_hist.d_res_high                       1.20 
_refine_hist.d_res_low                        15.87 
# 
loop_
_refine_ls_restr.pdbx_refine_id 
_refine_ls_restr.criterion 
_refine_ls_restr.dev_ideal 
_refine_ls_restr.dev_ideal_target 
_refine_ls_restr.number 
_refine_ls_restr.rejects 
_refine_ls_restr.type 
_refine_ls_restr.weight 
_refine_ls_restr.pdbx_restraint_function 
'X-RAY DIFFRACTION' ? 0.019  0.015  450  ? r_bond_refined_d             ? ? 
'X-RAY DIFFRACTION' ? 0.001  0.017  467  ? r_bond_other_d               ? ? 
'X-RAY DIFFRACTION' ? 2.069  1.679  606  ? r_angle_refined_deg          ? ? 
'X-RAY DIFFRACTION' ? 1.160  1.670  1092 ? r_angle_other_deg            ? ? 
'X-RAY DIFFRACTION' ? 3.641  5.000  58   ? r_dihedral_angle_1_deg       ? ? 
'X-RAY DIFFRACTION' ? 36.976 26.111 18   ? r_dihedral_angle_2_deg       ? ? 
'X-RAY DIFFRACTION' ? 17.414 15.000 98   ? r_dihedral_angle_3_deg       ? ? 
'X-RAY DIFFRACTION' ? ?      ?      ?    ? r_dihedral_angle_4_deg       ? ? 
'X-RAY DIFFRACTION' ? 0.111  0.200  63   ? r_chiral_restr               ? ? 
'X-RAY DIFFRACTION' ? 0.009  0.020  489  ? r_gen_planes_refined         ? ? 
'X-RAY DIFFRACTION' ? 0.002  0.020  71   ? r_gen_planes_other           ? ? 
'X-RAY DIFFRACTION' ? ?      ?      ?    ? r_nbd_refined                ? ? 
'X-RAY DIFFRACTION' ? ?      ?      ?    ? r_nbd_other                  ? ? 
'X-RAY DIFFRACTION' ? ?      ?      ?    ? r_nbtor_refined              ? ? 
'X-RAY DIFFRACTION' ? ?      ?      ?    ? r_nbtor_other                ? ? 
'X-RAY DIFFRACTION' ? ?      ?      ?    ? r_xyhbond_nbd_refined        ? ? 
'X-RAY DIFFRACTION' ? ?      ?      ?    ? r_xyhbond_nbd_other          ? ? 
'X-RAY DIFFRACTION' ? ?      ?      ?    ? r_metal_ion_refined          ? ? 
'X-RAY DIFFRACTION' ? ?      ?      ?    ? r_metal_ion_other            ? ? 
'X-RAY DIFFRACTION' ? ?      ?      ?    ? r_symmetry_vdw_refined       ? ? 
'X-RAY DIFFRACTION' ? ?      ?      ?    ? r_symmetry_vdw_other         ? ? 
'X-RAY DIFFRACTION' ? ?      ?      ?    ? r_symmetry_hbond_refined     ? ? 
'X-RAY DIFFRACTION' ? ?      ?      ?    ? r_symmetry_hbond_other       ? ? 
'X-RAY DIFFRACTION' ? ?      ?      ?    ? r_symmetry_metal_ion_refined ? ? 
'X-RAY DIFFRACTION' ? ?      ?      ?    ? r_symmetry_metal_ion_other   ? ? 
'X-RAY DIFFRACTION' ? 43.985 3.891  227  ? r_mcbond_it                  ? ? 
'X-RAY DIFFRACTION' ? 38.215 3.803  226  ? r_mcbond_other               ? ? 
'X-RAY DIFFRACTION' ? 57.627 5.545  285  ? r_mcangle_it                 ? ? 
'X-RAY DIFFRACTION' ? 57.682 5.733  286  ? r_mcangle_other              ? ? 
'X-RAY DIFFRACTION' ? 40.989 4.786  223  ? r_scbond_it                  ? ? 
'X-RAY DIFFRACTION' ? 41.631 4.844  216  ? r_scbond_other               ? ? 
'X-RAY DIFFRACTION' ? ?      ?      ?    ? r_scangle_it                 ? ? 
'X-RAY DIFFRACTION' ? 33.543 6.462  309  ? r_scangle_other              ? ? 
'X-RAY DIFFRACTION' ? 49.020 43.297 531  ? r_long_range_B_refined       ? ? 
'X-RAY DIFFRACTION' ? 47.700 42.415 514  ? r_long_range_B_other         ? ? 
'X-RAY DIFFRACTION' ? 30.685 3.000  917  ? r_rigid_bond_restr           ? ? 
'X-RAY DIFFRACTION' ? 33.421 5.000  32   ? r_sphericity_free            ? ? 
'X-RAY DIFFRACTION' ? 97.621 5.000  939  ? r_sphericity_bonded          ? ? 
# 
loop_
_refine_ls_restr_ncs.pdbx_refine_id 
_refine_ls_restr_ncs.dom_id 
_refine_ls_restr_ncs.pdbx_ens_id 
_refine_ls_restr_ncs.pdbx_ordinal 
_refine_ls_restr_ncs.ncs_model_details 
_refine_ls_restr_ncs.rms_dev_position 
_refine_ls_restr_ncs.weight_position 
_refine_ls_restr_ncs.rms_dev_B_iso 
_refine_ls_restr_ncs.weight_B_iso 
_refine_ls_restr_ncs.pdbx_auth_asym_id 
_refine_ls_restr_ncs.pdbx_number 
_refine_ls_restr_ncs.pdbx_type 
_refine_ls_restr_ncs.pdbx_asym_id 
_refine_ls_restr_ncs.pdbx_rms 
_refine_ls_restr_ncs.pdbx_weight 
'X-RAY DIFFRACTION' 1 1 1 ? 0.14 0.05 ? ? A 649 'interatomic distance' ? ? ? 
'X-RAY DIFFRACTION' 2 1 2 ? 0.14 0.05 ? ? B 649 'interatomic distance' ? ? ? 
# 
_refine_ls_shell.pdbx_refine_id                   'X-RAY DIFFRACTION' 
_refine_ls_shell.d_res_high                       1.200 
_refine_ls_shell.d_res_low                        1.231 
_refine_ls_shell.number_reflns_all                ? 
_refine_ls_shell.number_reflns_obs                ? 
_refine_ls_shell.number_reflns_R_free             65 
_refine_ls_shell.number_reflns_R_work             1148 
_refine_ls_shell.percent_reflns_obs               99.92 
_refine_ls_shell.percent_reflns_R_free            ? 
_refine_ls_shell.R_factor_all                     ? 
_refine_ls_shell.R_factor_obs                     ? 
_refine_ls_shell.R_factor_R_free                  0.390 
_refine_ls_shell.R_factor_R_free_error            ? 
_refine_ls_shell.R_factor_R_work                  0.405 
_refine_ls_shell.redundancy_reflns_all            ? 
_refine_ls_shell.redundancy_reflns_obs            ? 
_refine_ls_shell.wR_factor_all                    ? 
_refine_ls_shell.wR_factor_obs                    ? 
_refine_ls_shell.wR_factor_R_free                 ? 
_refine_ls_shell.wR_factor_R_work                 ? 
_refine_ls_shell.pdbx_total_number_of_bins_used   20 
_refine_ls_shell.pdbx_phase_error                 ? 
_refine_ls_shell.pdbx_fsc_work                    ? 
_refine_ls_shell.pdbx_fsc_free                    ? 
# 
loop_
_struct_ncs_dom.id 
_struct_ncs_dom.details 
_struct_ncs_dom.pdbx_ens_id 
1 A 1 
2 B 1 
# 
loop_
_struct_ncs_dom_lim.pdbx_ens_id 
_struct_ncs_dom_lim.dom_id 
_struct_ncs_dom_lim.pdbx_component_id 
_struct_ncs_dom_lim.beg_label_asym_id 
_struct_ncs_dom_lim.beg_label_comp_id 
_struct_ncs_dom_lim.beg_label_seq_id 
_struct_ncs_dom_lim.beg_label_alt_id 
_struct_ncs_dom_lim.end_label_asym_id 
_struct_ncs_dom_lim.end_label_comp_id 
_struct_ncs_dom_lim.end_label_seq_id 
_struct_ncs_dom_lim.end_label_alt_id 
_struct_ncs_dom_lim.beg_auth_asym_id 
_struct_ncs_dom_lim.beg_auth_comp_id 
_struct_ncs_dom_lim.beg_auth_seq_id 
_struct_ncs_dom_lim.end_auth_asym_id 
_struct_ncs_dom_lim.end_auth_comp_id 
_struct_ncs_dom_lim.end_auth_seq_id 
_struct_ncs_dom_lim.pdbx_refine_code 
_struct_ncs_dom_lim.selection_details 
1 1 0 A GLY 2 . A GLU 24 . A GLY 1 A GLU 23 0 ? 
1 2 0 B GLY 2 . B GLU 24 . B GLY 1 B GLU 23 0 ? 
# 
_struct_ncs_ens.id        1 
_struct_ncs_ens.details   ? 
# 
_struct.entry_id                     6Q5H 
_struct.title                        
'Crystal structure of a CC-Hex mutant that forms an antiparallel four-helix coiled coil CC-Hex*-L24D' 
_struct.pdbx_model_details           ? 
_struct.pdbx_formula_weight          ? 
_struct.pdbx_formula_weight_method   ? 
_struct.pdbx_model_type_details      ? 
_struct.pdbx_CASP_flag               N 
# 
_struct_keywords.entry_id        6Q5H 
_struct_keywords.text            'coiled coil, tetramer, synthetic, antiparallel, cc-hex, DE NOVO PROTEIN' 
_struct_keywords.pdbx_keywords   'DE NOVO PROTEIN' 
# 
loop_
_struct_asym.id 
_struct_asym.pdbx_blank_PDB_chainid_flag 
_struct_asym.pdbx_modified 
_struct_asym.entity_id 
_struct_asym.details 
A N N 1 ? 
B N N 1 ? 
C N N 2 ? 
D N N 2 ? 
E N N 3 ? 
F N N 3 ? 
G N N 4 ? 
H N N 4 ? 
# 
_struct_ref.id                         1 
_struct_ref.db_name                    PDB 
_struct_ref.db_code                    6Q5H 
_struct_ref.pdbx_db_accession          6Q5H 
_struct_ref.pdbx_db_isoform            ? 
_struct_ref.entity_id                  1 
_struct_ref.pdbx_seq_one_letter_code   ? 
_struct_ref.pdbx_align_begin           1 
# 
loop_
_struct_ref_seq.align_id 
_struct_ref_seq.ref_id 
_struct_ref_seq.pdbx_PDB_id_code 
_struct_ref_seq.pdbx_strand_id 
_struct_ref_seq.seq_align_beg 
_struct_ref_seq.pdbx_seq_align_beg_ins_code 
_struct_ref_seq.seq_align_end 
_struct_ref_seq.pdbx_seq_align_end_ins_code 
_struct_ref_seq.pdbx_db_accession 
_struct_ref_seq.db_align_beg 
_struct_ref_seq.pdbx_db_align_beg_ins_code 
_struct_ref_seq.db_align_end 
_struct_ref_seq.pdbx_db_align_end_ins_code 
_struct_ref_seq.pdbx_auth_seq_align_beg 
_struct_ref_seq.pdbx_auth_seq_align_end 
1 1 6Q5H A 1 ? 32 ? 6Q5H 0 ? 31 ? 0 31 
2 1 6Q5H B 1 ? 32 ? 6Q5H 0 ? 31 ? 0 31 
# 
_pdbx_struct_assembly.id                   1 
_pdbx_struct_assembly.details              author_and_software_defined_assembly 
_pdbx_struct_assembly.method_details       PISA 
_pdbx_struct_assembly.oligomeric_details   tetrameric 
_pdbx_struct_assembly.oligomeric_count     4 
# 
loop_
_pdbx_struct_assembly_prop.biol_id 
_pdbx_struct_assembly_prop.type 
_pdbx_struct_assembly_prop.value 
_pdbx_struct_assembly_prop.details 
1 'ABSA (A^2)' 5540 ? 
1 MORE         -103 ? 
1 'SSA (A^2)'  7020 ? 
# 
_pdbx_struct_assembly_gen.assembly_id       1 
_pdbx_struct_assembly_gen.oper_expression   1,2 
_pdbx_struct_assembly_gen.asym_id_list      A,B,C,D,E,F,G,H 
# 
_pdbx_struct_assembly_auth_evidence.id                     1 
_pdbx_struct_assembly_auth_evidence.assembly_id            1 
_pdbx_struct_assembly_auth_evidence.experimental_support   'equilibrium centrifugation' 
_pdbx_struct_assembly_auth_evidence.details                ? 
# 
loop_
_pdbx_struct_oper_list.id 
_pdbx_struct_oper_list.type 
_pdbx_struct_oper_list.name 
_pdbx_struct_oper_list.symmetry_operation 
_pdbx_struct_oper_list.matrix[1][1] 
_pdbx_struct_oper_list.matrix[1][2] 
_pdbx_struct_oper_list.matrix[1][3] 
_pdbx_struct_oper_list.vector[1] 
_pdbx_struct_oper_list.matrix[2][1] 
_pdbx_struct_oper_list.matrix[2][2] 
_pdbx_struct_oper_list.matrix[2][3] 
_pdbx_struct_oper_list.vector[2] 
_pdbx_struct_oper_list.matrix[3][1] 
_pdbx_struct_oper_list.matrix[3][2] 
_pdbx_struct_oper_list.matrix[3][3] 
_pdbx_struct_oper_list.vector[3] 
1 'identity operation'         1_555  x,y,z            1.0000000000  0.0000000000  0.0000000000  0.0000000000 0.0000000000  1.0000000000  0.0000000000 0.0000000000  0.0000000000  0.0000000000 1.0000000000 0.0000000000 
2 'crystal symmetry operation' 10_444 -y-1,-x-1,-z-1/6 -0.9909767079 -0.0229592886 -0.1320531540 4.3590478995 -0.0229592886 -0.9415813068 0.3360022525 -6.9459068176 -0.1320531540 0.3360022525 0.9325580147 1.5055001388 
# 
loop_
_struct_conf.conf_type_id 
_struct_conf.id 
_struct_conf.pdbx_PDB_helix_id 
_struct_conf.beg_label_comp_id 
_struct_conf.beg_label_asym_id 
_struct_conf.beg_label_seq_id 
_struct_conf.pdbx_beg_PDB_ins_code 
_struct_conf.end_label_comp_id 
_struct_conf.end_label_asym_id 
_struct_conf.end_label_seq_id 
_struct_conf.pdbx_end_PDB_ins_code 
_struct_conf.beg_auth_comp_id 
_struct_conf.beg_auth_asym_id 
_struct_conf.beg_auth_seq_id 
_struct_conf.end_auth_comp_id 
_struct_conf.end_auth_asym_id 
_struct_conf.end_auth_seq_id 
_struct_conf.pdbx_PDB_helix_class 
_struct_conf.details 
_struct_conf.pdbx_PDB_helix_length 
HELX_P HELX_P1 AA1 GLY A 2 ? TRP A 23 ? GLY A 1 TRP A 22 1 ? 22 
HELX_P HELX_P2 AA2 GLY B 2 ? ALA B 29 ? GLY B 1 ALA B 28 1 ? 28 
# 
_struct_conf_type.id          HELX_P 
_struct_conf_type.criteria    ? 
_struct_conf_type.reference   ? 
# 
loop_
_struct_conn.id 
_struct_conn.conn_type_id 
_struct_conn.pdbx_leaving_atom_flag 
_struct_conn.pdbx_PDB_id 
_struct_conn.ptnr1_label_asym_id 
_struct_conn.ptnr1_label_comp_id 
_struct_conn.ptnr1_label_seq_id 
_struct_conn.ptnr1_label_atom_id 
_struct_conn.pdbx_ptnr1_label_alt_id 
_struct_conn.pdbx_ptnr1_PDB_ins_code 
_struct_conn.pdbx_ptnr1_standard_comp_id 
_struct_conn.ptnr1_symmetry 
_struct_conn.ptnr2_label_asym_id 
_struct_conn.ptnr2_label_comp_id 
_struct_conn.ptnr2_label_seq_id 
_struct_conn.ptnr2_label_atom_id 
_struct_conn.pdbx_ptnr2_label_alt_id 
_struct_conn.pdbx_ptnr2_PDB_ins_code 
_struct_conn.ptnr1_auth_asym_id 
_struct_conn.ptnr1_auth_comp_id 
_struct_conn.ptnr1_auth_seq_id 
_struct_conn.ptnr2_auth_asym_id 
_struct_conn.ptnr2_auth_comp_id 
_struct_conn.ptnr2_auth_seq_id 
_struct_conn.ptnr2_symmetry 
_struct_conn.pdbx_ptnr3_label_atom_id 
_struct_conn.pdbx_ptnr3_label_seq_id 
_struct_conn.pdbx_ptnr3_label_comp_id 
_struct_conn.pdbx_ptnr3_label_asym_id 
_struct_conn.pdbx_ptnr3_label_alt_id 
_struct_conn.pdbx_ptnr3_PDB_ins_code 
_struct_conn.details 
_struct_conn.pdbx_dist_value 
_struct_conn.pdbx_value_order 
_struct_conn.pdbx_role 
covale1 covale both ? A ACE 1 C ? ? ? 1_555 A GLY 2 N ? ? A ACE 0 A GLY 1 1_555 ? ? ? ? ? ? ? 1.336 ? ? 
covale2 covale both ? B ACE 1 C ? ? ? 1_555 B GLY 2 N ? ? B ACE 0 B GLY 1 1_555 ? ? ? ? ? ? ? 1.349 ? ? 
# 
_struct_conn_type.id          covale 
_struct_conn_type.criteria    ? 
_struct_conn_type.reference   ? 
# 
loop_
_pdbx_modification_feature.ordinal 
_pdbx_modification_feature.label_comp_id 
_pdbx_modification_feature.label_asym_id 
_pdbx_modification_feature.label_seq_id 
_pdbx_modification_feature.label_alt_id 
_pdbx_modification_feature.modified_residue_label_comp_id 
_pdbx_modification_feature.modified_residue_label_asym_id 
_pdbx_modification_feature.modified_residue_label_seq_id 
_pdbx_modification_feature.modified_residue_label_alt_id 
_pdbx_modification_feature.auth_comp_id 
_pdbx_modification_feature.auth_asym_id 
_pdbx_modification_feature.auth_seq_id 
_pdbx_modification_feature.PDB_ins_code 
_pdbx_modification_feature.symmetry 
_pdbx_modification_feature.modified_residue_auth_comp_id 
_pdbx_modification_feature.modified_residue_auth_asym_id 
_pdbx_modification_feature.modified_residue_auth_seq_id 
_pdbx_modification_feature.modified_residue_PDB_ins_code 
_pdbx_modification_feature.modified_residue_symmetry 
_pdbx_modification_feature.comp_id_linking_atom 
_pdbx_modification_feature.modified_residue_id_linking_atom 
_pdbx_modification_feature.modified_residue_id 
_pdbx_modification_feature.ref_pcm_id 
_pdbx_modification_feature.ref_comp_id 
_pdbx_modification_feature.type 
_pdbx_modification_feature.category 
1 ACE A 1 ? GLY A 2 ? ACE A 0 ? 1_555 GLY A 1 ? 1_555 . . GLY 12 ACE None 'Terminal acetylation' 
2 ACE B 1 ? GLY B 2 ? ACE B 0 ? 1_555 GLY B 1 ? 1_555 . . GLY 12 ACE None 'Terminal acetylation' 
# 
loop_
_struct_site.id 
_struct_site.pdbx_evidence_code 
_struct_site.pdbx_auth_asym_id 
_struct_site.pdbx_auth_comp_id 
_struct_site.pdbx_auth_seq_id 
_struct_site.pdbx_auth_ins_code 
_struct_site.pdbx_num_residues 
_struct_site.details 
AC1 Software A NH4 101 ? 4 'binding site for residue NH4 A 101'              
AC2 Software A NH4 102 ? 4 'binding site for residue NH4 A 102'              
AC3 Software A SO4 103 ? 5 'binding site for residue SO4 A 103'              
AC4 Software A SO4 104 ? 4 'binding site for residue SO4 A 104'              
AC5 Software B ACE 0   ? 8 'binding site for Di-peptide ACE B 0 and GLY B 1' 
# 
loop_
_struct_site_gen.id 
_struct_site_gen.site_id 
_struct_site_gen.pdbx_num_res 
_struct_site_gen.label_comp_id 
_struct_site_gen.label_asym_id 
_struct_site_gen.label_seq_id 
_struct_site_gen.pdbx_auth_ins_code 
_struct_site_gen.auth_comp_id 
_struct_site_gen.auth_asym_id 
_struct_site_gen.auth_seq_id 
_struct_site_gen.label_atom_id 
_struct_site_gen.label_alt_id 
_struct_site_gen.symmetry 
_struct_site_gen.details 
1  AC1 4 GLU A 10 ? GLU A 9   . ? 7_554  ? 
2  AC1 4 GLU A 10 ? GLU A 9   . ? 1_555  ? 
3  AC1 4 GLU B 17 ? GLU B 16  . ? 10_444 ? 
4  AC1 4 GLU B 17 ? GLU B 16  . ? 4_444  ? 
5  AC2 4 GLU A 17 ? GLU A 16  . ? 1_555  ? 
6  AC2 4 ALA B 6  ? ALA B 5   . ? 4_444  ? 
7  AC2 4 GLN B 9  ? GLN B 8   . ? 4_444  ? 
8  AC2 4 GLU B 10 ? GLU B 9   . ? 10_444 ? 
9  AC3 5 LYS A 5  ? LYS A 4   . ? 10_444 ? 
10 AC3 5 TRP A 23 ? TRP A 22  . ? 1_555  ? 
11 AC3 5 HOH G .  ? HOH A 201 . ? 1_555  ? 
12 AC3 5 LYS B 5  ? LYS B 4   . ? 8_545  ? 
13 AC3 5 LYS B 19 ? LYS B 18  . ? 6_555  ? 
14 AC4 4 GLN A 9  ? GLN A 8   . ? 1_555  ? 
15 AC4 4 LYS A 12 ? LYS A 11  . ? 1_555  ? 
16 AC4 4 LYS A 19 ? LYS A 18  . ? 10_444 ? 
17 AC4 4 HOH G .  ? HOH A 202 . ? 1_555  ? 
18 AC5 8 TRP A 23 ? TRP A 22  . ? 8_445  ? 
19 AC5 8 GLU B 3  ? GLU B 2   . ? 7_555  ? 
20 AC5 8 GLU B 3  ? GLU B 2   . ? 1_555  ? 
21 AC5 8 LEU B 4  ? LEU B 3   . ? 1_555  ? 
22 AC5 8 LYS B 5  ? LYS B 4   . ? 1_555  ? 
23 AC5 8 ALA B 6  ? ALA B 5   . ? 1_555  ? 
24 AC5 8 HOH H .  ? HOH B 109 . ? 1_555  ? 
25 AC5 8 HOH H .  ? HOH B 112 . ? 1_555  ? 
# 
_pdbx_entry_details.entry_id                   6Q5H 
_pdbx_entry_details.compound_details           ? 
_pdbx_entry_details.source_details             ? 
_pdbx_entry_details.nonpolymer_details         ? 
_pdbx_entry_details.sequence_details           ? 
_pdbx_entry_details.has_ligand_of_interest     ? 
_pdbx_entry_details.has_protein_modification   Y 
# 
loop_
_pdbx_validate_symm_contact.id 
_pdbx_validate_symm_contact.PDB_model_num 
_pdbx_validate_symm_contact.auth_atom_id_1 
_pdbx_validate_symm_contact.auth_asym_id_1 
_pdbx_validate_symm_contact.auth_comp_id_1 
_pdbx_validate_symm_contact.auth_seq_id_1 
_pdbx_validate_symm_contact.PDB_ins_code_1 
_pdbx_validate_symm_contact.label_alt_id_1 
_pdbx_validate_symm_contact.site_symmetry_1 
_pdbx_validate_symm_contact.auth_atom_id_2 
_pdbx_validate_symm_contact.auth_asym_id_2 
_pdbx_validate_symm_contact.auth_comp_id_2 
_pdbx_validate_symm_contact.auth_seq_id_2 
_pdbx_validate_symm_contact.PDB_ins_code_2 
_pdbx_validate_symm_contact.label_alt_id_2 
_pdbx_validate_symm_contact.site_symmetry_2 
_pdbx_validate_symm_contact.dist 
1 1 O A HOH 235 ? ? 1_555 O A HOH 235 ? ? 12_544 1.70 
2 1 O A HOH 226 ? ? 1_555 O B HOH 101 ? ? 4_444  2.10 
# 
loop_
_pdbx_struct_special_symmetry.id 
_pdbx_struct_special_symmetry.PDB_model_num 
_pdbx_struct_special_symmetry.auth_asym_id 
_pdbx_struct_special_symmetry.auth_comp_id 
_pdbx_struct_special_symmetry.auth_seq_id 
_pdbx_struct_special_symmetry.PDB_ins_code 
_pdbx_struct_special_symmetry.label_asym_id 
_pdbx_struct_special_symmetry.label_comp_id 
_pdbx_struct_special_symmetry.label_seq_id 
1 1 A NH4 101 ? C NH4 . 
2 1 A HOH 204 ? G HOH . 
3 1 A HOH 234 ? G HOH . 
# 
loop_
_pdbx_unobs_or_zero_occ_residues.id 
_pdbx_unobs_or_zero_occ_residues.PDB_model_num 
_pdbx_unobs_or_zero_occ_residues.polymer_flag 
_pdbx_unobs_or_zero_occ_residues.occupancy_flag 
_pdbx_unobs_or_zero_occ_residues.auth_asym_id 
_pdbx_unobs_or_zero_occ_residues.auth_comp_id 
_pdbx_unobs_or_zero_occ_residues.auth_seq_id 
_pdbx_unobs_or_zero_occ_residues.PDB_ins_code 
_pdbx_unobs_or_zero_occ_residues.label_asym_id 
_pdbx_unobs_or_zero_occ_residues.label_comp_id 
_pdbx_unobs_or_zero_occ_residues.label_seq_id 
1  1 Y 1 A LYS 25 ? A LYS 26 
2  1 Y 1 A ALA 26 ? A ALA 27 
3  1 Y 1 A ILE 27 ? A ILE 28 
4  1 Y 1 A ALA 28 ? A ALA 29 
5  1 Y 1 A GLN 29 ? A GLN 30 
6  1 Y 1 A GLY 30 ? A GLY 31 
7  1 Y 1 A NH2 31 ? A NH2 32 
8  1 Y 1 B GLN 29 ? B GLN 30 
9  1 Y 1 B GLY 30 ? B GLY 31 
10 1 Y 1 B NH2 31 ? B NH2 32 
# 
loop_
_chem_comp_atom.comp_id 
_chem_comp_atom.atom_id 
_chem_comp_atom.type_symbol 
_chem_comp_atom.pdbx_aromatic_flag 
_chem_comp_atom.pdbx_stereo_config 
_chem_comp_atom.pdbx_ordinal 
ACE C    C N N 1   
ACE O    O N N 2   
ACE CH3  C N N 3   
ACE H    H N N 4   
ACE H1   H N N 5   
ACE H2   H N N 6   
ACE H3   H N N 7   
ALA N    N N N 8   
ALA CA   C N S 9   
ALA C    C N N 10  
ALA O    O N N 11  
ALA CB   C N N 12  
ALA OXT  O N N 13  
ALA H    H N N 14  
ALA H2   H N N 15  
ALA HA   H N N 16  
ALA HB1  H N N 17  
ALA HB2  H N N 18  
ALA HB3  H N N 19  
ALA HXT  H N N 20  
ASP N    N N N 21  
ASP CA   C N S 22  
ASP C    C N N 23  
ASP O    O N N 24  
ASP CB   C N N 25  
ASP CG   C N N 26  
ASP OD1  O N N 27  
ASP OD2  O N N 28  
ASP OXT  O N N 29  
ASP H    H N N 30  
ASP H2   H N N 31  
ASP HA   H N N 32  
ASP HB2  H N N 33  
ASP HB3  H N N 34  
ASP HD2  H N N 35  
ASP HXT  H N N 36  
GLN N    N N N 37  
GLN CA   C N S 38  
GLN C    C N N 39  
GLN O    O N N 40  
GLN CB   C N N 41  
GLN CG   C N N 42  
GLN CD   C N N 43  
GLN OE1  O N N 44  
GLN NE2  N N N 45  
GLN OXT  O N N 46  
GLN H    H N N 47  
GLN H2   H N N 48  
GLN HA   H N N 49  
GLN HB2  H N N 50  
GLN HB3  H N N 51  
GLN HG2  H N N 52  
GLN HG3  H N N 53  
GLN HE21 H N N 54  
GLN HE22 H N N 55  
GLN HXT  H N N 56  
GLU N    N N N 57  
GLU CA   C N S 58  
GLU C    C N N 59  
GLU O    O N N 60  
GLU CB   C N N 61  
GLU CG   C N N 62  
GLU CD   C N N 63  
GLU OE1  O N N 64  
GLU OE2  O N N 65  
GLU OXT  O N N 66  
GLU H    H N N 67  
GLU H2   H N N 68  
GLU HA   H N N 69  
GLU HB2  H N N 70  
GLU HB3  H N N 71  
GLU HG2  H N N 72  
GLU HG3  H N N 73  
GLU HE2  H N N 74  
GLU HXT  H N N 75  
GLY N    N N N 76  
GLY CA   C N N 77  
GLY C    C N N 78  
GLY O    O N N 79  
GLY OXT  O N N 80  
GLY H    H N N 81  
GLY H2   H N N 82  
GLY HA2  H N N 83  
GLY HA3  H N N 84  
GLY HXT  H N N 85  
HOH O    O N N 86  
HOH H1   H N N 87  
HOH H2   H N N 88  
ILE N    N N N 89  
ILE CA   C N S 90  
ILE C    C N N 91  
ILE O    O N N 92  
ILE CB   C N S 93  
ILE CG1  C N N 94  
ILE CG2  C N N 95  
ILE CD1  C N N 96  
ILE OXT  O N N 97  
ILE H    H N N 98  
ILE H2   H N N 99  
ILE HA   H N N 100 
ILE HB   H N N 101 
ILE HG12 H N N 102 
ILE HG13 H N N 103 
ILE HG21 H N N 104 
ILE HG22 H N N 105 
ILE HG23 H N N 106 
ILE HD11 H N N 107 
ILE HD12 H N N 108 
ILE HD13 H N N 109 
ILE HXT  H N N 110 
LEU N    N N N 111 
LEU CA   C N S 112 
LEU C    C N N 113 
LEU O    O N N 114 
LEU CB   C N N 115 
LEU CG   C N N 116 
LEU CD1  C N N 117 
LEU CD2  C N N 118 
LEU OXT  O N N 119 
LEU H    H N N 120 
LEU H2   H N N 121 
LEU HA   H N N 122 
LEU HB2  H N N 123 
LEU HB3  H N N 124 
LEU HG   H N N 125 
LEU HD11 H N N 126 
LEU HD12 H N N 127 
LEU HD13 H N N 128 
LEU HD21 H N N 129 
LEU HD22 H N N 130 
LEU HD23 H N N 131 
LEU HXT  H N N 132 
LYS N    N N N 133 
LYS CA   C N S 134 
LYS C    C N N 135 
LYS O    O N N 136 
LYS CB   C N N 137 
LYS CG   C N N 138 
LYS CD   C N N 139 
LYS CE   C N N 140 
LYS NZ   N N N 141 
LYS OXT  O N N 142 
LYS H    H N N 143 
LYS H2   H N N 144 
LYS HA   H N N 145 
LYS HB2  H N N 146 
LYS HB3  H N N 147 
LYS HG2  H N N 148 
LYS HG3  H N N 149 
LYS HD2  H N N 150 
LYS HD3  H N N 151 
LYS HE2  H N N 152 
LYS HE3  H N N 153 
LYS HZ1  H N N 154 
LYS HZ2  H N N 155 
LYS HZ3  H N N 156 
LYS HXT  H N N 157 
NH2 N    N N N 158 
NH2 HN1  H N N 159 
NH2 HN2  H N N 160 
NH4 N    N N N 161 
NH4 HN1  H N N 162 
NH4 HN2  H N N 163 
NH4 HN3  H N N 164 
NH4 HN4  H N N 165 
SO4 S    S N N 166 
SO4 O1   O N N 167 
SO4 O2   O N N 168 
SO4 O3   O N N 169 
SO4 O4   O N N 170 
TRP N    N N N 171 
TRP CA   C N S 172 
TRP C    C N N 173 
TRP O    O N N 174 
TRP CB   C N N 175 
TRP CG   C Y N 176 
TRP CD1  C Y N 177 
TRP CD2  C Y N 178 
TRP NE1  N Y N 179 
TRP CE2  C Y N 180 
TRP CE3  C Y N 181 
TRP CZ2  C Y N 182 
TRP CZ3  C Y N 183 
TRP CH2  C Y N 184 
TRP OXT  O N N 185 
TRP H    H N N 186 
TRP H2   H N N 187 
TRP HA   H N N 188 
TRP HB2  H N N 189 
TRP HB3  H N N 190 
TRP HD1  H N N 191 
TRP HE1  H N N 192 
TRP HE3  H N N 193 
TRP HZ2  H N N 194 
TRP HZ3  H N N 195 
TRP HH2  H N N 196 
TRP HXT  H N N 197 
# 
loop_
_chem_comp_bond.comp_id 
_chem_comp_bond.atom_id_1 
_chem_comp_bond.atom_id_2 
_chem_comp_bond.value_order 
_chem_comp_bond.pdbx_aromatic_flag 
_chem_comp_bond.pdbx_stereo_config 
_chem_comp_bond.pdbx_ordinal 
ACE C   O    doub N N 1   
ACE C   CH3  sing N N 2   
ACE C   H    sing N N 3   
ACE CH3 H1   sing N N 4   
ACE CH3 H2   sing N N 5   
ACE CH3 H3   sing N N 6   
ALA N   CA   sing N N 7   
ALA N   H    sing N N 8   
ALA N   H2   sing N N 9   
ALA CA  C    sing N N 10  
ALA CA  CB   sing N N 11  
ALA CA  HA   sing N N 12  
ALA C   O    doub N N 13  
ALA C   OXT  sing N N 14  
ALA CB  HB1  sing N N 15  
ALA CB  HB2  sing N N 16  
ALA CB  HB3  sing N N 17  
ALA OXT HXT  sing N N 18  
ASP N   CA   sing N N 19  
ASP N   H    sing N N 20  
ASP N   H2   sing N N 21  
ASP CA  C    sing N N 22  
ASP CA  CB   sing N N 23  
ASP CA  HA   sing N N 24  
ASP C   O    doub N N 25  
ASP C   OXT  sing N N 26  
ASP CB  CG   sing N N 27  
ASP CB  HB2  sing N N 28  
ASP CB  HB3  sing N N 29  
ASP CG  OD1  doub N N 30  
ASP CG  OD2  sing N N 31  
ASP OD2 HD2  sing N N 32  
ASP OXT HXT  sing N N 33  
GLN N   CA   sing N N 34  
GLN N   H    sing N N 35  
GLN N   H2   sing N N 36  
GLN CA  C    sing N N 37  
GLN CA  CB   sing N N 38  
GLN CA  HA   sing N N 39  
GLN C   O    doub N N 40  
GLN C   OXT  sing N N 41  
GLN CB  CG   sing N N 42  
GLN CB  HB2  sing N N 43  
GLN CB  HB3  sing N N 44  
GLN CG  CD   sing N N 45  
GLN CG  HG2  sing N N 46  
GLN CG  HG3  sing N N 47  
GLN CD  OE1  doub N N 48  
GLN CD  NE2  sing N N 49  
GLN NE2 HE21 sing N N 50  
GLN NE2 HE22 sing N N 51  
GLN OXT HXT  sing N N 52  
GLU N   CA   sing N N 53  
GLU N   H    sing N N 54  
GLU N   H2   sing N N 55  
GLU CA  C    sing N N 56  
GLU CA  CB   sing N N 57  
GLU CA  HA   sing N N 58  
GLU C   O    doub N N 59  
GLU C   OXT  sing N N 60  
GLU CB  CG   sing N N 61  
GLU CB  HB2  sing N N 62  
GLU CB  HB3  sing N N 63  
GLU CG  CD   sing N N 64  
GLU CG  HG2  sing N N 65  
GLU CG  HG3  sing N N 66  
GLU CD  OE1  doub N N 67  
GLU CD  OE2  sing N N 68  
GLU OE2 HE2  sing N N 69  
GLU OXT HXT  sing N N 70  
GLY N   CA   sing N N 71  
GLY N   H    sing N N 72  
GLY N   H2   sing N N 73  
GLY CA  C    sing N N 74  
GLY CA  HA2  sing N N 75  
GLY CA  HA3  sing N N 76  
GLY C   O    doub N N 77  
GLY C   OXT  sing N N 78  
GLY OXT HXT  sing N N 79  
HOH O   H1   sing N N 80  
HOH O   H2   sing N N 81  
ILE N   CA   sing N N 82  
ILE N   H    sing N N 83  
ILE N   H2   sing N N 84  
ILE CA  C    sing N N 85  
ILE CA  CB   sing N N 86  
ILE CA  HA   sing N N 87  
ILE C   O    doub N N 88  
ILE C   OXT  sing N N 89  
ILE CB  CG1  sing N N 90  
ILE CB  CG2  sing N N 91  
ILE CB  HB   sing N N 92  
ILE CG1 CD1  sing N N 93  
ILE CG1 HG12 sing N N 94  
ILE CG1 HG13 sing N N 95  
ILE CG2 HG21 sing N N 96  
ILE CG2 HG22 sing N N 97  
ILE CG2 HG23 sing N N 98  
ILE CD1 HD11 sing N N 99  
ILE CD1 HD12 sing N N 100 
ILE CD1 HD13 sing N N 101 
ILE OXT HXT  sing N N 102 
LEU N   CA   sing N N 103 
LEU N   H    sing N N 104 
LEU N   H2   sing N N 105 
LEU CA  C    sing N N 106 
LEU CA  CB   sing N N 107 
LEU CA  HA   sing N N 108 
LEU C   O    doub N N 109 
LEU C   OXT  sing N N 110 
LEU CB  CG   sing N N 111 
LEU CB  HB2  sing N N 112 
LEU CB  HB3  sing N N 113 
LEU CG  CD1  sing N N 114 
LEU CG  CD2  sing N N 115 
LEU CG  HG   sing N N 116 
LEU CD1 HD11 sing N N 117 
LEU CD1 HD12 sing N N 118 
LEU CD1 HD13 sing N N 119 
LEU CD2 HD21 sing N N 120 
LEU CD2 HD22 sing N N 121 
LEU CD2 HD23 sing N N 122 
LEU OXT HXT  sing N N 123 
LYS N   CA   sing N N 124 
LYS N   H    sing N N 125 
LYS N   H2   sing N N 126 
LYS CA  C    sing N N 127 
LYS CA  CB   sing N N 128 
LYS CA  HA   sing N N 129 
LYS C   O    doub N N 130 
LYS C   OXT  sing N N 131 
LYS CB  CG   sing N N 132 
LYS CB  HB2  sing N N 133 
LYS CB  HB3  sing N N 134 
LYS CG  CD   sing N N 135 
LYS CG  HG2  sing N N 136 
LYS CG  HG3  sing N N 137 
LYS CD  CE   sing N N 138 
LYS CD  HD2  sing N N 139 
LYS CD  HD3  sing N N 140 
LYS CE  NZ   sing N N 141 
LYS CE  HE2  sing N N 142 
LYS CE  HE3  sing N N 143 
LYS NZ  HZ1  sing N N 144 
LYS NZ  HZ2  sing N N 145 
LYS NZ  HZ3  sing N N 146 
LYS OXT HXT  sing N N 147 
NH2 N   HN1  sing N N 148 
NH2 N   HN2  sing N N 149 
NH4 N   HN1  sing N N 150 
NH4 N   HN2  sing N N 151 
NH4 N   HN3  sing N N 152 
NH4 N   HN4  sing N N 153 
SO4 S   O1   doub N N 154 
SO4 S   O2   doub N N 155 
SO4 S   O3   sing N N 156 
SO4 S   O4   sing N N 157 
TRP N   CA   sing N N 158 
TRP N   H    sing N N 159 
TRP N   H2   sing N N 160 
TRP CA  C    sing N N 161 
TRP CA  CB   sing N N 162 
TRP CA  HA   sing N N 163 
TRP C   O    doub N N 164 
TRP C   OXT  sing N N 165 
TRP CB  CG   sing N N 166 
TRP CB  HB2  sing N N 167 
TRP CB  HB3  sing N N 168 
TRP CG  CD1  doub Y N 169 
TRP CG  CD2  sing Y N 170 
TRP CD1 NE1  sing Y N 171 
TRP CD1 HD1  sing N N 172 
TRP CD2 CE2  doub Y N 173 
TRP CD2 CE3  sing Y N 174 
TRP NE1 CE2  sing Y N 175 
TRP NE1 HE1  sing N N 176 
TRP CE2 CZ2  sing Y N 177 
TRP CE3 CZ3  doub Y N 178 
TRP CE3 HE3  sing N N 179 
TRP CZ2 CH2  doub Y N 180 
TRP CZ2 HZ2  sing N N 181 
TRP CZ3 CH2  sing Y N 182 
TRP CZ3 HZ3  sing N N 183 
TRP CH2 HH2  sing N N 184 
TRP OXT HXT  sing N N 185 
# 
loop_
_pdbx_audit_support.funding_organization 
_pdbx_audit_support.country 
_pdbx_audit_support.grant_number 
_pdbx_audit_support.ordinal 
'Biotechnology and Biological Sciences Research Council' 'United Kingdom' BB/J014400/1 1 
'Engineering and Physical Sciences Research Council'     'United Kingdom' EP/G036764/1 2 
'European Research Council'                              Belgium          340764       3 
'Biotechnology and Biological Sciences Research Council' 'United Kingdom' BB/R00661X/1 4 
'Engineering and Physical Sciences Research Council'     'United Kingdom' EP/K03927X/1 5 
# 
_atom_sites.entry_id                    6Q5H 
_atom_sites.fract_transf_matrix[1][1]   -0.00759811 
_atom_sites.fract_transf_matrix[1][2]   0.00999747 
_atom_sites.fract_transf_matrix[1][3]   -0.01062419 
_atom_sites.fract_transf_matrix[2][1]   -0.00870329 
_atom_sites.fract_transf_matrix[2][2]   0.01280918 
_atom_sites.fract_transf_matrix[2][3]   0.00554502 
_atom_sites.fract_transf_matrix[3][1]   0.02297307 
_atom_sites.fract_transf_matrix[3][2]   0.01614481 
_atom_sites.fract_transf_matrix[3][3]   -0.00123723 
_atom_sites.fract_transf_vector[1]      -0.428820 
_atom_sites.fract_transf_vector[2]      -0.452618 
_atom_sites.fract_transf_vector[3]      -0.076403 
# 
loop_
_atom_type.symbol 
C 
N 
O 
S 
# 
loop_
_atom_site.group_PDB 
_atom_site.id 
_atom_site.type_symbol 
_atom_site.label_atom_id 
_atom_site.label_alt_id 
_atom_site.label_comp_id 
_atom_site.label_asym_id 
_atom_site.label_entity_id 
_atom_site.label_seq_id 
_atom_site.pdbx_PDB_ins_code 
_atom_site.Cartn_x 
_atom_site.Cartn_y 
_atom_site.Cartn_z 
_atom_site.occupancy 
_atom_site.B_iso_or_equiv 
_atom_site.pdbx_formal_charge 
_atom_site.auth_seq_id 
_atom_site.auth_comp_id 
_atom_site.auth_asym_id 
_atom_site.auth_atom_id 
_atom_site.pdbx_PDB_model_num 
HETATM 1   C C   . ACE A 1 1  ? 5.402   -19.600 -4.405  1.00 24.98  ? 0   ACE A C   1 
HETATM 2   O O   . ACE A 1 1  ? 6.190   -19.590 -5.479  1.00 32.82  ? 0   ACE A O   1 
HETATM 3   C CH3 . ACE A 1 1  ? 5.615   -18.806 -3.250  1.00 16.30  ? 0   ACE A CH3 1 
ATOM   4   N N   . GLY A 1 2  ? 4.356   -20.409 -4.213  1.00 24.51  ? 1   GLY A N   1 
ATOM   5   C CA  . GLY A 1 2  ? 3.606   -20.693 -2.961  1.00 24.30  ? 1   GLY A CA  1 
ATOM   6   C C   . GLY A 1 2  ? 2.971   -19.446 -2.346  1.00 23.15  ? 1   GLY A C   1 
ATOM   7   O O   . GLY A 1 2  ? 2.478   -18.524 -3.022  1.00 20.61  ? 1   GLY A O   1 
ATOM   8   N N   . GLU A 1 3  ? 3.043   -19.347 -1.025  1.00 21.37  ? 2   GLU A N   1 
ATOM   9   C CA  A GLU A 1 3  ? 2.410   -18.283 -0.238  0.50 19.13  ? 2   GLU A CA  1 
ATOM   10  C CA  B GLU A 1 3  ? 2.290   -18.257 -0.366  0.50 18.52  ? 2   GLU A CA  1 
ATOM   11  C C   . GLU A 1 3  ? 2.956   -16.899 -0.607  1.00 19.02  ? 2   GLU A C   1 
ATOM   12  O O   . GLU A 1 3  ? 2.210   -15.903 -0.719  1.00 20.58  ? 2   GLU A O   1 
ATOM   13  C CB  A GLU A 1 3  ? 2.689   -18.565 1.246   0.50 24.27  ? 2   GLU A CB  1 
ATOM   14  C CB  B GLU A 1 3  ? 2.038   -18.487 1.127   0.50 22.26  ? 2   GLU A CB  1 
ATOM   15  C CG  A GLU A 1 3  ? 2.023   -17.562 2.162   0.50 23.61  ? 2   GLU A CG  1 
ATOM   16  C CG  B GLU A 1 3  ? 1.034   -17.460 1.649   0.50 25.10  ? 2   GLU A CG  1 
ATOM   17  C CD  A GLU A 1 3  ? 0.515   -17.607 2.026   0.50 23.15  ? 2   GLU A CD  1 
ATOM   18  C CD  B GLU A 1 3  ? 1.066   -17.258 3.144   0.50 26.02  ? 2   GLU A CD  1 
ATOM   19  O OE1 A GLU A 1 3  ? 0.043   -18.582 1.350   0.50 27.11  ? 2   GLU A OE1 1 
ATOM   20  O OE1 B GLU A 1 3  ? 1.854   -17.960 3.799   0.50 31.24  ? 2   GLU A OE1 1 
ATOM   21  O OE2 A GLU A 1 3  ? -0.179  -16.780 2.709   0.50 24.02  ? 2   GLU A OE2 1 
ATOM   22  O OE2 B GLU A 1 3  ? 0.297   -16.352 3.639   0.50 20.04  ? 2   GLU A OE2 1 
ATOM   23  N N   . LEU A 1 4  ? 4.286   -16.790 -0.671  1.00 20.16  ? 3   LEU A N   1 
ATOM   24  C CA  . LEU A 1 4  ? 4.909   -15.517 -0.982  1.00 18.27  ? 3   LEU A CA  1 
ATOM   25  C C   . LEU A 1 4  ? 4.484   -15.043 -2.357  1.00 19.60  ? 3   LEU A C   1 
ATOM   26  O O   . LEU A 1 4  ? 4.298   -13.825 -2.541  1.00 19.33  ? 3   LEU A O   1 
ATOM   27  C CB  . LEU A 1 4  ? 6.419   -15.541 -0.828  1.00 19.22  ? 3   LEU A CB  1 
ATOM   28  C CG  . LEU A 1 4  ? 6.928   -15.641 0.599   1.00 19.80  ? 3   LEU A CG  1 
ATOM   29  C CD1 . LEU A 1 4  ? 8.453   -15.816 0.594   1.00 23.84  ? 3   LEU A CD1 1 
ATOM   30  C CD2 . LEU A 1 4  ? 6.503   -14.429 1.420   1.00 21.48  ? 3   LEU A CD2 1 
ATOM   31  N N   . LYS A 1 5  ? 4.377   -15.963 -3.322  1.00 18.24  ? 4   LYS A N   1 
ATOM   32  C CA  . LYS A 1 5  ? 3.876   -15.572 -4.662  1.00 20.55  ? 4   LYS A CA  1 
ATOM   33  C C   . LYS A 1 5  ? 2.463   -15.022 -4.554  1.00 18.36  ? 4   LYS A C   1 
ATOM   34  O O   . LYS A 1 5  ? 2.128   -14.019 -5.187  1.00 19.13  ? 4   LYS A O   1 
ATOM   35  C CB  . LYS A 1 5  ? 3.977   -16.758 -5.658  1.00 21.59  ? 4   LYS A CB  1 
ATOM   36  C CG  . LYS A 1 5  ? 3.318   -16.480 -7.012  1.00 23.64  ? 4   LYS A CG  1 
ATOM   37  C CD  . LYS A 1 5  ? 3.513   -17.550 -7.980  1.00 30.81  ? 4   LYS A CD  1 
ATOM   38  C CE  . LYS A 1 5  ? 2.776   -17.294 -9.282  1.00 43.58  ? 4   LYS A CE  1 
ATOM   39  N NZ  . LYS A 1 5  ? 2.832   -18.477 -10.152 1.00 54.34  ? 4   LYS A NZ  1 
ATOM   40  N N   . ALA A 1 6  ? 1.611   -15.673 -3.761  1.00 17.50  ? 5   ALA A N   1 
ATOM   41  C CA  . ALA A 1 6  ? 0.223   -15.206 -3.613  1.00 18.73  ? 5   ALA A CA  1 
ATOM   42  C C   . ALA A 1 6  ? 0.198   -13.813 -2.956  1.00 18.46  ? 5   ALA A C   1 
ATOM   43  O O   . ALA A 1 6  ? -0.616  -12.941 -3.355  1.00 18.46  ? 5   ALA A O   1 
ATOM   44  C CB  . ALA A 1 6  ? -0.570  -16.194 -2.794  1.00 20.19  ? 5   ALA A CB  1 
ATOM   45  N N   . ILE A 1 7  ? 1.061   -13.561 -1.978  1.00 16.88  ? 6   ILE A N   1 
ATOM   46  C CA  . ILE A 1 7  ? 1.168   -12.214 -1.375  1.00 17.01  ? 6   ILE A CA  1 
ATOM   47  C C   . ILE A 1 7  ? 1.672   -11.212 -2.394  1.00 16.45  ? 6   ILE A C   1 
ATOM   48  O O   . ILE A 1 7  ? 1.155   -10.068 -2.481  1.00 17.04  ? 6   ILE A O   1 
ATOM   49  C CB  . ILE A 1 7  ? 1.970   -12.261 -0.054  1.00 17.73  ? 6   ILE A CB  1 
ATOM   50  C CG1 . ILE A 1 7  ? 1.289   -13.123 1.003   1.00 18.03  ? 6   ILE A CG1 1 
ATOM   51  C CG2 . ILE A 1 7  ? 2.251   -10.832 0.467   1.00 17.68  ? 6   ILE A CG2 1 
ATOM   52  C CD1 . ILE A 1 7  ? 2.151   -13.446 2.264   1.00 18.61  ? 6   ILE A CD1 1 
ATOM   53  N N   . ALA A 1 8  ? 2.642   -11.598 -3.222  1.00 17.36  ? 7   ALA A N   1 
ATOM   54  C CA  . ALA A 1 8  ? 3.109   -10.717 -4.259  1.00 17.80  ? 7   ALA A CA  1 
ATOM   55  C C   . ALA A 1 8  ? 1.953   -10.334 -5.218  1.00 18.13  ? 7   ALA A C   1 
ATOM   56  O O   . ALA A 1 8  ? 1.874   -9.143  -5.644  1.00 18.66  ? 7   ALA A O   1 
ATOM   57  C CB  . ALA A 1 8  ? 4.210   -11.381 -5.086  1.00 18.27  ? 7   ALA A CB  1 
ATOM   58  N N   . GLN A 1 9  ? 1.111   -11.294 -5.546  1.00 17.16  ? 8   GLN A N   1 
ATOM   59  C CA  . GLN A 1 9  ? -0.051  -11.025 -6.408  1.00 19.25  ? 8   GLN A CA  1 
ATOM   60  C C   . GLN A 1 9  ? -1.017  -10.050 -5.751  1.00 17.63  ? 8   GLN A C   1 
ATOM   61  O O   . GLN A 1 9  ? -1.539  -9.148  -6.393  1.00 18.42  ? 8   GLN A O   1 
ATOM   62  C CB  . GLN A 1 9  ? -0.718  -12.341 -6.835  1.00 20.11  ? 8   GLN A CB  1 
ATOM   63  C CG  . GLN A 1 9  ? 0.148   -13.180 -7.775  1.00 21.44  ? 8   GLN A CG  1 
ATOM   64  C CD  . GLN A 1 9  ? -0.393  -14.563 -8.051  1.00 29.15  ? 8   GLN A CD  1 
ATOM   65  O OE1 . GLN A 1 9  ? -1.206  -15.089 -7.278  1.00 33.66  ? 8   GLN A OE1 1 
ATOM   66  N NE2 . GLN A 1 9  ? 0.069   -15.159 -9.161  1.00 38.47  ? 8   GLN A NE2 1 
ATOM   67  N N   . GLU A 1 10 ? -1.199  -10.187 -4.427  1.00 16.96  ? 9   GLU A N   1 
ATOM   68  C CA  . GLU A 1 10 ? -2.030  -9.242  -3.694  1.00 15.71  ? 9   GLU A CA  1 
ATOM   69  C C   . GLU A 1 10 ? -1.444  -7.824  -3.787  1.00 16.02  ? 9   GLU A C   1 
ATOM   70  O O   . GLU A 1 10 ? -2.204  -6.828  -4.016  1.00 17.11  ? 9   GLU A O   1 
ATOM   71  C CB  . GLU A 1 10 ? -2.160  -9.690  -2.231  1.00 15.65  ? 9   GLU A CB  1 
ATOM   72  C CG  . GLU A 1 10 ? -3.041  -8.797  -1.388  1.00 16.11  ? 9   GLU A CG  1 
ATOM   73  C CD  . GLU A 1 10 ? -3.200  -9.276  0.037   1.00 16.12  ? 9   GLU A CD  1 
ATOM   74  O OE1 . GLU A 1 10 ? -2.492  -10.240 0.471   1.00 16.98  ? 9   GLU A OE1 1 
ATOM   75  O OE2 . GLU A 1 10 ? -4.031  -8.680  0.810   1.00 16.83  ? 9   GLU A OE2 1 
ATOM   76  N N   . LEU A 1 11 ? -0.126  -7.685  -3.573  1.00 17.03  ? 10  LEU A N   1 
ATOM   77  C CA  . LEU A 1 11 ? 0.503   -6.389  -3.662  1.00 16.15  ? 10  LEU A CA  1 
ATOM   78  C C   . LEU A 1 11 ? 0.322   -5.758  -5.057  1.00 17.26  ? 10  LEU A C   1 
ATOM   79  O O   . LEU A 1 11 ? 0.129   -4.545  -5.183  1.00 17.62  ? 10  LEU A O   1 
ATOM   80  C CB  . LEU A 1 11 ? 1.983   -6.426  -3.307  1.00 16.55  ? 10  LEU A CB  1 
ATOM   81  C CG  . LEU A 1 11 ? 2.293   -6.777  -1.846  1.00 16.75  ? 10  LEU A CG  1 
ATOM   82  C CD1 . LEU A 1 11 ? 3.816   -6.832  -1.655  1.00 19.21  ? 10  LEU A CD1 1 
ATOM   83  C CD2 . LEU A 1 11 ? 1.639   -5.825  -0.893  1.00 17.38  ? 10  LEU A CD2 1 
ATOM   84  N N   A LYS A 1 12 ? 0.427   -6.564  -6.121  0.50 16.68  ? 11  LYS A N   1 
ATOM   85  N N   B LYS A 1 12 ? 0.432   -6.557  -6.123  0.50 16.90  ? 11  LYS A N   1 
ATOM   86  C CA  A LYS A 1 12 ? 0.219   -6.047  -7.483  0.50 16.04  ? 11  LYS A CA  1 
ATOM   87  C CA  B LYS A 1 12 ? 0.226   -6.022  -7.486  0.50 20.69  ? 11  LYS A CA  1 
ATOM   88  C C   A LYS A 1 12 ? -1.222  -5.549  -7.635  0.50 16.81  ? 11  LYS A C   1 
ATOM   89  C C   B LYS A 1 12 ? -1.225  -5.565  -7.669  0.50 19.79  ? 11  LYS A C   1 
ATOM   90  O O   A LYS A 1 12 ? -1.473  -4.550  -8.339  0.50 19.08  ? 11  LYS A O   1 
ATOM   91  O O   B LYS A 1 12 ? -1.496  -4.575  -8.373  0.50 21.01  ? 11  LYS A O   1 
ATOM   92  C CB  A LYS A 1 12 ? 0.632   -7.113  -8.496  0.50 17.54  ? 11  LYS A CB  1 
ATOM   93  C CB  B LYS A 1 12 ? 0.649   -7.071  -8.515  0.50 29.13  ? 11  LYS A CB  1 
ATOM   94  C CG  A LYS A 1 12 ? 2.130   -7.394  -8.542  0.50 17.71  ? 11  LYS A CG  1 
ATOM   95  C CG  B LYS A 1 12 ? 2.155   -7.280  -8.634  0.50 52.94  ? 11  LYS A CG  1 
ATOM   96  C CD  A LYS A 1 12 ? 2.468   -8.493  -9.562  0.50 22.63  ? 11  LYS A CD  1 
ATOM   97  C CD  B LYS A 1 12 ? 2.600   -7.709  -10.030 0.50 66.17  ? 11  LYS A CD  1 
ATOM   98  C CE  A LYS A 1 12 ? 2.277   -8.042  -10.989 0.50 36.67  ? 11  LYS A CE  1 
ATOM   99  C CE  B LYS A 1 12 ? 2.702   -9.209  -10.194 0.50 69.80  ? 11  LYS A CE  1 
ATOM   100 N NZ  A LYS A 1 12 ? 3.025   -8.973  -11.830 0.50 59.07  ? 11  LYS A NZ  1 
ATOM   101 N NZ  B LYS A 1 12 ? 3.073   -9.860  -8.915  0.50 60.88  ? 11  LYS A NZ  1 
ATOM   102 N N   . ALA A 1 13 ? -2.174  -6.306  -7.093  1.00 17.83  ? 12  ALA A N   1 
ATOM   103 C CA  . ALA A 1 13 ? -3.591  -5.900  -7.158  1.00 19.32  ? 12  ALA A CA  1 
ATOM   104 C C   . ALA A 1 13 ? -3.827  -4.594  -6.414  1.00 17.98  ? 12  ALA A C   1 
ATOM   105 O O   . ALA A 1 13 ? -4.541  -3.703  -6.896  1.00 18.82  ? 12  ALA A O   1 
ATOM   106 C CB  . ALA A 1 13 ? -4.496  -6.968  -6.650  1.00 17.88  ? 12  ALA A CB  1 
ATOM   107 N N   . ILE A 1 14 ? -3.187  -4.435  -5.277  1.00 17.03  ? 13  ILE A N   1 
ATOM   108 C CA  . ILE A 1 14 ? -3.271  -3.202  -4.517  1.00 15.73  ? 13  ILE A CA  1 
ATOM   109 C C   . ILE A 1 14 ? -2.652  -2.019  -5.296  1.00 17.32  ? 13  ILE A C   1 
ATOM   110 O O   . ILE A 1 14 ? -3.217  -0.918  -5.318  1.00 17.70  ? 13  ILE A O   1 
ATOM   111 C CB  . ILE A 1 14 ? -2.606  -3.345  -3.137  1.00 16.10  ? 13  ILE A CB  1 
ATOM   112 C CG1 . ILE A 1 14 ? -3.332  -4.343  -2.218  1.00 15.91  ? 13  ILE A CG1 1 
ATOM   113 C CG2 . ILE A 1 14 ? -2.495  -1.962  -2.438  1.00 16.88  ? 13  ILE A CG2 1 
ATOM   114 C CD1 . ILE A 1 14 ? -2.559  -4.733  -0.953  1.00 16.37  ? 13  ILE A CD1 1 
ATOM   115 N N   . ALA A 1 15 ? -1.508  -2.260  -5.952  1.00 16.68  ? 14  ALA A N   1 
ATOM   116 C CA  . ALA A 1 15 ? -0.898  -1.254  -6.788  1.00 17.75  ? 14  ALA A CA  1 
ATOM   117 C C   . ALA A 1 15 ? -1.893  -0.715  -7.829  1.00 19.03  ? 14  ALA A C   1 
ATOM   118 O O   . ALA A 1 15 ? -1.961  0.509   -8.047  1.00 19.79  ? 14  ALA A O   1 
ATOM   119 C CB  . ALA A 1 15 ? 0.329   -1.820  -7.427  1.00 18.44  ? 14  ALA A CB  1 
ATOM   120 N N   . LYS A 1 16 ? -2.617  -1.635  -8.496  1.00 18.12  ? 15  LYS A N   1 
ATOM   121 C CA  . LYS A 1 16 ? -3.598  -1.214  -9.463  1.00 20.65  ? 15  LYS A CA  1 
ATOM   122 C C   . LYS A 1 16 ? -4.698  -0.393  -8.791  1.00 20.99  ? 15  LYS A C   1 
ATOM   123 O O   . LYS A 1 16 ? -5.146  0.658   -9.361  1.00 21.32  ? 15  LYS A O   1 
ATOM   124 C CB  . LYS A 1 16 ? -4.174  -2.406  -10.241 1.00 22.81  ? 15  LYS A CB  1 
ATOM   125 C CG  . LYS A 1 16 ? -3.177  -3.051  -11.190 1.00 28.27  ? 15  LYS A CG  1 
ATOM   126 C CD  . LYS A 1 16 ? -3.678  -4.332  -11.886 1.00 34.16  ? 15  LYS A CD  1 
ATOM   127 C CE  . LYS A 1 16 ? -2.560  -5.006  -12.654 1.00 44.83  ? 15  LYS A CE  1 
ATOM   128 N NZ  . LYS A 1 16 ? -2.941  -5.445  -14.015 1.00 68.70  ? 15  LYS A NZ  1 
ATOM   129 N N   . GLU A 1 17 ? -5.127  -0.812  -7.609  1.00 18.23  ? 16  GLU A N   1 
ATOM   130 C CA  . GLU A 1 17 ? -6.146  -0.003  -6.900  1.00 18.49  ? 16  GLU A CA  1 
ATOM   131 C C   . GLU A 1 17 ? -5.651  1.417   -6.554  1.00 18.99  ? 16  GLU A C   1 
ATOM   132 O O   . GLU A 1 17 ? -6.396  2.435   -6.671  1.00 20.35  ? 16  GLU A O   1 
ATOM   133 C CB  . GLU A 1 17 ? -6.596  -0.711  -5.620  1.00 18.97  ? 16  GLU A CB  1 
ATOM   134 C CG  . GLU A 1 17 ? -7.399  -1.953  -5.867  1.00 18.50  ? 16  GLU A CG  1 
ATOM   135 C CD  . GLU A 1 17 ? -7.701  -2.766  -4.632  1.00 18.68  ? 16  GLU A CD  1 
ATOM   136 O OE1 . GLU A 1 17 ? -6.930  -2.679  -3.616  1.00 20.43  ? 16  GLU A OE1 1 
ATOM   137 O OE2 . GLU A 1 17 ? -8.683  -3.524  -4.630  1.00 25.80  ? 16  GLU A OE2 1 
ATOM   138 N N   . LEU A 1 18 ? -4.395  1.572   -6.161  1.00 18.98  ? 17  LEU A N   1 
ATOM   139 C CA  . LEU A 1 18 ? -3.842  2.873   -5.854  1.00 18.23  ? 17  LEU A CA  1 
ATOM   140 C C   . LEU A 1 18 ? -3.771  3.772   -7.075  1.00 19.70  ? 17  LEU A C   1 
ATOM   141 O O   . LEU A 1 18 ? -4.071  4.970   -6.970  1.00 20.70  ? 17  LEU A O   1 
ATOM   142 C CB  . LEU A 1 18 ? -2.467  2.732   -5.225  1.00 17.65  ? 17  LEU A CB  1 
ATOM   143 C CG  . LEU A 1 18 ? -2.436  2.093   -3.838  1.00 17.46  ? 17  LEU A CG  1 
ATOM   144 C CD1 . LEU A 1 18 ? -1.012  2.106   -3.297  1.00 20.56  ? 17  LEU A CD1 1 
ATOM   145 C CD2 . LEU A 1 18 ? -3.344  2.775   -2.832  1.00 19.25  ? 17  LEU A CD2 1 
ATOM   146 N N   . LYS A 1 19 ? -3.386  3.237   -8.213  1.00 20.25  ? 18  LYS A N   1 
ATOM   147 C CA  . LYS A 1 19 ? -3.364  4.021   -9.461  1.00 21.49  ? 18  LYS A CA  1 
ATOM   148 C C   . LYS A 1 19 ? -4.766  4.490   -9.833  1.00 21.47  ? 18  LYS A C   1 
ATOM   149 O O   . LYS A 1 19 ? -4.916  5.645   -10.286 1.00 25.26  ? 18  LYS A O   1 
ATOM   150 C CB  . LYS A 1 19 ? -2.717  3.248   -10.596 1.00 22.61  ? 18  LYS A CB  1 
ATOM   151 C CG  . LYS A 1 19 ? -1.232  2.995   -10.451 1.00 25.72  ? 18  LYS A CG  1 
ATOM   152 C CD  . LYS A 1 19 ? -0.605  2.282   -11.604 1.00 34.91  ? 18  LYS A CD  1 
ATOM   153 C CE  . LYS A 1 19 ? 0.900   2.061   -11.510 1.00 43.97  ? 18  LYS A CE  1 
ATOM   154 N NZ  . LYS A 1 19 ? 1.440   1.479   -12.782 1.00 79.09  ? 18  LYS A NZ  1 
ATOM   155 N N   . ALA A 1 20 ? -5.778  3.645   -9.643  1.00 21.57  ? 19  ALA A N   1 
ATOM   156 C CA  . ALA A 1 20 ? -7.122  4.008   -9.929  1.00 24.42  ? 19  ALA A CA  1 
ATOM   157 C C   . ALA A 1 20 ? -7.564  5.173   -9.021  1.00 24.05  ? 19  ALA A C   1 
ATOM   158 O O   . ALA A 1 20 ? -8.284  6.109   -9.517  1.00 30.09  ? 19  ALA A O   1 
ATOM   159 C CB  . ALA A 1 20 ? -8.045  2.812   -9.861  1.00 26.76  ? 19  ALA A CB  1 
ATOM   160 N N   . ILE A 1 21 ? -7.238  5.105   -7.725  1.00 22.04  ? 20  ILE A N   1 
ATOM   161 C CA  . ILE A 1 21 ? -7.632  6.160   -6.759  1.00 22.71  ? 20  ILE A CA  1 
ATOM   162 C C   . ILE A 1 21 ? -6.968  7.462   -7.183  1.00 23.48  ? 20  ILE A C   1 
ATOM   163 O O   . ILE A 1 21 ? -7.613  8.529   -7.139  1.00 28.60  ? 20  ILE A O   1 
ATOM   164 C CB  . ILE A 1 21 ? -7.232  5.756   -5.306  1.00 23.58  ? 20  ILE A CB  1 
ATOM   165 C CG1 . ILE A 1 21 ? -8.074  4.597   -4.841  1.00 24.18  ? 20  ILE A CG1 1 
ATOM   166 C CG2 . ILE A 1 21 ? -7.386  6.968   -4.362  1.00 24.18  ? 20  ILE A CG2 1 
ATOM   167 C CD1 . ILE A 1 21 ? -7.560  3.962   -3.548  1.00 25.06  ? 20  ILE A CD1 1 
ATOM   168 N N   . ALA A 1 22 ? -5.702  7.404   -7.638  1.00 23.29  ? 21  ALA A N   1 
ATOM   169 C CA  . ALA A 1 22 ? -5.003  8.610   -8.010  1.00 24.07  ? 21  ALA A CA  1 
ATOM   170 C C   . ALA A 1 22 ? -5.785  9.385   -9.085  1.00 26.76  ? 21  ALA A C   1 
ATOM   171 O O   . ALA A 1 22 ? -5.846  10.597  -9.068  1.00 30.23  ? 21  ALA A O   1 
ATOM   172 C CB  . ALA A 1 22 ? -3.658  8.208   -8.561  1.00 23.51  ? 21  ALA A CB  1 
ATOM   173 N N   . TRP A 1 23 ? -6.388  8.646   -9.997  1.00 28.87  ? 22  TRP A N   1 
ATOM   174 C CA  . TRP A 1 23 ? -7.088  9.317   -11.133 1.00 157.50 ? 22  TRP A CA  1 
ATOM   175 C C   . TRP A 1 23 ? -8.610  9.592   -10.948 1.00 70.25  ? 22  TRP A C   1 
ATOM   176 O O   . TRP A 1 23 ? -9.301  10.086  -11.811 1.00 51.87  ? 22  TRP A O   1 
ATOM   177 C CB  . TRP A 1 23 ? -6.797  8.400   -12.291 1.00 34.84  ? 22  TRP A CB  1 
ATOM   178 C CG  . TRP A 1 23 ? -5.418  8.480   -12.852 1.00 28.56  ? 22  TRP A CG  1 
ATOM   179 C CD1 . TRP A 1 23 ? -4.398  7.589   -12.696 1.00 29.83  ? 22  TRP A CD1 1 
ATOM   180 C CD2 . TRP A 1 23 ? -4.874  9.571   -13.647 1.00 31.28  ? 22  TRP A CD2 1 
ATOM   181 N NE1 . TRP A 1 23 ? -3.252  8.066   -13.289 1.00 31.66  ? 22  TRP A NE1 1 
ATOM   182 C CE2 . TRP A 1 23 ? -3.513  9.292   -13.872 1.00 29.55  ? 22  TRP A CE2 1 
ATOM   183 C CE3 . TRP A 1 23 ? -5.392  10.773  -14.161 1.00 28.41  ? 22  TRP A CE3 1 
ATOM   184 C CZ2 . TRP A 1 23 ? -2.691  10.135  -14.631 1.00 29.42  ? 22  TRP A CZ2 1 
ATOM   185 C CZ3 . TRP A 1 23 ? -4.579  11.619  -14.883 1.00 33.05  ? 22  TRP A CZ3 1 
ATOM   186 C CH2 . TRP A 1 23 ? -3.231  11.301  -15.125 1.00 27.08  ? 22  TRP A CH2 1 
ATOM   187 N N   . GLU A 1 24 ? -9.222  9.235   -9.829  1.00 53.80  ? 23  GLU A N   1 
ATOM   188 C CA  . GLU A 1 24 ? -10.659 9.582   -9.627  1.00 138.28 ? 23  GLU A CA  1 
ATOM   189 C C   . GLU A 1 24 ? -10.744 11.070  -9.263  1.00 92.71  ? 23  GLU A C   1 
ATOM   190 O O   . GLU A 1 24 ? -9.718  11.681  -8.973  1.00 56.26  ? 23  GLU A O   1 
ATOM   191 C CB  . GLU A 1 24 ? -11.318 8.681   -8.584  1.00 107.97 ? 23  GLU A CB  1 
ATOM   192 C CG  . GLU A 1 24 ? -10.365 8.162   -7.544  1.00 102.49 ? 23  GLU A CG  1 
ATOM   193 C CD  . GLU A 1 24 ? -11.043 7.604   -6.315  1.00 86.75  ? 23  GLU A CD  1 
ATOM   194 O OE1 . GLU A 1 24 ? -11.189 8.370   -5.361  1.00 69.84  ? 23  GLU A OE1 1 
ATOM   195 O OE2 . GLU A 1 24 ? -11.408 6.414   -6.320  1.00 60.21  ? 23  GLU A OE2 1 
ATOM   196 N N   . ASP A 1 25 ? -11.978 11.592  -9.184  1.00 132.65 ? 24  ASP A N   1 
ATOM   197 C CA  . ASP A 1 25 ? -12.275 12.972  -8.792  1.00 124.56 ? 24  ASP A CA  1 
ATOM   198 C C   . ASP A 1 25 ? -12.071 13.142  -7.280  1.00 114.14 ? 24  ASP A C   1 
ATOM   199 O O   . ASP A 1 25 ? -12.026 14.262  -6.766  1.00 84.00  ? 24  ASP A O   1 
ATOM   200 C CB  . ASP A 1 25 ? -13.706 13.346  -9.184  1.00 140.43 ? 24  ASP A CB  1 
ATOM   201 C CG  . ASP A 1 25 ? -13.970 13.272  -10.681 1.00 140.69 ? 24  ASP A CG  1 
ATOM   202 O OD1 . ASP A 1 25 ? -13.045 13.659  -11.468 1.00 113.22 ? 24  ASP A OD1 1 
ATOM   203 O OD2 . ASP A 1 25 ? -15.079 12.845  -11.057 1.00 117.16 ? 24  ASP A OD2 1 
HETATM 204 C C   . ACE B 1 1  ? 16.028  -9.535  10.196  0.50 25.81  ? 0   ACE B C   1 
HETATM 205 O O   . ACE B 1 1  ? 15.284  -10.505 10.213  0.50 26.21  ? 0   ACE B O   1 
HETATM 206 C CH3 . ACE B 1 1  ? 16.314  -8.678  11.410  0.50 25.91  ? 0   ACE B CH3 1 
ATOM   207 N N   . GLY B 1 2  ? 16.530  -9.173  8.997   1.00 37.68  ? 1   GLY B N   1 
ATOM   208 C CA  . GLY B 1 2  ? 16.358  -10.026 7.769   1.00 28.98  ? 1   GLY B CA  1 
ATOM   209 C C   . GLY B 1 2  ? 15.492  -9.356  6.719   1.00 25.56  ? 1   GLY B C   1 
ATOM   210 O O   . GLY B 1 2  ? 14.837  -8.387  6.962   1.00 22.66  ? 1   GLY B O   1 
ATOM   211 N N   . GLU B 1 3  ? 15.498  -9.891  5.506   1.00 23.48  ? 2   GLU B N   1 
ATOM   212 C CA  . GLU B 1 3  ? 14.862  -9.222  4.358   1.00 21.15  ? 2   GLU B CA  1 
ATOM   213 C C   . GLU B 1 3  ? 13.343  -9.149  4.518   1.00 21.01  ? 2   GLU B C   1 
ATOM   214 O O   . GLU B 1 3  ? 12.766  -8.073  4.315   1.00 19.36  ? 2   GLU B O   1 
ATOM   215 C CB  . GLU B 1 3  ? 15.229  -9.912  3.032   1.00 22.32  ? 2   GLU B CB  1 
ATOM   216 C CG  . GLU B 1 3  ? 14.698  -9.192  1.828   1.00 22.58  ? 2   GLU B CG  1 
ATOM   217 C CD  . GLU B 1 3  ? 15.111  -9.730  0.468   1.00 25.03  ? 2   GLU B CD  1 
ATOM   218 O OE1 . GLU B 1 3  ? 15.915  -10.700 0.411   1.00 28.26  ? 2   GLU B OE1 1 
ATOM   219 O OE2 . GLU B 1 3  ? 14.575  -9.128  -0.555  1.00 26.00  ? 2   GLU B OE2 1 
ATOM   220 N N   . LEU B 1 4  ? 12.695  -10.248 4.890   1.00 21.38  ? 3   LEU B N   1 
ATOM   221 C CA  . LEU B 1 4  ? 11.263  -10.189 5.110   1.00 20.37  ? 3   LEU B CA  1 
ATOM   222 C C   . LEU B 1 4  ? 10.899  -9.204  6.241   1.00 19.53  ? 3   LEU B C   1 
ATOM   223 O O   . LEU B 1 4  ? 9.883   -8.521  6.078   1.00 19.12  ? 3   LEU B O   1 
ATOM   224 C CB  . LEU B 1 4  ? 10.683  -11.565 5.420   1.00 22.20  ? 3   LEU B CB  1 
ATOM   225 C CG  . LEU B 1 4  ? 10.552  -12.494 4.244   1.00 21.26  ? 3   LEU B CG  1 
ATOM   226 C CD1 . LEU B 1 4  ? 10.137  -13.916 4.678   1.00 27.22  ? 3   LEU B CD1 1 
ATOM   227 C CD2 . LEU B 1 4  ? 9.580   -11.962 3.207   1.00 23.13  ? 3   LEU B CD2 1 
ATOM   228 N N   . LYS B 1 5  ? 11.618  -9.192  7.361   1.00 19.52  ? 4   LYS B N   1 
ATOM   229 C CA  . LYS B 1 5  ? 11.421  -8.225  8.504   1.00 27.82  ? 4   LYS B CA  1 
ATOM   230 C C   . LYS B 1 5  ? 11.512  -6.818  7.888   1.00 19.50  ? 4   LYS B C   1 
ATOM   231 O O   . LYS B 1 5  ? 10.642  -5.955  8.195   1.00 20.70  ? 4   LYS B O   1 
ATOM   232 C CB  . LYS B 1 5  ? 12.404  -8.475  9.671   1.00 97.13  ? 4   LYS B CB  1 
ATOM   233 C CG  . LYS B 1 5  ? 11.793  -9.103  10.924  1.00 312.36 ? 4   LYS B CG  1 
ATOM   234 C CD  . LYS B 1 5  ? 12.341  -8.544  12.237  1.00 426.08 ? 4   LYS B CD  1 
ATOM   235 C CE  . LYS B 1 5  ? 11.280  -8.242  13.281  1.00 476.71 ? 4   LYS B CE  1 
ATOM   236 N NZ  . LYS B 1 5  ? 10.907  -6.807  13.308  1.00 329.43 ? 4   LYS B NZ  1 
ATOM   237 N N   . ALA B 1 6  ? 12.484  -6.545  7.029   1.00 18.24  ? 5   ALA B N   1 
ATOM   238 C CA  . ALA B 1 6  ? 12.663  -5.192  6.512   1.00 17.77  ? 5   ALA B CA  1 
ATOM   239 C C   . ALA B 1 6  ? 11.544  -4.800  5.543   1.00 17.65  ? 5   ALA B C   1 
ATOM   240 O O   . ALA B 1 6  ? 11.017  -3.645  5.559   1.00 17.62  ? 5   ALA B O   1 
ATOM   241 C CB  . ALA B 1 6  ? 13.998  -5.025  5.813   1.00 19.23  ? 5   ALA B CB  1 
ATOM   242 N N   . ILE B 1 7  ? 11.068  -5.757  4.750   1.00 17.68  ? 6   ILE B N   1 
ATOM   243 C CA  . ILE B 1 7  ? 9.922   -5.537  3.853   1.00 16.17  ? 6   ILE B CA  1 
ATOM   244 C C   . ILE B 1 7  ? 8.658   -5.345  4.664   1.00 17.84  ? 6   ILE B C   1 
ATOM   245 O O   . ILE B 1 7  ? 7.841   -4.427  4.377   1.00 16.48  ? 6   ILE B O   1 
ATOM   246 C CB  . ILE B 1 7  ? 9.801   -6.656  2.822   1.00 17.77  ? 6   ILE B CB  1 
ATOM   247 C CG1 . ILE B 1 7  ? 10.970  -6.597  1.835   1.00 17.88  ? 6   ILE B CG1 1 
ATOM   248 C CG2 . ILE B 1 7  ? 8.451   -6.581  2.112   1.00 18.17  ? 6   ILE B CG2 1 
ATOM   249 C CD1 . ILE B 1 7  ? 11.083  -7.856  0.924   1.00 20.82  ? 6   ILE B CD1 1 
ATOM   250 N N   . ALA B 1 8  ? 8.476   -6.044  5.759   1.00 17.72  ? 7   ALA B N   1 
ATOM   251 C CA  . ALA B 1 8  ? 7.330   -5.824  6.633   1.00 17.41  ? 7   ALA B CA  1 
ATOM   252 C C   . ALA B 1 8  ? 7.323   -4.391  7.171   1.00 16.74  ? 7   ALA B C   1 
ATOM   253 O O   . ALA B 1 8  ? 6.265   -3.755  7.208   1.00 17.42  ? 7   ALA B O   1 
ATOM   254 C CB  . ALA B 1 8  ? 7.344   -6.816  7.780   1.00 18.59  ? 7   ALA B CB  1 
ATOM   255 N N   A GLN B 1 9  ? 8.497   -3.900  7.593   0.50 16.28  ? 8   GLN B N   1 
ATOM   256 N N   B GLN B 1 9  ? 8.452   -3.898  7.659   0.50 16.39  ? 8   GLN B N   1 
ATOM   257 C CA  A GLN B 1 9  ? 8.594   -2.500  8.132   0.50 16.92  ? 8   GLN B CA  1 
ATOM   258 C CA  B GLN B 1 9  ? 8.473   -2.515  8.188   0.50 18.67  ? 8   GLN B CA  1 
ATOM   259 C C   A GLN B 1 9  ? 8.199   -1.523  7.022   0.50 16.53  ? 8   GLN B C   1 
ATOM   260 C C   B GLN B 1 9  ? 8.127   -1.560  7.029   0.50 16.90  ? 8   GLN B C   1 
ATOM   261 O O   A GLN B 1 9  ? 7.505   -0.529  7.266   0.50 16.90  ? 8   GLN B O   1 
ATOM   262 O O   B GLN B 1 9  ? 7.350   -0.607  7.258   0.50 17.47  ? 8   GLN B O   1 
ATOM   263 C CB  A GLN B 1 9  ? 9.987   -2.109  8.659   0.50 16.56  ? 8   GLN B CB  1 
ATOM   264 C CB  B GLN B 1 9  ? 9.840   -2.250  8.845   0.50 23.07  ? 8   GLN B CB  1 
ATOM   265 C CG  A GLN B 1 9  ? 10.044  -0.679  9.291   0.50 16.35  ? 8   GLN B CG  1 
ATOM   266 C CG  B GLN B 1 9  ? 10.238  -3.290  9.894   0.50 33.25  ? 8   GLN B CG  1 
ATOM   267 C CD  A GLN B 1 9  ? 10.022  0.528   8.348   0.50 15.26  ? 8   GLN B CD  1 
ATOM   268 C CD  B GLN B 1 9  ? 10.928  -2.830  11.160  0.50 51.08  ? 8   GLN B CD  1 
ATOM   269 O OE1 A GLN B 1 9  ? 9.254   1.516   8.604   0.50 15.97  ? 8   GLN B OE1 1 
ATOM   270 O OE1 B GLN B 1 9  ? 12.068  -3.214  11.470  0.50 33.64  ? 8   GLN B OE1 1 
ATOM   271 N NE2 A GLN B 1 9  ? 10.810  0.498   7.238   0.50 14.33  ? 8   GLN B NE2 1 
ATOM   272 N NE2 B GLN B 1 9  ? 10.184  -2.095  11.972  0.50 55.14  ? 8   GLN B NE2 1 
ATOM   273 N N   . GLU B 1 10 ? 8.639   -1.814  5.796   1.00 16.33  ? 9   GLU B N   1 
ATOM   274 C CA  . GLU B 1 10 ? 8.347   -0.928  4.647   1.00 16.57  ? 9   GLU B CA  1 
ATOM   275 C C   . GLU B 1 10 ? 6.844   -0.915  4.410   1.00 15.86  ? 9   GLU B C   1 
ATOM   276 O O   . GLU B 1 10 ? 6.258   0.177   4.147   1.00 16.53  ? 9   GLU B O   1 
ATOM   277 C CB  . GLU B 1 10 ? 9.120   -1.467  3.444   1.00 15.68  ? 9   GLU B CB  1 
ATOM   278 C CG  . GLU B 1 10 ? 8.892   -0.650  2.179   1.00 15.20  ? 9   GLU B CG  1 
ATOM   279 C CD  . GLU B 1 10 ? 9.739   -1.139  1.005   1.00 14.91  ? 9   GLU B CD  1 
ATOM   280 O OE1 . GLU B 1 10 ? 10.332  -2.219  1.115   1.00 16.93  ? 9   GLU B OE1 1 
ATOM   281 O OE2 . GLU B 1 10 ? 9.743   -0.462  -0.118  1.00 17.19  ? 9   GLU B OE2 1 
ATOM   282 N N   . LEU B 1 11 ? 6.188   -2.077  4.440   1.00 16.18  ? 10  LEU B N   1 
ATOM   283 C CA  . LEU B 1 11 ? 4.744   -2.112  4.243   1.00 16.45  ? 10  LEU B CA  1 
ATOM   284 C C   . LEU B 1 11 ? 4.000   -1.349  5.329   1.00 17.02  ? 10  LEU B C   1 
ATOM   285 O O   . LEU B 1 11 ? 2.985   -0.685  5.024   1.00 16.60  ? 10  LEU B O   1 
ATOM   286 C CB  . LEU B 1 11 ? 4.239   -3.521  4.135   1.00 16.50  ? 10  LEU B CB  1 
ATOM   287 C CG  . LEU B 1 11 ? 4.693   -4.297  2.896   1.00 16.74  ? 10  LEU B CG  1 
ATOM   288 C CD1 . LEU B 1 11 ? 4.213   -5.758  2.971   1.00 22.33  ? 10  LEU B CD1 1 
ATOM   289 C CD2 . LEU B 1 11 ? 4.210   -3.652  1.625   1.00 18.19  ? 10  LEU B CD2 1 
ATOM   290 N N   . LYS B 1 12 ? 4.403   -1.479  6.585   1.00 16.48  ? 11  LYS B N   1 
ATOM   291 C CA  . LYS B 1 12 ? 3.763   -0.726  7.697   1.00 16.85  ? 11  LYS B CA  1 
ATOM   292 C C   . LYS B 1 12 ? 3.950   0.776   7.458   1.00 16.95  ? 11  LYS B C   1 
ATOM   293 O O   . LYS B 1 12 ? 3.035   1.585   7.738   1.00 18.03  ? 11  LYS B O   1 
ATOM   294 C CB  . LYS B 1 12 ? 4.333   -1.149  9.047   1.00 19.23  ? 11  LYS B CB  1 
ATOM   295 C CG  . LYS B 1 12 ? 3.907   -2.496  9.477   1.00 21.54  ? 11  LYS B CG  1 
ATOM   296 C CD  . LYS B 1 12 ? 4.353   -2.873  10.880  1.00 26.10  ? 11  LYS B CD  1 
ATOM   297 C CE  . LYS B 1 12 ? 3.733   -2.010  11.916  1.00 38.37  ? 11  LYS B CE  1 
ATOM   298 N NZ  . LYS B 1 12 ? 3.971   -2.566  13.272  1.00 42.96  ? 11  LYS B NZ  1 
ATOM   299 N N   . ALA B 1 13 ? 5.123   1.181   6.980   1.00 16.09  ? 12  ALA B N   1 
ATOM   300 C CA  . ALA B 1 13 ? 5.407   2.612   6.697   1.00 16.53  ? 12  ALA B CA  1 
ATOM   301 C C   . ALA B 1 13 ? 4.527   3.086   5.569   1.00 16.97  ? 12  ALA B C   1 
ATOM   302 O O   . ALA B 1 13 ? 3.975   4.205   5.625   1.00 17.31  ? 12  ALA B O   1 
ATOM   303 C CB  . ALA B 1 13 ? 6.870   2.789   6.340   1.00 17.61  ? 12  ALA B CB  1 
ATOM   304 N N   . ILE B 1 14 ? 4.322   2.261   4.534   1.00 15.79  ? 13  ILE B N   1 
ATOM   305 C CA  . ILE B 1 14 ? 3.445   2.624   3.416   1.00 15.85  ? 13  ILE B CA  1 
ATOM   306 C C   . ILE B 1 14 ? 2.000   2.778   3.928   1.00 16.18  ? 13  ILE B C   1 
ATOM   307 O O   . ILE B 1 14 ? 1.312   3.739   3.518   1.00 16.86  ? 13  ILE B O   1 
ATOM   308 C CB  . ILE B 1 14 ? 3.516   1.613   2.275   1.00 16.34  ? 13  ILE B CB  1 
ATOM   309 C CG1 . ILE B 1 14 ? 4.897   1.647   1.587   1.00 16.27  ? 13  ILE B CG1 1 
ATOM   310 C CG2 . ILE B 1 14 ? 2.420   1.893   1.255   1.00 16.82  ? 13  ILE B CG2 1 
ATOM   311 C CD1 . ILE B 1 14 ? 5.165   0.483   0.665   1.00 17.17  ? 13  ILE B CD1 1 
ATOM   312 N N   . ALA B 1 15 ? 1.579   1.879   4.799   1.00 16.28  ? 14  ALA B N   1 
ATOM   313 C CA  . ALA B 1 15 ? 0.217   2.003   5.370   1.00 16.46  ? 14  ALA B CA  1 
ATOM   314 C C   . ALA B 1 15 ? 0.039   3.369   6.056   1.00 17.17  ? 14  ALA B C   1 
ATOM   315 O O   . ALA B 1 15 ? -1.010  4.018   5.851   1.00 17.94  ? 14  ALA B O   1 
ATOM   316 C CB  . ALA B 1 15 ? -0.011  0.890   6.350   1.00 16.83  ? 14  ALA B CB  1 
ATOM   317 N N   A LYS B 1 16 ? 1.014   3.805   6.863   0.50 16.58  ? 15  LYS B N   1 
ATOM   318 N N   B LYS B 1 16 ? 1.024   3.797   6.857   0.50 16.55  ? 15  LYS B N   1 
ATOM   319 C CA  A LYS B 1 16 ? 0.910   5.108   7.578   0.50 17.64  ? 15  LYS B CA  1 
ATOM   320 C CA  B LYS B 1 16 ? 0.989   5.092   7.574   0.50 19.06  ? 15  LYS B CA  1 
ATOM   321 C C   A LYS B 1 16 ? 0.909   6.225   6.525   0.50 17.60  ? 15  LYS B C   1 
ATOM   322 C C   B LYS B 1 16 ? 0.926   6.224   6.547   0.50 17.65  ? 15  LYS B C   1 
ATOM   323 O O   A LYS B 1 16 ? 0.183   7.203   6.650   0.50 18.75  ? 15  LYS B O   1 
ATOM   324 O O   B LYS B 1 16 ? 0.160   7.189   6.734   0.50 20.10  ? 15  LYS B O   1 
ATOM   325 C CB  A LYS B 1 16 ? 2.022   5.274   8.626   0.50 24.32  ? 15  LYS B CB  1 
ATOM   326 C CB  B LYS B 1 16 ? 2.205   5.229   8.492   0.50 20.23  ? 15  LYS B CB  1 
ATOM   327 C CG  A LYS B 1 16 ? 1.923   4.368   9.846   0.50 38.67  ? 15  LYS B CG  1 
ATOM   328 C CG  B LYS B 1 16 ? 2.138   4.431   9.778   0.50 26.73  ? 15  LYS B CG  1 
ATOM   329 C CD  A LYS B 1 16 ? 3.185   4.306   10.727  0.50 44.14  ? 15  LYS B CD  1 
ATOM   330 C CD  B LYS B 1 16 ? 3.318   4.614   10.726  0.50 30.21  ? 15  LYS B CD  1 
ATOM   331 C CE  A LYS B 1 16 ? 3.381   5.500   11.632  0.50 50.19  ? 15  LYS B CE  1 
ATOM   332 C CE  B LYS B 1 16 ? 3.385   6.012   11.296  0.50 52.79  ? 15  LYS B CE  1 
ATOM   333 N NZ  A LYS B 1 16 ? 4.777   5.574   12.136  0.50 26.30  ? 15  LYS B NZ  1 
ATOM   334 N NZ  B LYS B 1 16 ? 3.767   7.002   10.258  0.50 40.73  ? 15  LYS B NZ  1 
ATOM   335 N N   . GLU B 1 17 ? 1.683   6.073   5.457   1.00 17.02  ? 16  GLU B N   1 
ATOM   336 C CA  . GLU B 1 17 ? 1.724   7.103   4.406   1.00 17.07  ? 16  GLU B CA  1 
ATOM   337 C C   . GLU B 1 17 ? 0.397   7.185   3.660   1.00 16.85  ? 16  GLU B C   1 
ATOM   338 O O   . GLU B 1 17 ? -0.093  8.315   3.402   1.00 19.24  ? 16  GLU B O   1 
ATOM   339 C CB  . GLU B 1 17 ? 2.902   6.774   3.473   1.00 17.17  ? 16  GLU B CB  1 
ATOM   340 C CG  . GLU B 1 17 ? 4.256   7.093   4.132   1.00 19.24  ? 16  GLU B CG  1 
ATOM   341 C CD  . GLU B 1 17 ? 5.462   6.266   3.749   1.00 18.52  ? 16  GLU B CD  1 
ATOM   342 O OE1 . GLU B 1 17 ? 5.405   5.487   2.724   1.00 17.30  ? 16  GLU B OE1 1 
ATOM   343 O OE2 . GLU B 1 17 ? 6.498   6.415   4.469   1.00 19.17  ? 16  GLU B OE2 1 
ATOM   344 N N   . LEU B 1 18 ? -0.263  6.077   3.385   1.00 17.05  ? 17  LEU B N   1 
ATOM   345 C CA  . LEU B 1 18 ? -1.563  6.081   2.771   1.00 17.07  ? 17  LEU B CA  1 
ATOM   346 C C   . LEU B 1 18 ? -2.630  6.717   3.667   1.00 18.68  ? 17  LEU B C   1 
ATOM   347 O O   . LEU B 1 18 ? -3.496  7.445   3.142   1.00 20.81  ? 17  LEU B O   1 
ATOM   348 C CB  . LEU B 1 18 ? -1.983  4.675   2.388   1.00 18.37  ? 17  LEU B CB  1 
ATOM   349 C CG  . LEU B 1 18 ? -1.224  4.025   1.254   1.00 17.98  ? 17  LEU B CG  1 
ATOM   350 C CD1 . LEU B 1 18 ? -1.778  2.640   1.040   1.00 21.31  ? 17  LEU B CD1 1 
ATOM   351 C CD2 . LEU B 1 18 ? -1.226  4.827   -0.059  1.00 18.30  ? 17  LEU B CD2 1 
ATOM   352 N N   . LYS B 1 19 ? -2.592  6.458   4.975   1.00 18.31  ? 18  LYS B N   1 
ATOM   353 C CA  . LYS B 1 19 ? -3.543  7.125   5.875   1.00 18.61  ? 18  LYS B CA  1 
ATOM   354 C C   . LYS B 1 19 ? -3.294  8.621   5.924   1.00 20.29  ? 18  LYS B C   1 
ATOM   355 O O   . LYS B 1 19 ? -4.289  9.386   6.051   1.00 22.69  ? 18  LYS B O   1 
ATOM   356 C CB  . LYS B 1 19 ? -3.442  6.490   7.276   1.00 22.53  ? 18  LYS B CB  1 
ATOM   357 C CG  . LYS B 1 19 ? -4.005  5.102   7.293   1.00 25.74  ? 18  LYS B CG  1 
ATOM   358 C CD  . LYS B 1 19 ? -4.087  4.447   8.656   1.00 27.39  ? 18  LYS B CD  1 
ATOM   359 C CE  . LYS B 1 19 ? -2.773  4.050   9.262   0.50 22.51  ? 18  LYS B CE  1 
ATOM   360 N NZ  . LYS B 1 19 ? -3.041  3.258   10.482  0.50 22.99  ? 18  LYS B NZ  1 
ATOM   361 N N   . ALA B 1 20 ? -2.053  9.062   5.883   1.00 19.50  ? 19  ALA B N   1 
ATOM   362 C CA  . ALA B 1 20 ? -1.783  10.481  5.886   1.00 20.87  ? 19  ALA B CA  1 
ATOM   363 C C   . ALA B 1 20 ? -2.366  11.123  4.618   1.00 20.58  ? 19  ALA B C   1 
ATOM   364 O O   . ALA B 1 20 ? -2.921  12.254  4.696   1.00 23.65  ? 19  ALA B O   1 
ATOM   365 C CB  . ALA B 1 20 ? -0.312  10.790  6.097   1.00 21.87  ? 19  ALA B CB  1 
ATOM   366 N N   . ILE B 1 21 ? -2.201  10.454  3.470   1.00 20.78  ? 20  ILE B N   1 
ATOM   367 C CA  . ILE B 1 21 ? -2.745  10.963  2.192   1.00 22.43  ? 20  ILE B CA  1 
ATOM   368 C C   . ILE B 1 21 ? -4.268  11.037  2.292   1.00 20.82  ? 20  ILE B C   1 
ATOM   369 O O   . ILE B 1 21 ? -4.898  12.046  1.930   1.00 23.48  ? 20  ILE B O   1 
ATOM   370 C CB  . ILE B 1 21 ? -2.272  10.084  1.032   1.00 21.87  ? 20  ILE B CB  1 
ATOM   371 C CG1 . ILE B 1 21 ? -0.775  10.272  0.813   1.00 22.49  ? 20  ILE B CG1 1 
ATOM   372 C CG2 . ILE B 1 21 ? -3.101  10.396  -0.231  1.00 24.26  ? 20  ILE B CG2 1 
ATOM   373 C CD1 . ILE B 1 21 ? -0.160  9.233   -0.150  1.00 22.83  ? 20  ILE B CD1 1 
ATOM   374 N N   . ALA B 1 22 ? -4.857  9.934   2.812   1.00 22.37  ? 21  ALA B N   1 
ATOM   375 C CA  . ALA B 1 22 ? -6.311  9.906   2.921   1.00 23.41  ? 21  ALA B CA  1 
ATOM   376 C C   . ALA B 1 22 ? -6.814  11.054  3.813   1.00 25.70  ? 21  ALA B C   1 
ATOM   377 O O   . ALA B 1 22 ? -7.842  11.685  3.487   1.00 27.91  ? 21  ALA B O   1 
ATOM   378 C CB  . ALA B 1 22 ? -6.786  8.596   3.480   1.00 21.05  ? 21  ALA B CB  1 
ATOM   379 N N   . TRP B 1 23 ? -6.083  11.353  4.895   1.00 23.26  ? 22  TRP B N   1 
ATOM   380 C CA  . TRP B 1 23 ? -6.508  12.399  5.797   1.00 25.31  ? 22  TRP B CA  1 
ATOM   381 C C   . TRP B 1 23 ? -6.391  13.796  5.136   1.00 29.04  ? 22  TRP B C   1 
ATOM   382 O O   . TRP B 1 23 ? -7.336  14.584  5.316   1.00 29.29  ? 22  TRP B O   1 
ATOM   383 C CB  . TRP B 1 23 ? -5.754  12.322  7.136   1.00 25.17  ? 22  TRP B CB  1 
ATOM   384 C CG  . TRP B 1 23 ? -6.269  13.326  8.114   1.00 26.21  ? 22  TRP B CG  1 
ATOM   385 C CD1 . TRP B 1 23 ? -5.690  14.498  8.494   1.00 28.51  ? 22  TRP B CD1 1 
ATOM   386 C CD2 . TRP B 1 23 ? -7.581  13.311  8.685   1.00 26.90  ? 22  TRP B CD2 1 
ATOM   387 N NE1 . TRP B 1 23 ? -6.554  15.224  9.271   1.00 32.52  ? 22  TRP B NE1 1 
ATOM   388 C CE2 . TRP B 1 23 ? -7.720  14.499  9.425   1.00 29.65  ? 22  TRP B CE2 1 
ATOM   389 C CE3 . TRP B 1 23 ? -8.629  12.384  8.661   1.00 29.60  ? 22  TRP B CE3 1 
ATOM   390 C CZ2 . TRP B 1 23 ? -8.900  14.771  10.116  1.00 39.79  ? 22  TRP B CZ2 1 
ATOM   391 C CZ3 . TRP B 1 23 ? -9.777  12.658  9.348   1.00 30.54  ? 22  TRP B CZ3 1 
ATOM   392 C CH2 . TRP B 1 23 ? -9.915  13.843  10.049  1.00 32.52  ? 22  TRP B CH2 1 
ATOM   393 N N   . GLU B 1 24 ? -5.251  14.104  4.449   1.00 34.91  ? 23  GLU B N   1 
ATOM   394 C CA  . GLU B 1 24 ? -4.950  15.371  3.713   1.00 67.65  ? 23  GLU B CA  1 
ATOM   395 C C   . GLU B 1 24 ? -6.132  15.592  2.793   1.00 48.66  ? 23  GLU B C   1 
ATOM   396 O O   . GLU B 1 24 ? -6.661  16.678  2.732   1.00 45.87  ? 23  GLU B O   1 
ATOM   397 C CB  . GLU B 1 24 ? -3.677  15.216  2.881   1.00 133.11 ? 23  GLU B CB  1 
ATOM   398 C CG  . GLU B 1 24 ? -2.710  16.378  2.980   1.00 310.23 ? 23  GLU B CG  1 
ATOM   399 C CD  . GLU B 1 24 ? -1.533  16.077  3.891   1.00 143.39 ? 23  GLU B CD  1 
ATOM   400 O OE1 . GLU B 1 24 ? -0.533  15.481  3.441   1.00 99.91  ? 23  GLU B OE1 1 
ATOM   401 O OE2 . GLU B 1 24 ? -1.639  16.405  5.055   1.00 147.21 ? 23  GLU B OE2 1 
ATOM   402 N N   . ASP B 1 25 ? -6.511  14.506  2.110   1.00 33.37  ? 24  ASP B N   1 
ATOM   403 C CA  . ASP B 1 25 ? -7.503  14.553  1.040   1.00 38.73  ? 24  ASP B CA  1 
ATOM   404 C C   . ASP B 1 25 ? -8.871  14.981  1.586   1.00 53.38  ? 24  ASP B C   1 
ATOM   405 O O   . ASP B 1 25 ? -9.604  15.740  0.904   1.00 52.31  ? 24  ASP B O   1 
ATOM   406 C CB  . ASP B 1 25 ? -7.651  13.229  0.269   1.00 51.05  ? 24  ASP B CB  1 
ATOM   407 C CG  . ASP B 1 25 ? -6.576  12.889  -0.760  1.00 44.85  ? 24  ASP B CG  1 
ATOM   408 O OD1 . ASP B 1 25 ? -5.655  13.718  -1.011  1.00 60.96  ? 24  ASP B OD1 1 
ATOM   409 O OD2 . ASP B 1 25 ? -6.631  11.754  -1.263  1.00 60.14  ? 24  ASP B OD2 1 
ATOM   410 N N   . LYS B 1 26 ? -9.246  14.495  2.760   1.00 68.82  ? 25  LYS B N   1 
ATOM   411 C CA  . LYS B 1 26 ? -10.490 14.842  3.526   1.00 146.38 ? 25  LYS B CA  1 
ATOM   412 C C   . LYS B 1 26 ? -10.537 16.324  3.945   1.00 248.41 ? 25  LYS B C   1 
ATOM   413 O O   . LYS B 1 26 ? -11.501 17.032  3.650   1.00 275.37 ? 25  LYS B O   1 
ATOM   414 C CB  . LYS B 1 26 ? -10.515 14.001  4.804   1.00 134.60 ? 25  LYS B CB  1 
ATOM   415 C CG  . LYS B 1 26 ? -11.236 12.670  4.715   1.00 202.06 ? 25  LYS B CG  1 
ATOM   416 C CD  . LYS B 1 26 ? -11.494 12.093  6.078   1.00 231.82 ? 25  LYS B CD  1 
ATOM   417 C CE  . LYS B 1 26 ? -12.667 12.759  6.759   1.00 223.12 ? 25  LYS B CE  1 
ATOM   418 N NZ  . LYS B 1 26 ? -13.938 12.116  6.359   1.00 309.67 ? 25  LYS B NZ  1 
ATOM   419 N N   . ALA B 1 27 ? -9.513  16.729  4.698   1.00 213.42 ? 26  ALA B N   1 
ATOM   420 C CA  . ALA B 1 27 ? -9.315  18.106  5.068   1.00 215.43 ? 26  ALA B CA  1 
ATOM   421 C C   . ALA B 1 27 ? -9.674  19.005  3.879   1.00 295.26 ? 26  ALA B C   1 
ATOM   422 O O   . ALA B 1 27 ? -10.582 19.824  3.975   1.00 261.59 ? 26  ALA B O   1 
ATOM   423 C CB  . ALA B 1 27 ? -7.888  18.294  5.513   1.00 195.23 ? 26  ALA B CB  1 
ATOM   424 N N   . ILE B 1 28 ? -9.005  18.787  2.742   1.00 142.97 ? 27  ILE B N   1 
ATOM   425 C CA  . ILE B 1 28 ? -9.131  19.635  1.531   1.00 234.72 ? 27  ILE B CA  1 
ATOM   426 C C   . ILE B 1 28 ? -10.518 19.473  0.879   1.00 183.77 ? 27  ILE B C   1 
ATOM   427 O O   . ILE B 1 28 ? -10.955 20.365  0.147   1.00 236.29 ? 27  ILE B O   1 
ATOM   428 C CB  . ILE B 1 28 ? -7.985  19.325  0.548   1.00 293.40 ? 27  ILE B CB  1 
ATOM   429 C CG1 . ILE B 1 28 ? -6.632  19.709  1.153   1.00 234.11 ? 27  ILE B CG1 1 
ATOM   430 C CG2 . ILE B 1 28 ? -8.190  19.973  -0.813  1.00 141.83 ? 27  ILE B CG2 1 
ATOM   431 C CD1 . ILE B 1 28 ? -5.473  18.954  0.566   1.00 87.99  ? 27  ILE B CD1 1 
ATOM   432 N N   . ALA B 1 29 ? -11.197 18.343  1.089   1.00 414.45 ? 28  ALA B N   1 
ATOM   433 C CA  . ALA B 1 29 ? -12.560 18.205  0.574   1.00 372.45 ? 28  ALA B CA  1 
ATOM   434 C C   . ALA B 1 29 ? -13.558 18.203  1.738   1.00 330.36 ? 28  ALA B C   1 
ATOM   435 O O   . ALA B 1 29 ? -13.189 18.645  2.880   1.00 285.40 ? 28  ALA B O   1 
ATOM   436 C CB  . ALA B 1 29 ? -12.668 16.967  -0.272  1.00 169.19 ? 28  ALA B CB  1 
HETATM 437 N N   . NH4 C 2 .  ? -3.465  -10.746 3.103   0.50 16.44  ? 101 NH4 A N   1 
HETATM 438 N N   . NH4 D 2 .  ? -7.555  -4.338  -1.747  1.00 15.19  ? 102 NH4 A N   1 
HETATM 439 S S   . SO4 E 3 .  ? -0.090  5.935   -15.779 0.50 48.52  ? 103 SO4 A S   1 
HETATM 440 O O1  . SO4 E 3 .  ? 0.114   5.621   -17.222 0.50 43.44  ? 103 SO4 A O1  1 
HETATM 441 O O2  . SO4 E 3 .  ? -0.897  5.029   -14.898 0.50 44.54  ? 103 SO4 A O2  1 
HETATM 442 O O3  . SO4 E 3 .  ? 1.175   5.818   -15.059 0.50 74.76  ? 103 SO4 A O3  1 
HETATM 443 O O4  . SO4 E 3 .  ? -0.625  7.305   -15.770 0.50 45.48  ? 103 SO4 A O4  1 
HETATM 444 S S   . SO4 F 3 .  ? 1.607   -12.668 -11.529 0.50 44.33  ? 104 SO4 A S   1 
HETATM 445 O O1  . SO4 F 3 .  ? 2.266   -13.810 -10.799 0.50 45.87  ? 104 SO4 A O1  1 
HETATM 446 O O2  . SO4 F 3 .  ? 0.123   -12.599 -11.331 0.50 49.67  ? 104 SO4 A O2  1 
HETATM 447 O O3  . SO4 F 3 .  ? 2.019   -12.760 -12.961 0.50 54.02  ? 104 SO4 A O3  1 
HETATM 448 O O4  . SO4 F 3 .  ? 1.920   -11.324 -10.919 0.50 61.46  ? 104 SO4 A O4  1 
HETATM 449 O O   . HOH G 4 .  ? -3.281  4.521   -14.390 1.00 50.01  ? 201 HOH A O   1 
HETATM 450 O O   . HOH G 4 .  ? -0.527  -10.231 -10.861 1.00 47.88  ? 202 HOH A O   1 
HETATM 451 O O   . HOH G 4 .  ? -5.872  12.176  -7.065  1.00 58.60  ? 203 HOH A O   1 
HETATM 452 O O   . HOH G 4 .  ? 3.080   -19.903 5.142   0.50 49.66  ? 204 HOH A O   1 
HETATM 453 O O   . HOH G 4 .  ? -3.290  -13.510 -3.307  1.00 23.67  ? 205 HOH A O   1 
HETATM 454 O O   . HOH G 4 .  ? -5.195  0.810   -12.109 1.00 30.48  ? 206 HOH A O   1 
HETATM 455 O O   . HOH G 4 .  ? -2.410  -9.463  -8.991  1.00 25.45  ? 207 HOH A O   1 
HETATM 456 O O   . HOH G 4 .  ? -6.710  -4.465  -8.462  1.00 28.33  ? 208 HOH A O   1 
HETATM 457 O O   . HOH G 4 .  ? 0.882   -19.112 -5.226  1.00 31.56  ? 209 HOH A O   1 
HETATM 458 O O   . HOH G 4 .  ? 0.217   -3.939  -10.489 1.00 33.75  ? 210 HOH A O   1 
HETATM 459 O O   . HOH G 4 .  ? 3.857   -22.126 -6.389  1.00 36.00  ? 211 HOH A O   1 
HETATM 460 O O   . HOH G 4 .  ? 4.169   -19.588 3.713   1.00 56.29  ? 212 HOH A O   1 
HETATM 461 O O   . HOH G 4 .  ? 2.463   -7.596  -14.309 1.00 53.24  ? 213 HOH A O   1 
HETATM 462 O O   . HOH G 4 .  ? -10.826 3.774   -7.420  1.00 49.71  ? 214 HOH A O   1 
HETATM 463 O O   . HOH G 4 .  ? -5.826  -5.537  -14.507 1.00 83.83  ? 215 HOH A O   1 
HETATM 464 O O   . HOH G 4 .  ? -9.212  1.630   -6.641  1.00 27.00  ? 216 HOH A O   1 
HETATM 465 O O   . HOH G 4 .  ? -7.473  10.662  -5.134  1.00 55.78  ? 217 HOH A O   1 
HETATM 466 O O   . HOH G 4 .  ? 6.315   -18.973 -0.523  1.00 25.23  ? 218 HOH A O   1 
HETATM 467 O O   . HOH G 4 .  ? -1.216  -17.893 -6.030  1.00 39.86  ? 219 HOH A O   1 
HETATM 468 O O   . HOH G 4 .  ? -9.803  5.275   -12.074 1.00 44.02  ? 220 HOH A O   1 
HETATM 469 O O   . HOH G 4 .  ? 0.111   -1.400  -11.820 1.00 53.98  ? 221 HOH A O   1 
HETATM 470 O O   . HOH G 4 .  ? -11.175 -2.180  -6.853  1.00 50.61  ? 222 HOH A O   1 
HETATM 471 O O   . HOH G 4 .  ? -5.604  3.313   -13.242 1.00 36.21  ? 223 HOH A O   1 
HETATM 472 O O   . HOH G 4 .  ? -3.405  -7.404  -10.331 1.00 46.69  ? 224 HOH A O   1 
HETATM 473 O O   . HOH G 4 .  ? -7.922  -1.997  -9.696  1.00 35.85  ? 225 HOH A O   1 
HETATM 474 O O   . HOH G 4 .  ? -4.464  -11.766 -5.496  1.00 46.99  ? 226 HOH A O   1 
HETATM 475 O O   . HOH G 4 .  ? -7.111  -1.247  -12.261 1.00 38.92  ? 227 HOH A O   1 
HETATM 476 O O   . HOH G 4 .  ? -7.090  -3.843  -13.609 1.00 59.76  ? 228 HOH A O   1 
HETATM 477 O O   . HOH G 4 .  ? 1.957   -23.616 -2.207  1.00 30.35  ? 229 HOH A O   1 
HETATM 478 O O   . HOH G 4 .  ? -6.099  -6.638  -9.984  1.00 45.74  ? 230 HOH A O   1 
HETATM 479 O O   . HOH G 4 .  ? -9.811  -0.203  -8.495  1.00 26.92  ? 231 HOH A O   1 
HETATM 480 O O   . HOH G 4 .  ? -8.529  3.527   -13.553 1.00 30.82  ? 232 HOH A O   1 
HETATM 481 O O   . HOH G 4 .  ? -3.334  -0.309  -13.687 1.00 48.52  ? 233 HOH A O   1 
HETATM 482 O O   . HOH G 4 .  ? -8.774  0.753   -12.789 0.50 32.35  ? 234 HOH A O   1 
HETATM 483 O O   . HOH G 4 .  ? -0.861  -21.860 -8.347  1.00 57.97  ? 235 HOH A O   1 
HETATM 484 O O   . HOH G 4 .  ? 8.724   -19.488 0.593   1.00 44.36  ? 236 HOH A O   1 
HETATM 485 O O   . HOH H 4 .  ? 7.753   2.298   10.556  1.00 40.10  ? 101 HOH B O   1 
HETATM 486 O O   . HOH H 4 .  ? 16.606  -12.879 1.717   1.00 40.75  ? 102 HOH B O   1 
HETATM 487 O O   . HOH H 4 .  ? -0.392  8.279   9.157   1.00 33.79  ? 103 HOH B O   1 
HETATM 488 O O   . HOH H 4 .  ? -0.979  14.029  1.177   1.00 56.05  ? 104 HOH B O   1 
HETATM 489 O O   . HOH H 4 .  ? -9.581  10.693  1.625   1.00 38.52  ? 105 HOH B O   1 
HETATM 490 O O   . HOH H 4 .  ? 7.421   -1.903  12.102  1.00 52.31  ? 106 HOH B O   1 
HETATM 491 O O   . HOH H 4 .  ? 1.498   1.191   10.085  1.00 35.07  ? 107 HOH B O   1 
HETATM 492 O O   . HOH H 4 .  ? 9.706   -5.446  10.861  1.00 31.61  ? 108 HOH B O   1 
HETATM 493 O O   . HOH H 4 .  ? 13.413  -11.405 8.029   1.00 27.22  ? 109 HOH B O   1 
HETATM 494 O O   . HOH H 4 .  ? 17.294  -12.183 4.966   1.00 55.13  ? 110 HOH B O   1 
HETATM 495 O O   . HOH H 4 .  ? 14.013  -12.898 5.193   1.00 35.27  ? 111 HOH B O   1 
HETATM 496 O O   . HOH H 4 .  ? 15.002  -6.387  9.198   1.00 42.80  ? 112 HOH B O   1 
HETATM 497 O O   . HOH H 4 .  ? 3.330   -5.571  13.019  1.00 36.60  ? 113 HOH B O   1 
HETATM 498 O O   . HOH H 4 .  ? -3.486  9.828   9.040   1.00 53.72  ? 114 HOH B O   1 
HETATM 499 O O   . HOH H 4 .  ? 7.101   -4.434  10.953  1.00 37.97  ? 115 HOH B O   1 
HETATM 500 O O   . HOH H 4 .  ? -1.403  6.769   11.166  1.00 43.86  ? 116 HOH B O   1 
HETATM 501 O O   . HOH H 4 .  ? -1.307  10.635  9.432   1.00 62.50  ? 117 HOH B O   1 
HETATM 502 O O   . HOH H 4 .  ? 5.898   0.541   11.721  1.00 49.66  ? 118 HOH B O   1 
HETATM 503 O O   . HOH H 4 .  ? -2.294  12.842  9.063   1.00 47.67  ? 119 HOH B O   1 
HETATM 504 O O   . HOH H 4 .  ? 19.757  -13.155 1.088   1.00 53.76  ? 120 HOH B O   1 
# 
loop_
_atom_site_anisotrop.id 
_atom_site_anisotrop.type_symbol 
_atom_site_anisotrop.pdbx_label_atom_id 
_atom_site_anisotrop.pdbx_label_alt_id 
_atom_site_anisotrop.pdbx_label_comp_id 
_atom_site_anisotrop.pdbx_label_asym_id 
_atom_site_anisotrop.pdbx_label_seq_id 
_atom_site_anisotrop.pdbx_PDB_ins_code 
_atom_site_anisotrop.U[1][1] 
_atom_site_anisotrop.U[2][2] 
_atom_site_anisotrop.U[3][3] 
_atom_site_anisotrop.U[1][2] 
_atom_site_anisotrop.U[1][3] 
_atom_site_anisotrop.U[2][3] 
_atom_site_anisotrop.pdbx_auth_seq_id 
_atom_site_anisotrop.pdbx_auth_comp_id 
_atom_site_anisotrop.pdbx_auth_asym_id 
_atom_site_anisotrop.pdbx_auth_atom_id 
1   C C   . ACE A 1  ? 0.4373  0.2578 0.2537 0.0921  0.0817  -0.0881 0   ACE A C   
2   O O   . ACE A 1  ? 0.5533  0.4855 0.2080 0.1728  0.1107  -0.0622 0   ACE A O   
3   C CH3 . ACE A 1  ? 0.2782  0.1705 0.1706 0.1048  0.0317  -0.0118 0   ACE A CH3 
4   N N   . GLY A 2  ? 0.4447  0.2823 0.2042 0.0564  -0.0006 -0.0069 1   GLY A N   
5   C CA  . GLY A 2  ? 0.3870  0.2413 0.2948 0.0826  0.0369  -0.0082 1   GLY A CA  
6   C C   . GLY A 2  ? 0.4027  0.2192 0.2576 0.0245  0.0521  -0.0391 1   GLY A C   
7   O O   . GLY A 2  ? 0.3945  0.2388 0.1495 0.0645  0.0175  -0.0462 1   GLY A O   
8   N N   . GLU A 3  ? 0.3380  0.2465 0.2272 0.0759  0.0087  -0.0619 2   GLU A N   
9   C CA  A GLU A 3  ? 0.2947  0.2595 0.1725 0.0627  0.0523  -0.0273 2   GLU A CA  
10  C CA  B GLU A 3  ? 0.3481  0.2310 0.1246 0.0616  -0.0323 -0.0545 2   GLU A CA  
11  C C   . GLU A 3  ? 0.3284  0.2483 0.1460 0.0482  0.0093  -0.0295 2   GLU A C   
12  O O   . GLU A 3  ? 0.3074  0.2823 0.1921 0.0852  0.0038  -0.0417 2   GLU A O   
13  C CB  A GLU A 3  ? 0.4084  0.3240 0.1897 0.0896  0.0501  0.0184  2   GLU A CB  
14  C CB  B GLU A 3  ? 0.4341  0.2648 0.1465 -0.0241 0.0206  -0.0864 2   GLU A CB  
15  C CG  A GLU A 3  ? 0.3173  0.4568 0.1230 0.0748  -0.0018 -0.0521 2   GLU A CG  
16  C CG  B GLU A 3  ? 0.5086  0.1883 0.2565 -0.0417 0.1039  -0.0975 2   GLU A CG  
17  C CD  A GLU A 3  ? 0.3076  0.3829 0.1891 0.1006  0.0305  -0.1194 2   GLU A CD  
18  C CD  B GLU A 3  ? 0.5555  0.1711 0.2619 0.0276  0.1417  -0.1207 2   GLU A CD  
19  O OE1 A GLU A 3  ? 0.4501  0.3153 0.2646 0.0819  -0.0203 -0.0879 2   GLU A OE1 
20  O OE1 B GLU A 3  ? 0.4499  0.5318 0.2052 -0.0701 0.0009  0.0011  2   GLU A OE1 
21  O OE2 A GLU A 3  ? 0.3587  0.3335 0.2203 0.1236  0.0197  -0.1103 2   GLU A OE2 
22  O OE2 B GLU A 3  ? 0.3789  0.2249 0.1573 0.0970  -0.0023 -0.0558 2   GLU A OE2 
23  N N   . LEU A 4  ? 0.3278  0.2500 0.1881 0.0583  0.0154  -0.0601 3   LEU A N   
24  C CA  . LEU A 4  ? 0.2782  0.2410 0.1748 0.0633  0.0101  -0.0607 3   LEU A CA  
25  C C   . LEU A 4  ? 0.3325  0.2325 0.1797 0.0625  0.0259  -0.0688 3   LEU A C   
26  O O   . LEU A 4  ? 0.3190  0.2256 0.1896 0.0898  0.0097  -0.0390 3   LEU A O   
27  C CB  . LEU A 4  ? 0.3170  0.2136 0.1995 0.0753  0.0268  -0.0566 3   LEU A CB  
28  C CG  . LEU A 4  ? 0.3202  0.2647 0.1674 0.0724  0.0137  -0.0570 3   LEU A CG  
29  C CD1 . LEU A 4  ? 0.3218  0.3390 0.2447 0.0673  0.0326  -0.0883 3   LEU A CD1 
30  C CD2 . LEU A 4  ? 0.3251  0.3009 0.1901 0.0799  -0.0062 -0.0743 3   LEU A CD2 
31  N N   . LYS A 5  ? 0.3110  0.2061 0.1759 0.0983  0.0142  -0.0604 4   LYS A N   
32  C CA  . LYS A 5  ? 0.3267  0.2936 0.1606 0.1050  0.0335  -0.0572 4   LYS A CA  
33  C C   . LYS A 5  ? 0.3267  0.2003 0.1703 0.0440  0.0244  -0.0720 4   LYS A C   
34  O O   . LYS A 5  ? 0.3154  0.2303 0.1810 0.0709  0.0208  -0.0490 4   LYS A O   
35  C CB  . LYS A 5  ? 0.3699  0.2683 0.1818 0.1255  0.0453  -0.0731 4   LYS A CB  
36  C CG  . LYS A 5  ? 0.4440  0.2549 0.1991 0.1359  0.0140  -0.0642 4   LYS A CG  
37  C CD  . LYS A 5  ? 0.5618  0.3448 0.2641 0.2429  -0.0867 -0.1418 4   LYS A CD  
38  C CE  . LYS A 5  ? 0.5025  0.8278 0.3255 0.3495  -0.0830 -0.1430 4   LYS A CE  
39  N NZ  . LYS A 5  ? 0.6924  0.8874 0.4849 0.2707  -0.1303 -0.1620 4   LYS A NZ  
40  N N   . ALA A 6  ? 0.2892  0.1952 0.1805 0.0823  -0.0105 -0.0364 5   ALA A N   
41  C CA  . ALA A 6  ? 0.2994  0.2557 0.1565 0.0556  -0.0129 -0.0653 5   ALA A CA  
42  C C   . ALA A 6  ? 0.2862  0.2492 0.1657 0.0402  0.0033  -0.0593 5   ALA A C   
43  O O   . ALA A 6  ? 0.2950  0.2602 0.1460 0.0815  0.0107  -0.0402 5   ALA A O   
44  C CB  . ALA A 6  ? 0.3214  0.2343 0.2113 0.0590  0.0391  -0.0909 5   ALA A CB  
45  N N   . ILE A 7  ? 0.2863  0.2000 0.1547 0.0862  0.0114  -0.0535 6   ILE A N   
46  C CA  . ILE A 7  ? 0.2879  0.2172 0.1409 0.0737  0.0133  -0.0663 6   ILE A CA  
47  C C   . ILE A 7  ? 0.2930  0.2076 0.1242 0.0763  0.0005  -0.0326 6   ILE A C   
48  O O   . ILE A 7  ? 0.2964  0.2313 0.1195 0.0831  -0.0090 -0.0373 6   ILE A O   
49  C CB  . ILE A 7  ? 0.2916  0.2408 0.1411 0.0514  0.0025  -0.0466 6   ILE A CB  
50  C CG1 . ILE A 7  ? 0.3081  0.2253 0.1514 0.0838  0.0020  -0.0431 6   ILE A CG1 
51  C CG2 . ILE A 7  ? 0.3122  0.2313 0.1278 0.0782  -0.0243 -0.0236 6   ILE A CG2 
52  C CD1 . ILE A 7  ? 0.3323  0.2651 0.1095 0.0747  -0.0009 -0.0409 6   ILE A CD1 
53  N N   . ALA A 8  ? 0.2809  0.2438 0.1347 0.0696  0.0201  -0.0329 7   ALA A N   
54  C CA  . ALA A 8  ? 0.2976  0.2176 0.1611 0.0539  0.0323  -0.0581 7   ALA A CA  
55  C C   . ALA A 8  ? 0.2880  0.2912 0.1096 0.0342  0.0469  -0.0518 7   ALA A C   
56  O O   . ALA A 8  ? 0.3081  0.2468 0.1540 0.0663  0.0119  -0.0254 7   ALA A O   
57  C CB  . ALA A 8  ? 0.3010  0.2704 0.1229 0.0815  0.0193  -0.0479 7   ALA A CB  
58  N N   . GLN A 9  ? 0.2884  0.2045 0.1589 0.0676  0.0013  -0.0293 8   GLN A N   
59  C CA  . GLN A 9  ? 0.3060  0.2899 0.1354 0.0607  0.0135  -0.0632 8   GLN A CA  
60  C C   . GLN A 9  ? 0.3261  0.2264 0.1171 0.0721  -0.0285 -0.0428 8   GLN A C   
61  O O   . GLN A 9  ? 0.3186  0.2679 0.1134 0.0783  0.0029  -0.0268 8   GLN A O   
62  C CB  . GLN A 9  ? 0.3382  0.2367 0.1890 0.1058  -0.0369 -0.0849 8   GLN A CB  
63  C CG  . GLN A 9  ? 0.3420  0.2792 0.1934 0.1006  -0.0193 -0.0771 8   GLN A CG  
64  C CD  . GLN A 9  ? 0.4985  0.3142 0.2950 0.1232  -0.0341 -0.1576 8   GLN A CD  
65  O OE1 . GLN A 9  ? 0.4934  0.3445 0.4407 0.0575  -0.0598 -0.1035 8   GLN A OE1 
66  N NE2 . GLN A 9  ? 0.5510  0.5466 0.3641 0.0851  0.0146  -0.2903 8   GLN A NE2 
67  N N   . GLU A 10 ? 0.2899  0.2171 0.1372 0.0894  -0.0152 -0.0506 9   GLU A N   
68  C CA  . GLU A 10 ? 0.2407  0.2360 0.1201 0.0645  -0.0022 -0.0255 9   GLU A CA  
69  C C   . GLU A 10 ? 0.2771  0.2371 0.0943 0.0444  -0.0071 -0.0235 9   GLU A C   
70  O O   . GLU A 10 ? 0.2832  0.2409 0.1259 0.0955  -0.0108 -0.0077 9   GLU A O   
71  C CB  . GLU A 10 ? 0.2622  0.2061 0.1261 0.0690  0.0069  -0.0203 9   GLU A CB  
72  C CG  . GLU A 10 ? 0.2840  0.2065 0.1213 0.0648  0.0187  -0.0225 9   GLU A CG  
73  C CD  . GLU A 10 ? 0.2892  0.2000 0.1232 0.0715  0.0168  -0.0135 9   GLU A CD  
74  O OE1 . GLU A 10 ? 0.3059  0.2199 0.1193 0.0795  -0.0033 -0.0160 9   GLU A OE1 
75  O OE2 . GLU A 10 ? 0.3009  0.2216 0.1169 0.0804  0.0100  -0.0338 9   GLU A OE2 
76  N N   . LEU A 11 ? 0.2722  0.2415 0.1331 0.0517  -0.0026 -0.0068 10  LEU A N   
77  C CA  . LEU A 11 ? 0.2601  0.2526 0.1008 0.0332  0.0058  -0.0217 10  LEU A CA  
78  C C   . LEU A 11 ? 0.2999  0.2459 0.1097 0.0399  0.0271  -0.0251 10  LEU A C   
79  O O   . LEU A 11 ? 0.3051  0.2443 0.1198 0.0698  -0.0201 -0.0116 10  LEU A O   
80  C CB  . LEU A 11 ? 0.2807  0.2364 0.1115 0.0447  0.0082  -0.0299 10  LEU A CB  
81  C CG  . LEU A 11 ? 0.2863  0.2264 0.1236 0.0453  0.0105  -0.0352 10  LEU A CG  
82  C CD1 . LEU A 11 ? 0.2874  0.3040 0.1383 0.0791  -0.0222 -0.0322 10  LEU A CD1 
83  C CD2 . LEU A 11 ? 0.3045  0.2590 0.0966 0.0671  0.0177  -0.0540 10  LEU A CD2 
84  N N   A LYS A 12 ? 0.2825  0.2346 0.1165 0.0996  0.0027  -0.0250 11  LYS A N   
85  N N   B LYS A 12 ? 0.2972  0.2467 0.0978 0.0954  -0.0133 -0.0189 11  LYS A N   
86  C CA  A LYS A 12 ? 0.3079  0.2039 0.0975 0.1066  0.0144  -0.0623 11  LYS A CA  
87  C CA  B LYS A 12 ? 0.3091  0.3050 0.1718 0.0135  -0.0396 0.0832  11  LYS A CA  
88  C C   A LYS A 12 ? 0.2898  0.2632 0.0857 0.0739  0.0065  -0.0780 11  LYS A C   
89  C C   B LYS A 12 ? 0.3406  0.2418 0.1695 0.0572  -0.0203 0.0256  11  LYS A C   
90  O O   A LYS A 12 ? 0.3784  0.2797 0.0666 0.0361  0.0202  -0.0415 11  LYS A O   
91  O O   B LYS A 12 ? 0.2861  0.3221 0.1900 0.1005  -0.0694 0.0715  11  LYS A O   
92  C CB  A LYS A 12 ? 0.2989  0.3440 0.0235 0.1441  0.0125  -0.0604 11  LYS A CB  
93  C CB  B LYS A 12 ? 0.5043  0.3166 0.2858 -0.0526 0.0399  0.0071  11  LYS A CB  
94  C CG  A LYS A 12 ? 0.2658  0.3001 0.1069 0.0598  0.0582  -0.0635 11  LYS A CG  
95  C CG  B LYS A 12 ? 0.5290  0.3685 1.1140 0.0399  -0.0340 0.1497  11  LYS A CG  
96  C CD  A LYS A 12 ? 0.3179  0.2935 0.2483 0.0938  0.0630  -0.1097 11  LYS A CD  
97  C CD  B LYS A 12 ? 0.7164  0.6983 1.0992 0.2361  0.2093  0.4393  11  LYS A CD  
98  C CE  A LYS A 12 ? 0.5392  0.6344 0.2194 -0.0845 -0.0341 -0.0604 11  LYS A CE  
99  C CE  B LYS A 12 ? 0.7976  0.7997 1.0545 0.1728  0.0907  -0.0173 11  LYS A CE  
100 N NZ  A LYS A 12 ? 0.7369  0.9290 0.5782 0.0831  0.1267  -0.4076 11  LYS A NZ  
101 N NZ  B LYS A 12 ? 0.7616  1.1538 0.3974 0.2411  -0.1865 -0.6673 11  LYS A NZ  
102 N N   . ALA A 13 ? 0.3148  0.2523 0.1104 0.0638  -0.0217 -0.0219 12  ALA A N   
103 C CA  . ALA A 13 ? 0.2921  0.3072 0.1347 0.0533  -0.0211 -0.0290 12  ALA A CA  
104 C C   . ALA A 13 ? 0.3069  0.2713 0.1048 0.0674  -0.0179 0.0136  12  ALA A C   
105 O O   . ALA A 13 ? 0.3183  0.2695 0.1273 0.0763  -0.0356 0.0129  12  ALA A O   
106 C CB  . ALA A 13 ? 0.2627  0.2777 0.1389 0.0910  -0.0154 -0.0372 12  ALA A CB  
107 N N   . ILE A 14 ? 0.2786  0.2427 0.1257 0.0860  -0.0079 -0.0206 13  ILE A N   
108 C CA  . ILE A 14 ? 0.2569  0.2304 0.1104 0.0795  -0.0057 -0.0057 13  ILE A CA  
109 C C   . ILE A 14 ? 0.3045  0.2630 0.0903 0.0519  0.0063  0.0037  13  ILE A C   
110 O O   . ILE A 14 ? 0.3079  0.2458 0.1188 0.0721  -0.0285 0.0172  13  ILE A O   
111 C CB  . ILE A 14 ? 0.2686  0.2326 0.1103 0.1045  0.0043  0.0100  13  ILE A CB  
112 C CG1 . ILE A 14 ? 0.2641  0.2233 0.1170 0.0945  0.0054  0.0026  13  ILE A CG1 
113 C CG2 . ILE A 14 ? 0.2731  0.2457 0.1225 0.0882  -0.0252 0.0057  13  ILE A CG2 
114 C CD1 . ILE A 14 ? 0.2629  0.2429 0.1160 0.0899  -0.0087 0.0104  13  ILE A CD1 
115 N N   . ALA A 15 ? 0.2844  0.2230 0.1262 0.0678  -0.0004 0.0043  14  ALA A N   
116 C CA  . ALA A 15 ? 0.3003  0.2712 0.1027 0.0621  -0.0036 -0.0112 14  ALA A CA  
117 C C   . ALA A 15 ? 0.3042  0.3077 0.1109 0.0443  0.0038  0.0112  14  ALA A C   
118 O O   . ALA A 15 ? 0.3249  0.3027 0.1241 0.0559  -0.0009 0.0157  14  ALA A O   
119 C CB  . ALA A 15 ? 0.2983  0.2832 0.1191 0.0630  -0.0091 -0.0134 14  ALA A CB  
120 N N   . LYS A 16 ? 0.3090  0.2494 0.1300 0.0738  -0.0384 0.0303  15  LYS A N   
121 C CA  . LYS A 16 ? 0.3281  0.3517 0.1048 0.0507  -0.0407 0.0441  15  LYS A CA  
122 C C   . LYS A 16 ? 0.3429  0.3042 0.1504 0.0272  -0.0272 0.0561  15  LYS A C   
123 O O   . LYS A 16 ? 0.3624  0.3260 0.1215 0.0430  -0.0369 0.0617  15  LYS A O   
124 C CB  . LYS A 16 ? 0.3333  0.4224 0.1108 0.0714  -0.0871 0.0139  15  LYS A CB  
125 C CG  . LYS A 16 ? 0.4889  0.4132 0.1718 0.0906  -0.0384 -0.0341 15  LYS A CG  
126 C CD  . LYS A 16 ? 0.5006  0.4891 0.3081 0.0900  -0.1111 -0.1255 15  LYS A CD  
127 C CE  . LYS A 16 ? 0.5558  0.7431 0.4042 0.2131  -0.0130 -0.1738 15  LYS A CE  
128 N NZ  . LYS A 16 ? 0.9149  0.9989 0.6962 0.3261  -0.2384 -0.4012 15  LYS A NZ  
129 N N   . GLU A 17 ? 0.2958  0.2581 0.1384 0.0659  -0.0417 0.0363  16  GLU A N   
130 C CA  . GLU A 17 ? 0.2728  0.2643 0.1654 0.0493  -0.0067 0.0467  16  GLU A CA  
131 C C   . GLU A 17 ? 0.3035  0.2676 0.1504 0.0467  -0.0236 0.0727  16  GLU A C   
132 O O   . GLU A 17 ? 0.3260  0.2660 0.1811 0.0647  -0.0501 0.0565  16  GLU A O   
133 C CB  . GLU A 17 ? 0.3136  0.2615 0.1455 0.0524  -0.0264 0.0437  16  GLU A CB  
134 C CG  . GLU A 17 ? 0.3137  0.2456 0.1436 0.0600  -0.0486 0.0521  16  GLU A CG  
135 C CD  . GLU A 17 ? 0.3168  0.2503 0.1425 0.0606  -0.0236 0.0369  16  GLU A CD  
136 O OE1 . GLU A 17 ? 0.2997  0.3278 0.1485 0.0480  -0.0153 0.0439  16  GLU A OE1 
137 O OE2 . GLU A 17 ? 0.3812  0.3975 0.2013 -0.0128 -0.0492 0.1119  16  GLU A OE2 
138 N N   . LEU A 18 ? 0.2889  0.2813 0.1510 0.0421  -0.0125 0.0220  17  LEU A N   
139 C CA  . LEU A 18 ? 0.2927  0.2687 0.1313 0.0646  -0.0213 0.0349  17  LEU A CA  
140 C C   . LEU A 18 ? 0.3372  0.2864 0.1250 0.0636  -0.0183 0.0340  17  LEU A C   
141 O O   . LEU A 18 ? 0.3284  0.2716 0.1864 0.0681  -0.0465 0.0549  17  LEU A O   
142 C CB  . LEU A 18 ? 0.2886  0.2501 0.1317 0.0723  -0.0336 0.0197  17  LEU A CB  
143 C CG  . LEU A 18 ? 0.3011  0.2323 0.1300 0.0775  -0.0205 0.0011  17  LEU A CG  
144 C CD1 . LEU A 18 ? 0.3298  0.2898 0.1616 0.0945  -0.0336 -0.0350 17  LEU A CD1 
145 C CD2 . LEU A 18 ? 0.3203  0.2879 0.1229 0.0674  -0.0045 0.0217  17  LEU A CD2 
146 N N   . LYS A 19 ? 0.3368  0.3127 0.1198 0.0463  -0.0357 0.0540  18  LYS A N   
147 C CA  . LYS A 19 ? 0.3183  0.3690 0.1293 0.0166  -0.0318 0.0691  18  LYS A CA  
148 C C   . LYS A 19 ? 0.3687  0.2995 0.1474 0.0421  -0.0455 0.0325  18  LYS A C   
149 O O   . LYS A 19 ? 0.4063  0.3259 0.2274 0.0281  -0.0590 0.1147  18  LYS A O   
150 C CB  . LYS A 19 ? 0.3864  0.3312 0.1413 0.0166  -0.0073 0.0804  18  LYS A CB  
151 C CG  . LYS A 19 ? 0.4027  0.4469 0.1274 0.0234  -0.0336 0.0308  18  LYS A CG  
152 C CD  . LYS A 19 ? 0.5844  0.5907 0.1511 0.2033  0.0232  0.0986  18  LYS A CD  
153 C CE  . LYS A 19 ? 0.6756  0.6317 0.3632 0.2310  0.0583  0.0260  18  LYS A CE  
154 N NZ  . LYS A 19 ? 1.2451  1.1710 0.5889 0.4876  0.3426  -0.1444 18  LYS A NZ  
155 N N   . ALA A 20 ? 0.3531  0.2974 0.1691 0.0343  -0.0675 0.0677  19  ALA A N   
156 C CA  . ALA A 20 ? 0.3545  0.3810 0.1922 0.0387  -0.0802 0.1282  19  ALA A CA  
157 C C   . ALA A 20 ? 0.3511  0.3758 0.1867 0.0178  -0.0606 0.1042  19  ALA A C   
158 O O   . ALA A 20 ? 0.3767  0.4557 0.3107 0.0624  -0.0691 0.1742  19  ALA A O   
159 C CB  . ALA A 20 ? 0.3722  0.4173 0.2273 0.0249  -0.0478 0.0179  19  ALA A CB  
160 N N   . ILE A 21 ? 0.3279  0.3116 0.1977 0.1009  -0.0117 0.1204  20  ILE A N   
161 C CA  . ILE A 21 ? 0.2820  0.3417 0.2390 0.1163  0.0070  0.0931  20  ILE A CA  
162 C C   . ILE A 21 ? 0.3469  0.3564 0.1888 0.0607  -0.0087 0.0907  20  ILE A C   
163 O O   . ILE A 21 ? 0.4290  0.3612 0.2961 0.1085  0.0174  0.1092  20  ILE A O   
164 C CB  . ILE A 21 ? 0.3610  0.3267 0.2082 0.0591  -0.0153 0.0692  20  ILE A CB  
165 C CG1 . ILE A 21 ? 0.3125  0.3519 0.2541 0.0868  -0.0209 0.0701  20  ILE A CG1 
166 C CG2 . ILE A 21 ? 0.3612  0.3222 0.2350 0.0973  0.0191  0.0563  20  ILE A CG2 
167 C CD1 . ILE A 21 ? 0.4053  0.3296 0.2170 0.0444  -0.0157 0.0911  20  ILE A CD1 
168 N N   . ALA A 22 ? 0.3561  0.3110 0.2176 0.0562  0.0012  0.0764  21  ALA A N   
169 C CA  . ALA A 22 ? 0.4024  0.3318 0.1802 0.0616  0.0275  0.0469  21  ALA A CA  
170 C C   . ALA A 22 ? 0.3775  0.3428 0.2965 0.0657  0.0526  0.1281  21  ALA A C   
171 O O   . ALA A 22 ? 0.5170  0.3393 0.2922 0.0643  0.0199  0.1057  21  ALA A O   
172 C CB  . ALA A 22 ? 0.3672  0.3207 0.2053 0.0536  -0.0126 0.0573  21  ALA A CB  
173 N N   . TRP A 23 ? 0.4441  0.2858 0.3668 0.1054  0.0042  0.0934  22  TRP A N   
174 C CA  . TRP A 23 ? 4.3667  1.2358 0.3816 1.0293  -0.1675 0.4859  22  TRP A CA  
175 C C   . TRP A 23 ? 0.1965  1.0754 1.3972 0.2110  0.0993  -0.2828 22  TRP A C   
176 O O   . TRP A 23 ? 0.3203  0.5666 1.0839 0.1344  0.0734  0.1461  22  TRP A O   
177 C CB  . TRP A 23 ? 0.3867  0.4994 0.4374 -0.0395 -0.1591 0.4361  22  TRP A CB  
178 C CG  . TRP A 23 ? 0.4698  0.4153 0.2001 0.0018  -0.1098 0.1028  22  TRP A CG  
179 C CD1 . TRP A 23 ? 0.4483  0.4235 0.2614 0.0333  -0.0218 0.0907  22  TRP A CD1 
180 C CD2 . TRP A 23 ? 0.5211  0.4222 0.2452 0.0575  -0.0635 0.1770  22  TRP A CD2 
181 N NE1 . TRP A 23 ? 0.4669  0.4989 0.2370 -0.0060 -0.0775 0.0969  22  TRP A NE1 
182 C CE2 . TRP A 23 ? 0.5652  0.4457 0.1118 -0.0381 -0.0049 0.0366  22  TRP A CE2 
183 C CE3 . TRP A 23 ? 0.4316  0.3805 0.2672 0.0846  0.0342  0.0864  22  TRP A CE3 
184 C CZ2 . TRP A 23 ? 0.5662  0.3706 0.1809 -0.0070 -0.0923 0.0551  22  TRP A CZ2 
185 C CZ3 . TRP A 23 ? 0.4807  0.4626 0.3123 0.0661  -0.0134 0.1275  22  TRP A CZ3 
186 C CH2 . TRP A 23 ? 0.4920  0.3416 0.1952 -0.0106 0.0108  0.0744  22  TRP A CH2 
187 N N   . GLU A 24 ? 0.6196  0.5577 0.8669 0.0688  -0.3140 0.5265  23  GLU A N   
188 C CA  . GLU A 24 ? 0.4477  1.0702 3.7360 0.2476  -0.0243 -0.2506 23  GLU A CA  
189 C C   . GLU A 24 ? 1.9788  0.8994 0.6443 -0.2952 0.4131  0.2840  23  GLU A C   
190 O O   . GLU A 24 ? 0.8780  0.5293 0.7303 0.3516  0.0063  0.0382  23  GLU A O   
191 C CB  . GLU A 24 ? 0.3815  1.8136 1.9072 0.0794  0.2112  -0.6991 23  GLU A CB  
192 C CG  . GLU A 24 ? 0.4685  1.6388 1.7869 0.1739  0.8357  -0.1349 23  GLU A CG  
193 C CD  . GLU A 24 ? 0.6019  0.7475 1.9466 0.2875  0.2023  -0.3838 23  GLU A CD  
194 O OE1 . GLU A 24 ? 0.8414  1.2401 0.5721 0.3840  0.2101  0.4439  23  GLU A OE1 
195 O OE2 . GLU A 24 ? 0.5501  0.8593 0.8782 0.2310  0.2792  0.3873  23  GLU A OE2 
196 N N   . ASP A 25 ? 1.5039  1.0163 2.5199 -0.1661 -0.4347 0.2064  24  ASP A N   
197 C CA  . ASP A 25 ? 1.6331  1.0494 2.0500 -0.0258 -0.5416 0.0617  24  ASP A CA  
198 C C   . ASP A 25 ? 1.0468  1.4791 1.8108 0.4854  0.0722  -0.5825 24  ASP A C   
199 O O   . ASP A 25 ? 1.0177  1.1344 1.0394 0.0121  -0.1995 0.6827  24  ASP A O   
200 C CB  . ASP A 25 ? 1.2405  0.4942 3.6010 -0.1039 0.0758  -0.0745 24  ASP A CB  
201 C CG  . ASP A 25 ? 1.1392  1.4321 2.7741 -0.1268 0.6138  0.0518  24  ASP A CG  
202 O OD1 . ASP A 25 ? 1.0216  2.2526 1.0273 -0.1778 -0.2671 0.9723  24  ASP A OD1 
203 O OD2 . ASP A 25 ? 2.0459  1.1080 1.2974 0.0284  0.6848  -0.5820 24  ASP A OD2 
204 C C   . ACE B 1  ? 0.2549  0.3307 0.3950 0.1498  -0.0661 0.0931  0   ACE B C   
205 O O   . ACE B 1  ? 0.3332  0.4129 0.2496 0.0893  -0.0675 0.0695  0   ACE B O   
206 C CH3 . ACE B 1  ? 0.3027  0.4782 0.2037 0.0133  -0.0696 0.1504  0   ACE B CH3 
207 N N   . GLY B 2  ? 0.5648  0.5118 0.3549 -0.0261 -0.1090 0.0693  1   GLY B N   
208 C CA  . GLY B 2  ? 0.3743  0.3480 0.3788 0.1531  -0.1068 0.0426  1   GLY B CA  
209 C C   . GLY B 2  ? 0.2884  0.3540 0.3286 0.1196  -0.0635 0.0355  1   GLY B C   
210 O O   . GLY B 2  ? 0.3094  0.3266 0.2249 0.1038  -0.0429 0.0650  1   GLY B O   
211 N N   . GLU B 3  ? 0.3406  0.2302 0.3211 0.1102  -0.0336 0.0256  2   GLU B N   
212 C CA  . GLU B 3  ? 0.3299  0.2163 0.2570 0.0713  -0.0157 0.0195  2   GLU B CA  
213 C C   . GLU B 3  ? 0.3227  0.2121 0.2633 0.0550  -0.0011 -0.0333 2   GLU B C   
214 O O   . GLU B 3  ? 0.3270  0.2280 0.1806 0.0913  -0.0030 -0.0059 2   GLU B O   
215 C CB  . GLU B 3  ? 0.2968  0.2689 0.2819 0.1273  -0.0341 -0.0238 2   GLU B CB  
216 C CG  . GLU B 3  ? 0.3463  0.3036 0.2079 0.0847  -0.0080 -0.0529 2   GLU B CG  
217 C CD  . GLU B 3  ? 0.3970  0.3119 0.2418 0.0393  0.0232  -0.0692 2   GLU B CD  
218 O OE1 . GLU B 3  ? 0.3841  0.3301 0.3597 0.0416  0.0493  -0.1184 2   GLU B OE1 
219 O OE2 . GLU B 3  ? 0.4236  0.3348 0.2293 0.0804  0.0066  -0.0685 2   GLU B OE2 
220 N N   . LEU B 4  ? 0.3047  0.1990 0.3086 0.0944  -0.0486 0.0376  3   LEU B N   
221 C CA  . LEU B 4  ? 0.3039  0.2445 0.2256 0.0366  -0.0482 0.0261  3   LEU B CA  
222 C C   . LEU B 4  ? 0.3242  0.2102 0.2076 0.1075  -0.0176 0.0504  3   LEU B C   
223 O O   . LEU B 4  ? 0.2983  0.2269 0.2010 0.0872  -0.0284 0.0308  3   LEU B O   
224 C CB  . LEU B 4  ? 0.3079  0.2679 0.2675 0.0706  0.0034  0.0195  3   LEU B CB  
225 C CG  . LEU B 4  ? 0.3423  0.2260 0.2393 0.0994  -0.0082 -0.0109 3   LEU B CG  
226 C CD1 . LEU B 4  ? 0.5059  0.3036 0.2244 0.0008  0.0166  -0.0396 3   LEU B CD1 
227 C CD2 . LEU B 4  ? 0.3285  0.3055 0.2448 0.0777  -0.0458 -0.0609 3   LEU B CD2 
228 N N   . LYS B 5  ? 0.2957  0.2433 0.2024 0.0970  -0.0503 0.0851  4   LYS B N   
229 C CA  . LYS B 5  ? 0.4795  0.2225 0.3549 0.0557  0.2284  -0.0700 4   LYS B CA  
230 C C   . LYS B 5  ? 0.2516  0.3276 0.1616 0.0466  -0.0404 0.0097  4   LYS B C   
231 O O   . LYS B 5  ? 0.2964  0.3314 0.1584 0.1051  -0.0053 0.0550  4   LYS B O   
232 C CB  . LYS B 5  ? 1.3354  1.0376 1.3175 0.4372  -1.0739 0.0510  4   LYS B CB  
233 C CG  . LYS B 5  ? 0.6431  4.1469 7.0780 0.6037  0.7525  4.9116  4   LYS B CG  
234 C CD  . LYS B 5  ? 6.2351  4.8448 5.1088 -0.2522 0.8763  4.0843  4   LYS B CD  
235 C CE  . LYS B 5  ? 1.0716  8.3956 8.6456 -1.9794 -0.3481 3.8978  4   LYS B CE  
236 N NZ  . LYS B 5  ? 1.9745  7.7212 2.8208 -2.1657 0.6895  -3.7335 4   LYS B NZ  
237 N N   . ALA B 6  ? 0.2887  0.2292 0.1750 0.0811  -0.0448 0.0115  5   ALA B N   
238 C CA  . ALA B 6  ? 0.3122  0.2344 0.1283 0.0629  -0.0411 0.0022  5   ALA B CA  
239 C C   . ALA B 6  ? 0.2697  0.2580 0.1427 0.0419  -0.0127 0.0144  5   ALA B C   
240 O O   . ALA B 6  ? 0.2872  0.2387 0.1435 0.0565  -0.0203 -0.0018 5   ALA B O   
241 C CB  . ALA B 6  ? 0.2994  0.2388 0.1924 0.0659  -0.0256 0.0192  5   ALA B CB  
242 N N   . ILE B 7  ? 0.2915  0.2199 0.1603 0.0681  -0.0557 0.0158  6   ILE B N   
243 C CA  . ILE B 7  ? 0.2665  0.1975 0.1503 0.0540  -0.0445 0.0216  6   ILE B CA  
244 C C   . ILE B 7  ? 0.2702  0.2136 0.1940 0.0653  -0.0062 0.0192  6   ILE B C   
245 O O   . ILE B 7  ? 0.2977  0.2097 0.1186 0.0802  -0.0225 -0.0121 6   ILE B O   
246 C CB  . ILE B 7  ? 0.2952  0.2195 0.1604 0.0681  -0.0452 -0.0099 6   ILE B CB  
247 C CG1 . ILE B 7  ? 0.3127  0.1879 0.1786 0.0901  -0.0570 0.0039  6   ILE B CG1 
248 C CG2 . ILE B 7  ? 0.3276  0.2076 0.1548 0.0709  -0.0463 -0.0058 6   ILE B CG2 
249 C CD1 . ILE B 7  ? 0.3491  0.2431 0.1988 0.0817  -0.0354 -0.0250 6   ILE B CD1 
250 N N   . ALA B 8  ? 0.2940  0.2396 0.1395 0.0733  -0.0040 0.0322  7   ALA B N   
251 C CA  . ALA B 8  ? 0.2681  0.2371 0.1561 0.0595  -0.0331 0.0364  7   ALA B CA  
252 C C   . ALA B 8  ? 0.2517  0.2485 0.1355 0.0599  -0.0290 0.0334  7   ALA B C   
253 O O   . ALA B 8  ? 0.2602  0.2665 0.1352 0.0780  -0.0197 0.0179  7   ALA B O   
254 C CB  . ALA B 8  ? 0.2699  0.2503 0.1860 0.0928  -0.0078 0.0383  7   ALA B CB  
255 N N   A GLN B 9  ? 0.2677  0.2423 0.1085 0.0712  -0.0194 0.0453  8   GLN B N   
256 N N   B GLN B 9  ? 0.2720  0.2209 0.1299 0.0810  -0.0224 0.0122  8   GLN B N   
257 C CA  A GLN B 9  ? 0.3200  0.2476 0.0749 0.0359  0.0096  0.0419  8   GLN B CA  
258 C CA  B GLN B 9  ? 0.2698  0.2149 0.2246 0.1224  -0.0468 -0.0178 8   GLN B CA  
259 C C   A GLN B 9  ? 0.2860  0.2408 0.1012 0.0992  -0.0224 0.0124  8   GLN B C   
260 C C   B GLN B 9  ? 0.2913  0.2245 0.1262 0.0725  -0.0114 -0.0514 8   GLN B C   
261 O O   A GLN B 9  ? 0.2814  0.2734 0.0871 0.0829  0.0158  -0.0079 8   GLN B O   
262 O O   B GLN B 9  ? 0.3169  0.1987 0.1479 0.0565  -0.0197 -0.0146 8   GLN B O   
263 C CB  A GLN B 9  ? 0.3100  0.2131 0.1059 0.0606  -0.0205 0.0362  8   GLN B CB  
264 C CB  B GLN B 9  ? 0.2913  0.3744 0.2109 0.0799  -0.0459 -0.0308 8   GLN B CB  
265 C CG  A GLN B 9  ? 0.2927  0.2506 0.0777 -0.0078 0.0045  -0.0153 8   GLN B CG  
266 C CG  B GLN B 9  ? 0.5783  0.3404 0.3444 0.1371  -0.0589 -0.0346 8   GLN B CG  
267 C CD  A GLN B 9  ? 0.2730  0.2086 0.0979 0.0877  -0.0161 -0.0299 8   GLN B CD  
268 C CD  B GLN B 9  ? 0.5139  0.8690 0.5578 0.1856  -0.1433 -0.2428 8   GLN B CD  
269 O OE1 A GLN B 9  ? 0.2836  0.2003 0.1228 0.1144  -0.0622 -0.0483 8   GLN B OE1 
270 O OE1 B GLN B 9  ? 0.3731  0.8404 0.0646 -0.0527 -0.0791 0.1875  8   GLN B OE1 
271 N NE2 A GLN B 9  ? 0.2472  0.2291 0.0678 0.1010  -0.0313 -0.0302 8   GLN B NE2 
272 N NE2 B GLN B 9  ? 1.0044  0.4848 0.6058 0.4352  0.0259  0.2655  8   GLN B NE2 
273 N N   . GLU B 10 ? 0.2829  0.2052 0.1322 0.0799  -0.0075 -0.0157 9   GLU B N   
274 C CA  . GLU B 10 ? 0.2786  0.2230 0.1278 0.0643  -0.0131 0.0029  9   GLU B CA  
275 C C   . GLU B 10 ? 0.2765  0.2387 0.0871 0.0557  0.0138  -0.0097 9   GLU B C   
276 O O   . GLU B 10 ? 0.2835  0.2219 0.1226 0.0836  -0.0032 -0.0025 9   GLU B O   
277 C CB  . GLU B 10 ? 0.2351  0.2425 0.1181 0.0758  -0.0246 0.0082  9   GLU B CB  
278 C CG  . GLU B 10 ? 0.2505  0.2113 0.1157 0.0679  -0.0039 -0.0131 9   GLU B CG  
279 C CD  . GLU B 10 ? 0.2379  0.2112 0.1172 0.0903  -0.0123 -0.0331 9   GLU B CD  
280 O OE1 . GLU B 10 ? 0.2776  0.2327 0.1328 0.0931  -0.0009 -0.0169 9   GLU B OE1 
281 O OE2 . GLU B 10 ? 0.2951  0.2646 0.0933 0.0614  -0.0083 -0.0102 9   GLU B OE2 
282 N N   . LEU B 11 ? 0.2694  0.2230 0.1223 0.0563  -0.0129 0.0082  10  LEU B N   
283 C CA  . LEU B 11 ? 0.2960  0.2457 0.0832 0.0451  -0.0111 0.0046  10  LEU B CA  
284 C C   . LEU B 11 ? 0.2873  0.2578 0.1013 0.0459  -0.0185 0.0252  10  LEU B C   
285 O O   . LEU B 11 ? 0.2771  0.2377 0.1157 0.0726  -0.0092 -0.0087 10  LEU B O   
286 C CB  . LEU B 11 ? 0.2646  0.2369 0.1252 0.0737  -0.0302 0.0021  10  LEU B CB  
287 C CG  . LEU B 11 ? 0.2561  0.2391 0.1409 0.0727  -0.0251 -0.0211 10  LEU B CG  
288 C CD1 . LEU B 11 ? 0.3685  0.2568 0.2228 0.0858  -0.0697 0.0092  10  LEU B CD1 
289 C CD2 . LEU B 11 ? 0.2959  0.2533 0.1418 0.0868  -0.0139 -0.0157 10  LEU B CD2 
290 N N   . LYS B 12 ? 0.2855  0.2420 0.0985 0.0566  -0.0056 0.0109  11  LYS B N   
291 C CA  . LYS B 12 ? 0.2908  0.2588 0.0905 0.0343  -0.0008 -0.0044 11  LYS B CA  
292 C C   . LYS B 12 ? 0.2826  0.2572 0.1041 0.0343  0.0039  -0.0189 11  LYS B C   
293 O O   . LYS B 12 ? 0.2969  0.2712 0.1169 0.0741  0.0032  0.0037  11  LYS B O   
294 C CB  . LYS B 12 ? 0.3137  0.2885 0.1282 0.0557  -0.0066 0.0119  11  LYS B CB  
295 C CG  . LYS B 12 ? 0.3941  0.2685 0.1556 0.0787  -0.0029 -0.0173 11  LYS B CG  
296 C CD  . LYS B 12 ? 0.4930  0.2933 0.2053 0.0598  -0.0243 0.0535  11  LYS B CD  
297 C CE  . LYS B 12 ? 0.7789  0.5300 0.1490 0.2072  -0.0288 0.0157  11  LYS B CE  
298 N NZ  . LYS B 12 ? 0.8765  0.6009 0.1547 0.0087  -0.0469 0.0728  11  LYS B NZ  
299 N N   . ALA B 13 ? 0.2787  0.2240 0.1085 0.0628  -0.0181 -0.0024 12  ALA B N   
300 C CA  . ALA B 13 ? 0.2803  0.2260 0.1217 0.0520  -0.0144 -0.0250 12  ALA B CA  
301 C C   . ALA B 13 ? 0.2632  0.2530 0.1284 0.0795  -0.0027 -0.0396 12  ALA B C   
302 O O   . ALA B 13 ? 0.3005  0.2327 0.1244 0.0813  0.0067  -0.0190 12  ALA B O   
303 C CB  . ALA B 13 ? 0.2750  0.2462 0.1477 0.0557  -0.0297 0.0228  12  ALA B CB  
304 N N   . ILE B 14 ? 0.2824  0.2271 0.0901 0.0631  -0.0097 0.0122  13  ILE B N   
305 C CA  . ILE B 14 ? 0.2992  0.2190 0.0837 0.0580  -0.0094 0.0148  13  ILE B CA  
306 C C   . ILE B 14 ? 0.2846  0.2229 0.1071 0.0599  0.0135  -0.0049 13  ILE B C   
307 O O   . ILE B 14 ? 0.2844  0.2288 0.1272 0.0860  0.0081  0.0007  13  ILE B O   
308 C CB  . ILE B 14 ? 0.2982  0.2328 0.0897 0.0645  -0.0151 -0.0010 13  ILE B CB  
309 C CG1 . ILE B 14 ? 0.2816  0.2099 0.1265 0.0768  -0.0102 -0.0094 13  ILE B CG1 
310 C CG2 . ILE B 14 ? 0.3216  0.2295 0.0879 0.0632  -0.0097 -0.0011 13  ILE B CG2 
311 C CD1 . ILE B 14 ? 0.3158  0.2080 0.1284 0.0848  0.0165  0.0083  13  ILE B CD1 
312 N N   . ALA B 15 ? 0.2738  0.2381 0.1066 0.0691  0.0037  0.0027  14  ALA B N   
313 C CA  . ALA B 15 ? 0.2805  0.2344 0.1106 0.0607  0.0018  0.0048  14  ALA B CA  
314 C C   . ALA B 15 ? 0.2733  0.2359 0.1431 0.0470  0.0015  0.0157  14  ALA B C   
315 O O   . ALA B 15 ? 0.2686  0.2678 0.1452 0.0752  0.0124  0.0056  14  ALA B O   
316 C CB  . ALA B 15 ? 0.2812  0.2383 0.1199 0.0799  -0.0104 0.0097  14  ALA B CB  
317 N N   A LYS B 16 ? 0.2731  0.2284 0.1284 0.0934  0.0003  -0.0039 15  LYS B N   
318 N N   B LYS B 16 ? 0.2738  0.2286 0.1264 0.0976  0.0034  -0.0131 15  LYS B N   
319 C CA  A LYS B 16 ? 0.2786  0.2788 0.1127 0.1114  0.0438  -0.0159 15  LYS B CA  
320 C CA  B LYS B 16 ? 0.3146  0.2558 0.1537 0.0784  0.0060  -0.0200 15  LYS B CA  
321 C C   A LYS B 16 ? 0.2653  0.2849 0.1183 0.0884  0.0056  -0.0039 15  LYS B C   
322 C C   B LYS B 16 ? 0.2702  0.2747 0.1257 0.0945  0.0097  -0.0175 15  LYS B C   
323 O O   A LYS B 16 ? 0.2930  0.2967 0.1224 0.0974  0.0439  -0.0149 15  LYS B O   
324 O O   B LYS B 16 ? 0.2680  0.3017 0.1940 0.1081  0.0036  -0.0407 15  LYS B O   
325 C CB  A LYS B 16 ? 0.2405  0.4122 0.2714 0.0413  -0.0327 0.1454  15  LYS B CB  
326 C CB  B LYS B 16 ? 0.4025  0.2947 0.0711 0.0752  -0.0153 -0.0901 15  LYS B CB  
327 C CG  A LYS B 16 ? 0.5524  0.4580 0.4587 -0.1527 -0.1530 0.2581  15  LYS B CG  
328 C CG  B LYS B 16 ? 0.5190  0.3792 0.1172 0.1341  0.0463  -0.0854 15  LYS B CG  
329 C CD  A LYS B 16 ? 0.3248  0.5631 0.7889 -0.0561 -0.1079 -0.0703 15  LYS B CD  
330 C CD  B LYS B 16 ? 0.5318  0.4870 0.1288 0.1375  -0.0148 0.1320  15  LYS B CD  
331 C CE  A LYS B 16 ? 0.4612  0.6734 0.7721 -0.1489 -0.1386 -0.1398 15  LYS B CE  
332 C CE  B LYS B 16 ? 0.8841  0.2962 0.8254 0.0899  0.1793  0.1564  15  LYS B CE  
333 N NZ  A LYS B 16 ? 0.4234  0.3583 0.2176 0.0594  -0.0550 0.0300  15  LYS B NZ  
334 N NZ  B LYS B 16 ? 0.9311  0.4024 0.2138 0.2078  0.1215  -0.0262 15  LYS B NZ  
335 N N   . GLU B 17 ? 0.2940  0.2098 0.1426 0.1056  0.0303  -0.0070 16  GLU B N   
336 C CA  . GLU B 17 ? 0.2731  0.2301 0.1452 0.0653  0.0185  -0.0036 16  GLU B CA  
337 C C   . GLU B 17 ? 0.2759  0.2289 0.1352 0.0751  0.0170  -0.0134 16  GLU B C   
338 O O   . GLU B 17 ? 0.3099  0.2321 0.1888 0.0855  0.0094  -0.0043 16  GLU B O   
339 C CB  . GLU B 17 ? 0.2943  0.2395 0.1185 0.0785  0.0308  0.0075  16  GLU B CB  
340 C CG  . GLU B 17 ? 0.2838  0.2620 0.1850 0.0770  0.0354  -0.0156 16  GLU B CG  
341 C CD  . GLU B 17 ? 0.2874  0.2222 0.1939 0.0675  0.0273  -0.0460 16  GLU B CD  
342 O OE1 . GLU B 17 ? 0.2864  0.2208 0.1501 0.0774  0.0154  -0.0071 16  GLU B OE1 
343 O OE2 . GLU B 17 ? 0.3013  0.2510 0.1759 0.0628  -0.0132 -0.0215 16  GLU B OE2 
344 N N   . LEU B 18 ? 0.2758  0.2377 0.1342 0.0990  0.0036  0.0192  17  LEU B N   
345 C CA  . LEU B 18 ? 0.2885  0.2243 0.1357 0.0766  -0.0156 -0.0058 17  LEU B CA  
346 C C   . LEU B 18 ? 0.2887  0.2937 0.1274 0.0547  0.0230  0.0007  17  LEU B C   
347 O O   . LEU B 18 ? 0.3063  0.2843 0.1998 0.0907  -0.0047 0.0257  17  LEU B O   
348 C CB  . LEU B 18 ? 0.2802  0.2691 0.1486 0.0854  -0.0103 0.0042  17  LEU B CB  
349 C CG  . LEU B 18 ? 0.2744  0.2403 0.1684 0.1151  -0.0309 -0.0111 17  LEU B CG  
350 C CD1 . LEU B 18 ? 0.3744  0.2263 0.2089 0.0995  -0.0725 -0.0112 17  LEU B CD1 
351 C CD2 . LEU B 18 ? 0.3132  0.2468 0.1351 0.0833  0.0051  -0.0167 17  LEU B CD2 
352 N N   . LYS B 19 ? 0.2784  0.2650 0.1524 0.1132  0.0141  -0.0026 18  LYS B N   
353 C CA  . LYS B 19 ? 0.2519  0.2945 0.1604 0.0905  0.0236  -0.0155 18  LYS B CA  
354 C C   . LYS B 19 ? 0.3143  0.3095 0.1468 0.0807  0.0170  -0.0109 18  LYS B C   
355 O O   . LYS B 19 ? 0.2695  0.3154 0.2772 0.1056  0.0476  0.0146  18  LYS B O   
356 C CB  . LYS B 19 ? 0.3656  0.3507 0.1393 0.0459  0.0263  -0.0315 18  LYS B CB  
357 C CG  . LYS B 19 ? 0.4988  0.2480 0.2309 0.1194  0.0113  0.0281  18  LYS B CG  
358 C CD  . LYS B 19 ? 0.4982  0.3060 0.2362 0.1155  -0.0079 0.0281  18  LYS B CD  
359 C CE  . LYS B 19 ? 0.4973  0.2422 0.1157 0.1545  0.0374  -0.0446 18  LYS B CE  
360 N NZ  . LYS B 19 ? 0.4609  0.2737 0.1388 0.1705  -0.0302 0.0255  18  LYS B NZ  
361 N N   . ALA B 20 ? 0.2688  0.2669 0.2050 0.0923  0.0211  -0.0137 19  ALA B N   
362 C CA  . ALA B 20 ? 0.3109  0.2939 0.1880 0.0783  0.0732  -0.0022 19  ALA B CA  
363 C C   . ALA B 20 ? 0.3222  0.2491 0.2104 0.1028  0.0536  -0.0273 19  ALA B C   
364 O O   . ALA B 20 ? 0.3380  0.2852 0.2753 0.1356  0.0375  -0.0335 19  ALA B O   
365 C CB  . ALA B 20 ? 0.3122  0.2599 0.2586 0.1051  0.0582  -0.0178 19  ALA B CB  
366 N N   . ILE B 21 ? 0.3254  0.2503 0.2137 0.1101  0.0757  -0.0295 20  ILE B N   
367 C CA  . ILE B 21 ? 0.3421  0.3034 0.2064 0.1104  0.0868  0.0272  20  ILE B CA  
368 C C   . ILE B 21 ? 0.3520  0.2552 0.1838 0.1528  0.0675  -0.0149 20  ILE B C   
369 O O   . ILE B 21 ? 0.3596  0.2560 0.2765 0.1529  0.0259  0.0353  20  ILE B O   
370 C CB  . ILE B 21 ? 0.3304  0.3129 0.1877 0.1216  0.0658  0.0515  20  ILE B CB  
371 C CG1 . ILE B 21 ? 0.3339  0.2645 0.2560 0.1045  0.0729  0.0398  20  ILE B CG1 
372 C CG2 . ILE B 21 ? 0.3507  0.3180 0.2528 0.1234  0.0133  0.0413  20  ILE B CG2 
373 C CD1 . ILE B 21 ? 0.3355  0.2990 0.2329 0.1051  0.0640  0.0103  20  ILE B CD1 
374 N N   . ALA B 22 ? 0.3266  0.3110 0.2124 0.1184  0.0554  0.0285  21  ALA B N   
375 C CA  . ALA B 22 ? 0.3111  0.3774 0.2007 0.1005  0.0514  -0.0351 21  ALA B CA  
376 C C   . ALA B 22 ? 0.3107  0.4277 0.2380 0.1647  0.0355  -0.0597 21  ALA B C   
377 O O   . ALA B 22 ? 0.3328  0.4309 0.2966 0.1788  -0.0070 -0.0394 21  ALA B O   
378 C CB  . ALA B 22 ? 0.2710  0.3300 0.1986 0.1007  0.0060  -0.0413 21  ALA B CB  
379 N N   . TRP B 23 ? 0.3220  0.3401 0.2215 0.1147  0.0028  -0.0211 22  TRP B N   
380 C CA  . TRP B 23 ? 0.3063  0.4576 0.1976 0.0984  0.0565  -0.0253 22  TRP B CA  
381 C C   . TRP B 23 ? 0.4650  0.4165 0.2216 0.2717  0.0326  -0.0056 22  TRP B C   
382 O O   . TRP B 23 ? 0.4223  0.4132 0.2773 0.2534  0.0218  -0.0130 22  TRP B O   
383 C CB  . TRP B 23 ? 0.3698  0.3512 0.2353 0.1360  0.0024  -0.0363 22  TRP B CB  
384 C CG  . TRP B 23 ? 0.3668  0.3813 0.2474 0.0935  0.0513  -0.0440 22  TRP B CG  
385 C CD1 . TRP B 23 ? 0.4213  0.3265 0.3354 0.1373  0.0176  -0.0086 22  TRP B CD1 
386 C CD2 . TRP B 23 ? 0.3548  0.4382 0.2289 0.1045  0.0204  -0.0032 22  TRP B CD2 
387 N NE1 . TRP B 23 ? 0.5792  0.3276 0.3288 0.1240  0.1252  -0.0352 22  TRP B NE1 
388 C CE2 . TRP B 23 ? 0.4884  0.4255 0.2126 0.1569  -0.0626 0.0444  22  TRP B CE2 
389 C CE3 . TRP B 23 ? 0.3947  0.6061 0.1236 0.0757  0.0342  0.0003  22  TRP B CE3 
390 C CZ2 . TRP B 23 ? 0.7016  0.6072 0.2028 0.1635  0.1168  -0.1439 22  TRP B CZ2 
391 C CZ3 . TRP B 23 ? 0.3644  0.5361 0.2596 0.0820  0.0542  -0.0031 22  TRP B CZ3 
392 C CH2 . TRP B 23 ? 0.5220  0.5141 0.1993 0.2373  0.0797  -0.0256 22  TRP B CH2 
393 N N   . GLU B 24 ? 0.3896  0.6229 0.3136 0.2714  0.0436  -0.0804 23  GLU B N   
394 C CA  . GLU B 24 ? 1.6770  0.4083 0.4851 -0.1448 -0.2037 0.0366  23  GLU B CA  
395 C C   . GLU B 24 ? 0.8235  0.4490 0.5760 0.0882  0.2457  0.0594  23  GLU B C   
396 O O   . GLU B 24 ? 0.5321  0.5955 0.6152 0.2004  0.0084  0.2059  23  GLU B O   
397 C CB  . GLU B 24 ? 1.4497  1.2178 2.3899 0.8808  1.2497  0.8878  23  GLU B CB  
398 C CG  . GLU B 24 ? 7.0904  2.0353 2.6615 -1.0828 0.6783  1.7175  23  GLU B CG  
399 C CD  . GLU B 24 ? 1.0011  0.9276 3.5193 -0.7270 0.1262  -0.1837 23  GLU B CD  
400 O OE1 . GLU B 24 ? 1.6213  1.0583 1.1166 -0.1410 0.6976  -0.3089 23  GLU B OE1 
401 O OE2 . GLU B 24 ? 2.8000  1.7874 1.0060 -0.8144 -1.0826 0.6539  23  GLU B OE2 
402 N N   . ASP B 25 ? 0.4730  0.4674 0.3272 0.3262  0.0440  0.1106  24  ASP B N   
403 C CA  . ASP B 25 ? 0.6179  0.5227 0.3308 0.1964  -0.0656 0.2304  24  ASP B CA  
404 C C   . ASP B 25 ? 0.5572  0.6558 0.8150 0.4249  -0.1975 -0.0650 24  ASP B C   
405 O O   . ASP B 25 ? 0.7111  0.6782 0.5982 0.3218  -0.0430 0.2678  24  ASP B O   
406 C CB  . ASP B 25 ? 0.6193  0.8026 0.5174 0.1279  -0.0964 -0.1083 24  ASP B CB  
407 C CG  . ASP B 25 ? 0.7634  0.6916 0.2489 0.2317  -0.1270 0.1820  24  ASP B CG  
408 O OD1 . ASP B 25 ? 0.9644  0.8795 0.4722 0.1412  0.1108  0.1356  24  ASP B OD1 
409 O OD2 . ASP B 25 ? 0.9482  0.9046 0.4323 0.3370  -0.1057 -0.1181 24  ASP B OD2 
410 N N   . LYS B 26 ? 1.5833  0.3674 0.6639 0.2565  -0.9270 -0.0413 25  LYS B N   
411 C CA  . LYS B 26 ? 1.2145  2.3513 1.9960 0.7755  -0.5835 -0.8035 25  LYS B CA  
412 C C   . LYS B 26 ? 3.6028  1.2606 4.5749 0.7767  0.1295  -1.5554 25  LYS B C   
413 O O   . LYS B 26 ? 7.6284  1.7010 1.1333 -1.7753 2.3676  0.1568  25  LYS B O   
414 C CB  . LYS B 26 ? 0.7116  3.3824 1.0200 0.8930  -0.3468 -1.2384 25  LYS B CB  
415 C CG  . LYS B 26 ? 0.1808  3.9986 3.4976 -0.1470 -0.2050 -1.2017 25  LYS B CG  
416 C CD  . LYS B 26 ? 1.8889  3.1670 3.7522 -0.0454 -0.4632 -0.4822 25  LYS B CD  
417 C CE  . LYS B 26 ? 0.4707  4.3463 3.6606 0.5009  -0.2038 3.4605  25  LYS B CE  
418 N NZ  . LYS B 26 ? 1.9183  5.2329 4.6146 -1.4588 1.4767  -4.1012 25  LYS B NZ  
419 N N   . ALA B 27 ? 1.0657  4.4227 2.6205 0.7592  0.4413  1.2668  26  ALA B N   
420 C CA  . ALA B 27 ? 2.1327  0.5230 5.5294 -0.0573 1.3194  -1.2300 26  ALA B CA  
421 C C   . ALA B 27 ? 1.6515  2.2158 7.3511 0.5718  -2.5779 -2.8607 26  ALA B C   
422 O O   . ALA B 27 ? 5.4474  1.5273 2.9643 -2.6707 0.0612  0.0727  26  ALA B O   
423 C CB  . ALA B 27 ? 3.5290  2.3549 1.5338 -0.1065 0.7521  -1.8132 26  ALA B CB  
424 N N   . ILE B 28 ? 1.6410  2.1235 1.6674 1.4067  -1.1837 -1.4209 27  ILE B N   
425 C CA  . ILE B 28 ? 2.7656  3.7011 2.4515 1.2385  2.4765  0.6441  27  ILE B CA  
426 C C   . ILE B 28 ? 2.7002  2.2922 1.9897 0.7058  -0.0725 1.8492  27  ILE B C   
427 O O   . ILE B 28 ? 3.0122  4.5724 1.3931 -0.6266 0.0518  -1.5568 27  ILE B O   
428 C CB  . ILE B 28 ? 3.8416  0.7902 6.5159 0.8665  -0.1112 1.9309  27  ILE B CB  
429 C CG1 . ILE B 28 ? 3.7735  0.8464 4.2751 1.2180  0.4211  0.8425  27  ILE B CG1 
430 C CG2 . ILE B 28 ? 1.0782  1.1367 3.1740 0.1383  0.1919  -1.1680 27  ILE B CG2 
431 C CD1 . ILE B 28 ? 2.4225  0.5740 0.3465 -0.4929 -0.3928 0.3580  27  ILE B CD1 
432 N N   . ALA B 29 ? 10.2902 0.6219 4.8350 0.4689  3.5895  1.0301  28  ALA B N   
433 C CA  . ALA B 29 ? 10.3801 2.1344 1.6369 -3.6481 2.3283  -0.0043 28  ALA B CA  
434 C C   . ALA B 29 ? 6.6030  2.9656 2.9835 -3.6370 0.0636  -0.3311 28  ALA B C   
435 O O   . ALA B 29 ? 1.3639  5.2851 4.1947 1.8843  -1.8357 -0.4167 28  ALA B O   
436 C CB  . ALA B 29 ? 4.6205  0.9141 0.8936 -1.6636 -1.2363 0.7760  28  ALA B CB  
437 N N   . NH4 C .  ? 0.2838  0.2087 0.1320 0.0910  -0.0263 -0.0222 101 NH4 A N   
438 N N   . NH4 D .  ? 0.2593  0.2011 0.1165 0.0743  -0.0038 0.0160  102 NH4 A N   
439 S S   . SO4 E .  ? 0.6770  0.6322 0.5340 0.1296  0.2043  -0.1526 103 SO4 A S   
440 O O1  . SO4 E .  ? 0.6459  0.5283 0.4763 0.1726  -0.0018 -0.2434 103 SO4 A O1  
441 O O2  . SO4 E .  ? 0.5179  1.0620 0.1123 0.1950  -0.0008 0.1522  103 SO4 A O2  
442 O O3  . SO4 E .  ? 1.1048  1.2238 0.5116 -0.1984 -0.1925 0.3628  103 SO4 A O3  
443 O O4  . SO4 E .  ? 0.9275  0.4279 0.3728 -0.0357 -0.0289 0.0651  103 SO4 A O4  
444 S S   . SO4 F .  ? 0.5720  0.6905 0.4217 0.0305  0.0411  -0.1682 104 SO4 A S   
445 O O1  . SO4 F .  ? 0.6187  0.6605 0.4635 0.1825  0.1824  -0.2485 104 SO4 A O1  
446 O O2  . SO4 F .  ? 0.6544  1.0122 0.2205 0.0087  0.2509  -0.3397 104 SO4 A O2  
447 O O3  . SO4 F .  ? 0.7786  0.7776 0.4962 0.1041  0.2064  -0.1990 104 SO4 A O3  
448 O O4  . SO4 F .  ? 1.2692  0.3670 0.6988 0.2277  0.2110  -0.1341 104 SO4 A O4  
449 O O   . HOH G .  ? 0.9913  0.5113 0.3972 0.1884  0.0757  0.2258  201 HOH A O   
450 O O   . HOH G .  ? 0.5751  0.8192 0.4249 0.0779  0.0043  -0.1385 202 HOH A O   
451 O O   . HOH G .  ? 1.2938  0.5543 0.3783 0.2143  0.1130  -0.0002 203 HOH A O   
452 O O   . HOH G .  ? 0.6910  0.5090 0.6868 0.1787  -0.1590 -0.0460 204 HOH A O   
453 O O   . HOH G .  ? 0.3194  0.3157 0.2642 0.0749  0.0073  -0.0557 205 HOH A O   
454 O O   . HOH G .  ? 0.5259  0.5018 0.1302 -0.0523 -0.0623 0.0636  206 HOH A O   
455 O O   . HOH G .  ? 0.4552  0.3424 0.1691 0.0780  -0.0273 -0.0530 207 HOH A O   
456 O O   . HOH G .  ? 0.4077  0.4122 0.2563 0.0940  -0.0997 -0.0423 208 HOH A O   
457 O O   . HOH G .  ? 0.6156  0.3327 0.2508 0.0870  -0.1223 -0.0665 209 HOH A O   
458 O O   . HOH G .  ? 0.6718  0.4134 0.1970 0.0203  0.0780  -0.0012 210 HOH A O   
459 O O   . HOH G .  ? 0.6339  0.4076 0.3261 0.1216  -0.1150 -0.1393 211 HOH A O   
460 O O   . HOH G .  ? 1.1926  0.5880 0.3579 -0.0676 0.0892  -0.0454 212 HOH A O   
461 O O   . HOH G .  ? 0.6414  0.7986 0.5826 0.1132  -0.0286 0.0309  213 HOH A O   
462 O O   . HOH G .  ? 0.5798  0.6256 0.6832 0.1338  -0.2271 0.0507  214 HOH A O   
463 O O   . HOH G .  ? 0.8405  1.1422 1.2024 0.5296  -0.6895 -0.4480 215 HOH A O   
464 O O   . HOH G .  ? 0.4247  0.3724 0.2286 0.0751  -0.0184 0.0533  216 HOH A O   
465 O O   . HOH G .  ? 1.1375  0.4219 0.5597 0.1124  -0.0836 0.0881  217 HOH A O   
466 O O   . HOH G .  ? 0.4252  0.2797 0.2533 0.0793  -0.0119 -0.0722 218 HOH A O   
467 O O   . HOH G .  ? 0.5806  0.5151 0.4184 0.1412  -0.1187 -0.1677 219 HOH A O   
468 O O   . HOH G .  ? 0.8151  0.5221 0.3351 0.4018  0.0217  0.0409  220 HOH A O   
469 O O   . HOH G .  ? 0.5848  0.5074 0.9586 0.0852  -0.0155 0.1820  221 HOH A O   
470 O O   . HOH G .  ? 0.4262  0.6597 0.8369 -0.0664 0.1590  -0.2021 222 HOH A O   
471 O O   . HOH G .  ? 0.4737  0.5962 0.3058 0.0779  -0.0602 0.1720  223 HOH A O   
472 O O   . HOH G .  ? 1.0400  0.4091 0.3247 0.1577  -0.1203 -0.0321 224 HOH A O   
473 O O   . HOH G .  ? 0.4335  0.5845 0.3442 0.0478  -0.0644 0.0583  225 HOH A O   
474 O O   . HOH G .  ? 0.4269  1.0791 0.2793 -0.0880 -0.0271 -0.0003 226 HOH A O   
475 O O   . HOH G .  ? 0.5977  0.6019 0.2789 0.0772  -0.0837 0.0366  227 HOH A O   
476 O O   . HOH G .  ? 0.7988  0.9161 0.5555 0.2794  -0.0246 -0.0932 228 HOH A O   
477 O O   . HOH G .  ? 0.4524  0.3168 0.3837 0.0604  0.0269  -0.0509 229 HOH A O   
478 O O   . HOH G .  ? 0.7260  0.5258 0.4857 0.2118  -0.1821 -0.1856 230 HOH A O   
479 O O   . HOH G .  ? 0.4145  0.4189 0.1894 0.0386  -0.0291 0.0205  231 HOH A O   
480 O O   . HOH G .  ? 0.4414  0.5182 0.2114 0.1261  -0.0661 0.0466  232 HOH A O   
481 O O   . HOH G .  ? 1.0845  0.5273 0.2318 -0.0019 0.0077  0.0083  233 HOH A O   
482 O O   . HOH G .  ? 0.5764  0.4962 0.1562 0.1188  -0.0743 0.0761  234 HOH A O   
483 O O   . HOH G .  ? 0.9725  0.6553 0.5747 0.2216  -0.0405 -0.0521 235 HOH A O   
484 O O   . HOH G .  ? 0.6007  0.6588 0.4259 0.2115  -0.0073 -0.0096 236 HOH A O   
485 O O   . HOH H .  ? 0.5381  0.5962 0.3892 0.0701  0.0850  -0.0114 101 HOH B O   
486 O O   . HOH H .  ? 0.6250  0.4178 0.5053 0.1773  0.0038  -0.0733 102 HOH B O   
487 O O   . HOH H .  ? 0.6083  0.4819 0.1935 0.0794  0.1095  -0.1102 103 HOH B O   
488 O O   . HOH H .  ? 0.7627  0.4784 0.8881 -0.0219 0.3108  -0.0581 104 HOH B O   
489 O O   . HOH H .  ? 0.4866  0.5034 0.4736 0.1684  -0.1213 -0.0412 105 HOH B O   
490 O O   . HOH H .  ? 0.4514  0.6317 0.9040 0.0097  0.0076  -0.3346 106 HOH B O   
491 O O   . HOH H .  ? 0.4902  0.5390 0.3033 0.2624  0.1349  0.1588  107 HOH B O   
492 O O   . HOH H .  ? 0.5546  0.3927 0.2533 0.1508  0.0875  0.0117  108 HOH B O   
493 O O   . HOH H .  ? 0.3437  0.3321 0.3582 0.0836  -0.0602 0.1532  109 HOH B O   
494 O O   . HOH H .  ? 0.6956  0.5255 0.8736 0.2834  -0.0366 0.0697  110 HOH B O   
495 O O   . HOH H .  ? 0.4080  0.3124 0.6196 0.0705  -0.0618 0.1226  111 HOH B O   
496 O O   . HOH H .  ? 0.4800  0.8601 0.2860 -0.1306 -0.0901 0.0322  112 HOH B O   
497 O O   . HOH H .  ? 0.5921  0.5519 0.2464 0.0978  -0.0180 0.0459  113 HOH B O   
498 O O   . HOH H .  ? 1.2398  0.5960 0.2054 0.0427  -0.0671 -0.0396 114 HOH B O   
499 O O   . HOH H .  ? 0.6546  0.3757 0.4123 0.1262  0.1542  0.0479  115 HOH B O   
500 O O   . HOH H .  ? 0.5734  0.7080 0.3851 0.0238  0.1321  -0.1011 116 HOH B O   
501 O O   . HOH H .  ? 0.7836  1.0063 0.5847 0.3660  0.0741  0.0030  117 HOH B O   
502 O O   . HOH H .  ? 0.5185  0.8283 0.5398 -0.0433 -0.0491 -0.0230 118 HOH B O   
503 O O   . HOH H .  ? 0.7202  0.6956 0.3953 0.1285  -0.1385 -0.1123 119 HOH B O   
504 O O   . HOH H .  ? 0.8506  0.4140 0.7780 0.2578  0.0423  0.0349  120 HOH B O   
# 
